data_3OV5
# 
_entry.id   3OV5 
# 
_audit_conform.dict_name       mmcif_pdbx.dic 
_audit_conform.dict_version    5.389 
_audit_conform.dict_location   http://mmcif.pdb.org/dictionaries/ascii/mmcif_pdbx.dic 
# 
loop_
_database_2.database_id 
_database_2.database_code 
_database_2.pdbx_database_accession 
_database_2.pdbx_DOI 
PDB   3OV5         pdb_00003ov5 10.2210/pdb3ov5/pdb 
RCSB  RCSB061612   ?            ?                   
WWPDB D_1000061612 ?            ?                   
# 
loop_
_pdbx_audit_revision_history.ordinal 
_pdbx_audit_revision_history.data_content_type 
_pdbx_audit_revision_history.major_revision 
_pdbx_audit_revision_history.minor_revision 
_pdbx_audit_revision_history.revision_date 
1 'Structure model' 1 0 2011-06-01 
2 'Structure model' 1 1 2011-07-13 
3 'Structure model' 1 2 2017-11-08 
4 'Structure model' 1 3 2024-02-21 
5 'Structure model' 1 4 2024-04-03 
# 
_pdbx_audit_revision_details.ordinal             1 
_pdbx_audit_revision_details.revision_ordinal    1 
_pdbx_audit_revision_details.data_content_type   'Structure model' 
_pdbx_audit_revision_details.provider            repository 
_pdbx_audit_revision_details.type                'Initial release' 
_pdbx_audit_revision_details.description         ? 
_pdbx_audit_revision_details.details             ? 
# 
loop_
_pdbx_audit_revision_group.ordinal 
_pdbx_audit_revision_group.revision_ordinal 
_pdbx_audit_revision_group.data_content_type 
_pdbx_audit_revision_group.group 
1 2 'Structure model' 'Version format compliance' 
2 3 'Structure model' 'Refinement description'    
3 4 'Structure model' 'Data collection'           
4 4 'Structure model' 'Database references'       
5 4 'Structure model' 'Derived calculations'      
6 5 'Structure model' 'Refinement description'    
# 
loop_
_pdbx_audit_revision_category.ordinal 
_pdbx_audit_revision_category.revision_ordinal 
_pdbx_audit_revision_category.data_content_type 
_pdbx_audit_revision_category.category 
1 3 'Structure model' software                      
2 4 'Structure model' chem_comp_atom                
3 4 'Structure model' chem_comp_bond                
4 4 'Structure model' database_2                    
5 4 'Structure model' struct_site                   
6 5 'Structure model' pdbx_initial_refinement_model 
# 
loop_
_pdbx_audit_revision_item.ordinal 
_pdbx_audit_revision_item.revision_ordinal 
_pdbx_audit_revision_item.data_content_type 
_pdbx_audit_revision_item.item 
1 3 'Structure model' '_software.name'                      
2 4 'Structure model' '_database_2.pdbx_DOI'                
3 4 'Structure model' '_database_2.pdbx_database_accession' 
4 4 'Structure model' '_struct_site.pdbx_auth_asym_id'      
5 4 'Structure model' '_struct_site.pdbx_auth_comp_id'      
6 4 'Structure model' '_struct_site.pdbx_auth_seq_id'       
# 
_pdbx_database_status.status_code                     REL 
_pdbx_database_status.entry_id                        3OV5 
_pdbx_database_status.recvd_initial_deposition_date   2010-09-15 
_pdbx_database_status.deposit_site                    RCSB 
_pdbx_database_status.process_site                    RCSB 
_pdbx_database_status.status_code_sf                  REL 
_pdbx_database_status.status_code_mr                  ? 
_pdbx_database_status.SG_entry                        ? 
_pdbx_database_status.status_code_cs                  ? 
_pdbx_database_status.pdb_format_compatible           Y 
_pdbx_database_status.methods_development_category    ? 
_pdbx_database_status.status_code_nmr_data            ? 
# 
loop_
_audit_author.name 
_audit_author.pdbx_ordinal 
'Souza, D.P.' 1 
'Farah, C.S.' 2 
# 
_citation.id                        primary 
_citation.title                     
;A Component of the Xanthomonadaceae Type IV Secretion System Combines a VirB7 Motif with a N0 Domain Found in Outer Membrane Transport Proteins.
;
_citation.journal_abbrev            'Plos Pathog.' 
_citation.journal_volume            7 
_citation.page_first                e1002031 
_citation.page_last                 e1002031 
_citation.year                      2011 
_citation.journal_id_ASTM           ? 
_citation.country                   US 
_citation.journal_id_ISSN           1553-7366 
_citation.journal_id_CSD            ? 
_citation.book_publisher            ? 
_citation.pdbx_database_id_PubMed   21589901 
_citation.pdbx_database_id_DOI      10.1371/journal.ppat.1002031 
# 
loop_
_citation_author.citation_id 
_citation_author.name 
_citation_author.ordinal 
_citation_author.identifier_ORCID 
primary 'Souza, D.P.'            1 ? 
primary 'Andrade, M.O.'          2 ? 
primary 'Alvarez-Martinez, C.E.' 3 ? 
primary 'Arantes, G.M.'          4 ? 
primary 'Farah, C.S.'            5 ? 
primary 'Salinas, R.K.'          6 ? 
# 
loop_
_entity.id 
_entity.type 
_entity.src_method 
_entity.pdbx_description 
_entity.formula_weight 
_entity.pdbx_number_of_molecules 
_entity.pdbx_ec 
_entity.pdbx_mutation 
_entity.pdbx_fragment 
_entity.details 
1 polymer     man 'Uncharacterized protein' 9021.133 1   ? ? 'Globular Domain, residues 51-134' ? 
2 non-polymer syn 'ISOPROPYL ALCOHOL'       60.095   1   ? ? ?                                  ? 
3 water       nat water                     18.015   115 ? ? ?                                  ? 
# 
_entity_name_com.entity_id   1 
_entity_name_com.name        'VirB7 (XAC2622)' 
# 
_entity_poly.entity_id                      1 
_entity_poly.type                           'polypeptide(L)' 
_entity_poly.nstd_linkage                   no 
_entity_poly.nstd_monomer                   no 
_entity_poly.pdbx_seq_one_letter_code       
;MTSYTYQATPMDGTLKTMLERWAADSNMQLSYNLPSDYTLIGPVSAISTTSVQQAATELSAVYAAQGVSVSVSANKLLVQ
PVPVS
;
_entity_poly.pdbx_seq_one_letter_code_can   
;MTSYTYQATPMDGTLKTMLERWAADSNMQLSYNLPSDYTLIGPVSAISTTSVQQAATELSAVYAAQGVSVSVSANKLLVQ
PVPVS
;
_entity_poly.pdbx_strand_id                 A 
_entity_poly.pdbx_target_identifier         ? 
# 
loop_
_pdbx_entity_nonpoly.entity_id 
_pdbx_entity_nonpoly.name 
_pdbx_entity_nonpoly.comp_id 
2 'ISOPROPYL ALCOHOL' IPA 
3 water               HOH 
# 
loop_
_entity_poly_seq.entity_id 
_entity_poly_seq.num 
_entity_poly_seq.mon_id 
_entity_poly_seq.hetero 
1 1  MET n 
1 2  THR n 
1 3  SER n 
1 4  TYR n 
1 5  THR n 
1 6  TYR n 
1 7  GLN n 
1 8  ALA n 
1 9  THR n 
1 10 PRO n 
1 11 MET n 
1 12 ASP n 
1 13 GLY n 
1 14 THR n 
1 15 LEU n 
1 16 LYS n 
1 17 THR n 
1 18 MET n 
1 19 LEU n 
1 20 GLU n 
1 21 ARG n 
1 22 TRP n 
1 23 ALA n 
1 24 ALA n 
1 25 ASP n 
1 26 SER n 
1 27 ASN n 
1 28 MET n 
1 29 GLN n 
1 30 LEU n 
1 31 SER n 
1 32 TYR n 
1 33 ASN n 
1 34 LEU n 
1 35 PRO n 
1 36 SER n 
1 37 ASP n 
1 38 TYR n 
1 39 THR n 
1 40 LEU n 
1 41 ILE n 
1 42 GLY n 
1 43 PRO n 
1 44 VAL n 
1 45 SER n 
1 46 ALA n 
1 47 ILE n 
1 48 SER n 
1 49 THR n 
1 50 THR n 
1 51 SER n 
1 52 VAL n 
1 53 GLN n 
1 54 GLN n 
1 55 ALA n 
1 56 ALA n 
1 57 THR n 
1 58 GLU n 
1 59 LEU n 
1 60 SER n 
1 61 ALA n 
1 62 VAL n 
1 63 TYR n 
1 64 ALA n 
1 65 ALA n 
1 66 GLN n 
1 67 GLY n 
1 68 VAL n 
1 69 SER n 
1 70 VAL n 
1 71 SER n 
1 72 VAL n 
1 73 SER n 
1 74 ALA n 
1 75 ASN n 
1 76 LYS n 
1 77 LEU n 
1 78 LEU n 
1 79 VAL n 
1 80 GLN n 
1 81 PRO n 
1 82 VAL n 
1 83 PRO n 
1 84 VAL n 
1 85 SER n 
# 
_entity_src_gen.entity_id                          1 
_entity_src_gen.pdbx_src_id                        1 
_entity_src_gen.pdbx_alt_source_flag               sample 
_entity_src_gen.pdbx_seq_type                      ? 
_entity_src_gen.pdbx_beg_seq_num                   ? 
_entity_src_gen.pdbx_end_seq_num                   ? 
_entity_src_gen.gene_src_common_name               'Citrus canker' 
_entity_src_gen.gene_src_genus                     ? 
_entity_src_gen.pdbx_gene_src_gene                 XAC2622 
_entity_src_gen.gene_src_species                   ? 
_entity_src_gen.gene_src_strain                    306 
_entity_src_gen.gene_src_tissue                    ? 
_entity_src_gen.gene_src_tissue_fraction           ? 
_entity_src_gen.gene_src_details                   ? 
_entity_src_gen.pdbx_gene_src_fragment             ? 
_entity_src_gen.pdbx_gene_src_scientific_name      'Xanthomonas axonopodis pv. citri' 
_entity_src_gen.pdbx_gene_src_ncbi_taxonomy_id     190486 
_entity_src_gen.pdbx_gene_src_variant              ? 
_entity_src_gen.pdbx_gene_src_cell_line            ? 
_entity_src_gen.pdbx_gene_src_atcc                 ? 
_entity_src_gen.pdbx_gene_src_organ                ? 
_entity_src_gen.pdbx_gene_src_organelle            ? 
_entity_src_gen.pdbx_gene_src_cell                 ? 
_entity_src_gen.pdbx_gene_src_cellular_location    ? 
_entity_src_gen.host_org_common_name               ? 
_entity_src_gen.pdbx_host_org_scientific_name      'Escherichia coli' 
_entity_src_gen.pdbx_host_org_ncbi_taxonomy_id     469008 
_entity_src_gen.host_org_genus                     ? 
_entity_src_gen.pdbx_host_org_gene                 ? 
_entity_src_gen.pdbx_host_org_organ                ? 
_entity_src_gen.host_org_species                   ? 
_entity_src_gen.pdbx_host_org_tissue               ? 
_entity_src_gen.pdbx_host_org_tissue_fraction      ? 
_entity_src_gen.pdbx_host_org_strain               'BL21(DE3)RP' 
_entity_src_gen.pdbx_host_org_variant              ? 
_entity_src_gen.pdbx_host_org_cell_line            ? 
_entity_src_gen.pdbx_host_org_atcc                 ? 
_entity_src_gen.pdbx_host_org_culture_collection   ? 
_entity_src_gen.pdbx_host_org_cell                 ? 
_entity_src_gen.pdbx_host_org_organelle            ? 
_entity_src_gen.pdbx_host_org_cellular_location    ? 
_entity_src_gen.pdbx_host_org_vector_type          plasmid 
_entity_src_gen.pdbx_host_org_vector               ? 
_entity_src_gen.host_org_details                   ? 
_entity_src_gen.expression_system_id               ? 
_entity_src_gen.plasmid_name                       pET-11a 
_entity_src_gen.plasmid_details                    ? 
_entity_src_gen.pdbx_description                   ? 
# 
loop_
_chem_comp.id 
_chem_comp.type 
_chem_comp.mon_nstd_flag 
_chem_comp.name 
_chem_comp.pdbx_synonyms 
_chem_comp.formula 
_chem_comp.formula_weight 
ALA 'L-peptide linking' y ALANINE             ?          'C3 H7 N O2'     89.093  
ARG 'L-peptide linking' y ARGININE            ?          'C6 H15 N4 O2 1' 175.209 
ASN 'L-peptide linking' y ASPARAGINE          ?          'C4 H8 N2 O3'    132.118 
ASP 'L-peptide linking' y 'ASPARTIC ACID'     ?          'C4 H7 N O4'     133.103 
GLN 'L-peptide linking' y GLUTAMINE           ?          'C5 H10 N2 O3'   146.144 
GLU 'L-peptide linking' y 'GLUTAMIC ACID'     ?          'C5 H9 N O4'     147.129 
GLY 'peptide linking'   y GLYCINE             ?          'C2 H5 N O2'     75.067  
HOH non-polymer         . WATER               ?          'H2 O'           18.015  
ILE 'L-peptide linking' y ISOLEUCINE          ?          'C6 H13 N O2'    131.173 
IPA non-polymer         . 'ISOPROPYL ALCOHOL' 2-PROPANOL 'C3 H8 O'        60.095  
LEU 'L-peptide linking' y LEUCINE             ?          'C6 H13 N O2'    131.173 
LYS 'L-peptide linking' y LYSINE              ?          'C6 H15 N2 O2 1' 147.195 
MET 'L-peptide linking' y METHIONINE          ?          'C5 H11 N O2 S'  149.211 
PRO 'L-peptide linking' y PROLINE             ?          'C5 H9 N O2'     115.130 
SER 'L-peptide linking' y SERINE              ?          'C3 H7 N O3'     105.093 
THR 'L-peptide linking' y THREONINE           ?          'C4 H9 N O3'     119.119 
TRP 'L-peptide linking' y TRYPTOPHAN          ?          'C11 H12 N2 O2'  204.225 
TYR 'L-peptide linking' y TYROSINE            ?          'C9 H11 N O3'    181.189 
VAL 'L-peptide linking' y VALINE              ?          'C5 H11 N O2'    117.146 
# 
loop_
_pdbx_poly_seq_scheme.asym_id 
_pdbx_poly_seq_scheme.entity_id 
_pdbx_poly_seq_scheme.seq_id 
_pdbx_poly_seq_scheme.mon_id 
_pdbx_poly_seq_scheme.ndb_seq_num 
_pdbx_poly_seq_scheme.pdb_seq_num 
_pdbx_poly_seq_scheme.auth_seq_num 
_pdbx_poly_seq_scheme.pdb_mon_id 
_pdbx_poly_seq_scheme.auth_mon_id 
_pdbx_poly_seq_scheme.pdb_strand_id 
_pdbx_poly_seq_scheme.pdb_ins_code 
_pdbx_poly_seq_scheme.hetero 
A 1 1  MET 1  50  ?   ?   ?   A . n 
A 1 2  THR 2  51  51  THR THR A . n 
A 1 3  SER 3  52  52  SER SER A . n 
A 1 4  TYR 4  53  53  TYR TYR A . n 
A 1 5  THR 5  54  54  THR THR A . n 
A 1 6  TYR 6  55  55  TYR TYR A . n 
A 1 7  GLN 7  56  56  GLN GLN A . n 
A 1 8  ALA 8  57  57  ALA ALA A . n 
A 1 9  THR 9  58  58  THR THR A . n 
A 1 10 PRO 10 59  59  PRO PRO A . n 
A 1 11 MET 11 60  60  MET MET A . n 
A 1 12 ASP 12 61  61  ASP ASP A . n 
A 1 13 GLY 13 62  62  GLY GLY A . n 
A 1 14 THR 14 63  63  THR THR A . n 
A 1 15 LEU 15 64  64  LEU LEU A . n 
A 1 16 LYS 16 65  65  LYS LYS A . n 
A 1 17 THR 17 66  66  THR THR A . n 
A 1 18 MET 18 67  67  MET MET A . n 
A 1 19 LEU 19 68  68  LEU LEU A . n 
A 1 20 GLU 20 69  69  GLU GLU A . n 
A 1 21 ARG 21 70  70  ARG ARG A . n 
A 1 22 TRP 22 71  71  TRP TRP A . n 
A 1 23 ALA 23 72  72  ALA ALA A . n 
A 1 24 ALA 24 73  73  ALA ALA A . n 
A 1 25 ASP 25 74  74  ASP ASP A . n 
A 1 26 SER 26 75  75  SER SER A . n 
A 1 27 ASN 27 76  76  ASN ASN A . n 
A 1 28 MET 28 77  77  MET MET A . n 
A 1 29 GLN 29 78  78  GLN GLN A . n 
A 1 30 LEU 30 79  79  LEU LEU A . n 
A 1 31 SER 31 80  80  SER SER A . n 
A 1 32 TYR 32 81  81  TYR TYR A . n 
A 1 33 ASN 33 82  82  ASN ASN A . n 
A 1 34 LEU 34 83  83  LEU LEU A . n 
A 1 35 PRO 35 84  84  PRO PRO A . n 
A 1 36 SER 36 85  85  SER SER A . n 
A 1 37 ASP 37 86  86  ASP ASP A . n 
A 1 38 TYR 38 87  87  TYR TYR A . n 
A 1 39 THR 39 88  88  THR THR A . n 
A 1 40 LEU 40 89  89  LEU LEU A . n 
A 1 41 ILE 41 90  90  ILE ILE A . n 
A 1 42 GLY 42 91  91  GLY GLY A . n 
A 1 43 PRO 43 92  92  PRO PRO A . n 
A 1 44 VAL 44 93  93  VAL VAL A . n 
A 1 45 SER 45 94  94  SER SER A . n 
A 1 46 ALA 46 95  95  ALA ALA A . n 
A 1 47 ILE 47 96  96  ILE ILE A . n 
A 1 48 SER 48 97  97  SER SER A . n 
A 1 49 THR 49 98  98  THR THR A . n 
A 1 50 THR 50 99  99  THR THR A . n 
A 1 51 SER 51 100 100 SER SER A . n 
A 1 52 VAL 52 101 101 VAL VAL A . n 
A 1 53 GLN 53 102 102 GLN GLN A . n 
A 1 54 GLN 54 103 103 GLN GLN A . n 
A 1 55 ALA 55 104 104 ALA ALA A . n 
A 1 56 ALA 56 105 105 ALA ALA A . n 
A 1 57 THR 57 106 106 THR THR A . n 
A 1 58 GLU 58 107 107 GLU GLU A . n 
A 1 59 LEU 59 108 108 LEU LEU A . n 
A 1 60 SER 60 109 109 SER SER A . n 
A 1 61 ALA 61 110 110 ALA ALA A . n 
A 1 62 VAL 62 111 111 VAL VAL A . n 
A 1 63 TYR 63 112 112 TYR TYR A . n 
A 1 64 ALA 64 113 113 ALA ALA A . n 
A 1 65 ALA 65 114 114 ALA ALA A . n 
A 1 66 GLN 66 115 115 GLN GLN A . n 
A 1 67 GLY 67 116 116 GLY GLY A . n 
A 1 68 VAL 68 117 117 VAL VAL A . n 
A 1 69 SER 69 118 118 SER SER A . n 
A 1 70 VAL 70 119 119 VAL VAL A . n 
A 1 71 SER 71 120 120 SER SER A . n 
A 1 72 VAL 72 121 121 VAL VAL A . n 
A 1 73 SER 73 122 122 SER SER A . n 
A 1 74 ALA 74 123 123 ALA ALA A . n 
A 1 75 ASN 75 124 124 ASN ASN A . n 
A 1 76 LYS 76 125 125 LYS LYS A . n 
A 1 77 LEU 77 126 126 LEU LEU A . n 
A 1 78 LEU 78 127 127 LEU LEU A . n 
A 1 79 VAL 79 128 128 VAL VAL A . n 
A 1 80 GLN 80 129 129 GLN GLN A . n 
A 1 81 PRO 81 130 130 PRO PRO A . n 
A 1 82 VAL 82 131 131 VAL VAL A . n 
A 1 83 PRO 83 132 132 PRO PRO A . n 
A 1 84 VAL 84 133 133 VAL VAL A . n 
A 1 85 SER 85 134 134 SER SER A . n 
# 
loop_
_pdbx_nonpoly_scheme.asym_id 
_pdbx_nonpoly_scheme.entity_id 
_pdbx_nonpoly_scheme.mon_id 
_pdbx_nonpoly_scheme.ndb_seq_num 
_pdbx_nonpoly_scheme.pdb_seq_num 
_pdbx_nonpoly_scheme.auth_seq_num 
_pdbx_nonpoly_scheme.pdb_mon_id 
_pdbx_nonpoly_scheme.auth_mon_id 
_pdbx_nonpoly_scheme.pdb_strand_id 
_pdbx_nonpoly_scheme.pdb_ins_code 
B 2 IPA 1   1   1   IPA IPA A . 
C 3 HOH 1   2   2   HOH HOH A . 
C 3 HOH 2   3   3   HOH HOH A . 
C 3 HOH 3   4   4   HOH HOH A . 
C 3 HOH 4   5   5   HOH HOH A . 
C 3 HOH 5   6   6   HOH HOH A . 
C 3 HOH 6   7   7   HOH HOH A . 
C 3 HOH 7   8   8   HOH HOH A . 
C 3 HOH 8   9   9   HOH HOH A . 
C 3 HOH 9   10  10  HOH HOH A . 
C 3 HOH 10  11  11  HOH HOH A . 
C 3 HOH 11  12  12  HOH HOH A . 
C 3 HOH 12  13  13  HOH HOH A . 
C 3 HOH 13  14  14  HOH HOH A . 
C 3 HOH 14  15  15  HOH HOH A . 
C 3 HOH 15  16  16  HOH HOH A . 
C 3 HOH 16  17  17  HOH HOH A . 
C 3 HOH 17  18  18  HOH HOH A . 
C 3 HOH 18  19  19  HOH HOH A . 
C 3 HOH 19  20  20  HOH HOH A . 
C 3 HOH 20  21  21  HOH HOH A . 
C 3 HOH 21  22  22  HOH HOH A . 
C 3 HOH 22  23  23  HOH HOH A . 
C 3 HOH 23  24  24  HOH HOH A . 
C 3 HOH 24  25  25  HOH HOH A . 
C 3 HOH 25  26  26  HOH HOH A . 
C 3 HOH 26  27  27  HOH HOH A . 
C 3 HOH 27  28  28  HOH HOH A . 
C 3 HOH 28  29  29  HOH HOH A . 
C 3 HOH 29  30  30  HOH HOH A . 
C 3 HOH 30  31  31  HOH HOH A . 
C 3 HOH 31  32  32  HOH HOH A . 
C 3 HOH 32  33  33  HOH HOH A . 
C 3 HOH 33  34  34  HOH HOH A . 
C 3 HOH 34  35  35  HOH HOH A . 
C 3 HOH 35  36  36  HOH HOH A . 
C 3 HOH 36  37  37  HOH HOH A . 
C 3 HOH 37  38  38  HOH HOH A . 
C 3 HOH 38  39  39  HOH HOH A . 
C 3 HOH 39  40  40  HOH HOH A . 
C 3 HOH 40  41  41  HOH HOH A . 
C 3 HOH 41  42  42  HOH HOH A . 
C 3 HOH 42  43  43  HOH HOH A . 
C 3 HOH 43  44  44  HOH HOH A . 
C 3 HOH 44  45  45  HOH HOH A . 
C 3 HOH 45  46  46  HOH HOH A . 
C 3 HOH 46  47  47  HOH HOH A . 
C 3 HOH 47  48  48  HOH HOH A . 
C 3 HOH 48  49  49  HOH HOH A . 
C 3 HOH 49  135 1   HOH HOH A . 
C 3 HOH 50  136 50  HOH HOH A . 
C 3 HOH 51  137 51  HOH HOH A . 
C 3 HOH 52  138 52  HOH HOH A . 
C 3 HOH 53  139 53  HOH HOH A . 
C 3 HOH 54  140 54  HOH HOH A . 
C 3 HOH 55  141 55  HOH HOH A . 
C 3 HOH 56  142 56  HOH HOH A . 
C 3 HOH 57  143 57  HOH HOH A . 
C 3 HOH 58  144 58  HOH HOH A . 
C 3 HOH 59  145 59  HOH HOH A . 
C 3 HOH 60  146 60  HOH HOH A . 
C 3 HOH 61  147 61  HOH HOH A . 
C 3 HOH 62  148 62  HOH HOH A . 
C 3 HOH 63  149 63  HOH HOH A . 
C 3 HOH 64  150 64  HOH HOH A . 
C 3 HOH 65  151 65  HOH HOH A . 
C 3 HOH 66  152 66  HOH HOH A . 
C 3 HOH 67  153 67  HOH HOH A . 
C 3 HOH 68  154 68  HOH HOH A . 
C 3 HOH 69  155 69  HOH HOH A . 
C 3 HOH 70  156 70  HOH HOH A . 
C 3 HOH 71  157 71  HOH HOH A . 
C 3 HOH 72  158 72  HOH HOH A . 
C 3 HOH 73  159 73  HOH HOH A . 
C 3 HOH 74  160 74  HOH HOH A . 
C 3 HOH 75  161 75  HOH HOH A . 
C 3 HOH 76  162 76  HOH HOH A . 
C 3 HOH 77  163 77  HOH HOH A . 
C 3 HOH 78  164 78  HOH HOH A . 
C 3 HOH 79  165 79  HOH HOH A . 
C 3 HOH 80  166 80  HOH HOH A . 
C 3 HOH 81  167 81  HOH HOH A . 
C 3 HOH 82  168 82  HOH HOH A . 
C 3 HOH 83  169 83  HOH HOH A . 
C 3 HOH 84  170 84  HOH HOH A . 
C 3 HOH 85  171 85  HOH HOH A . 
C 3 HOH 86  172 86  HOH HOH A . 
C 3 HOH 87  173 87  HOH HOH A . 
C 3 HOH 88  174 88  HOH HOH A . 
C 3 HOH 89  175 89  HOH HOH A . 
C 3 HOH 90  176 90  HOH HOH A . 
C 3 HOH 91  177 91  HOH HOH A . 
C 3 HOH 92  178 92  HOH HOH A . 
C 3 HOH 93  179 93  HOH HOH A . 
C 3 HOH 94  180 94  HOH HOH A . 
C 3 HOH 95  181 95  HOH HOH A . 
C 3 HOH 96  182 96  HOH HOH A . 
C 3 HOH 97  183 97  HOH HOH A . 
C 3 HOH 98  184 98  HOH HOH A . 
C 3 HOH 99  185 99  HOH HOH A . 
C 3 HOH 100 186 100 HOH HOH A . 
C 3 HOH 101 187 101 HOH HOH A . 
C 3 HOH 102 188 102 HOH HOH A . 
C 3 HOH 103 189 103 HOH HOH A . 
C 3 HOH 104 190 104 HOH HOH A . 
C 3 HOH 105 191 105 HOH HOH A . 
C 3 HOH 106 192 106 HOH HOH A . 
C 3 HOH 107 193 107 HOH HOH A . 
C 3 HOH 108 194 108 HOH HOH A . 
C 3 HOH 109 195 109 HOH HOH A . 
C 3 HOH 110 196 110 HOH HOH A . 
C 3 HOH 111 197 111 HOH HOH A . 
C 3 HOH 112 198 112 HOH HOH A . 
C 3 HOH 113 199 113 HOH HOH A . 
C 3 HOH 114 200 114 HOH HOH A . 
C 3 HOH 115 201 115 HOH HOH A . 
# 
loop_
_pdbx_unobs_or_zero_occ_atoms.id 
_pdbx_unobs_or_zero_occ_atoms.PDB_model_num 
_pdbx_unobs_or_zero_occ_atoms.polymer_flag 
_pdbx_unobs_or_zero_occ_atoms.occupancy_flag 
_pdbx_unobs_or_zero_occ_atoms.auth_asym_id 
_pdbx_unobs_or_zero_occ_atoms.auth_comp_id 
_pdbx_unobs_or_zero_occ_atoms.auth_seq_id 
_pdbx_unobs_or_zero_occ_atoms.PDB_ins_code 
_pdbx_unobs_or_zero_occ_atoms.auth_atom_id 
_pdbx_unobs_or_zero_occ_atoms.label_alt_id 
_pdbx_unobs_or_zero_occ_atoms.label_asym_id 
_pdbx_unobs_or_zero_occ_atoms.label_comp_id 
_pdbx_unobs_or_zero_occ_atoms.label_seq_id 
_pdbx_unobs_or_zero_occ_atoms.label_atom_id 
1 1 Y 1 A THR 51 ? N   ? A THR 2 N   
2 1 Y 1 A THR 51 ? CB  ? A THR 2 CB  
3 1 Y 1 A THR 51 ? OG1 ? A THR 2 OG1 
4 1 Y 1 A THR 51 ? CG2 ? A THR 2 CG2 
# 
loop_
_software.name 
_software.classification 
_software.version 
_software.citation_id 
_software.pdbx_ordinal 
MAR345   'data collection' .        ? 1 
PHASER   phasing           .        ? 2 
REFMAC   refinement        5.2.0019 ? 3 
HKL-2000 'data reduction'  .        ? 4 
HKL-2000 'data scaling'    .        ? 5 
# 
_cell.entry_id           3OV5 
_cell.length_a           27.760 
_cell.length_b           55.810 
_cell.length_c           83.097 
_cell.angle_alpha        90.00 
_cell.angle_beta         90.00 
_cell.angle_gamma        90.00 
_cell.Z_PDB              8 
_cell.pdbx_unique_axis   ? 
_cell.length_a_esd       ? 
_cell.length_b_esd       ? 
_cell.length_c_esd       ? 
_cell.angle_alpha_esd    ? 
_cell.angle_beta_esd     ? 
_cell.angle_gamma_esd    ? 
# 
_symmetry.entry_id                         3OV5 
_symmetry.space_group_name_H-M             'C 2 2 21' 
_symmetry.pdbx_full_space_group_name_H-M   ? 
_symmetry.cell_setting                     ? 
_symmetry.Int_Tables_number                20 
_symmetry.space_group_name_Hall            ? 
# 
_exptl.entry_id          3OV5 
_exptl.method            'X-RAY DIFFRACTION' 
_exptl.crystals_number   1 
# 
_exptl_crystal.id                    1 
_exptl_crystal.density_meas          ? 
_exptl_crystal.density_Matthews      1.78 
_exptl_crystal.density_percent_sol   31.05 
_exptl_crystal.description           ? 
_exptl_crystal.F_000                 ? 
_exptl_crystal.preparation           ? 
# 
_exptl_crystal_grow.crystal_id      1 
_exptl_crystal_grow.method          'VAPOR DIFFUSION, SITTING DROP' 
_exptl_crystal_grow.temp            291 
_exptl_crystal_grow.temp_details    ? 
_exptl_crystal_grow.pH              7.5 
_exptl_crystal_grow.pdbx_details    
;14 mg/mL protein in 5 mM Tris-Cl pH 7.5 and 25 mM sodium chloride was submitted to vapor diffusion sitting-drop crystallization trials at 291 K. Large plates appeared after one day over a reservoir solution comprising 1.4 M ammonium sulphate and 4 % (v/v) isopropyl alcohol. Reservoir solution supplemented with 25 % (v/v) glycerol was used as cryoprotectant. , VAPOR DIFFUSION, SITTING DROP
;
_exptl_crystal_grow.pdbx_pH_range   ? 
# 
_diffrn.id                     1 
_diffrn.ambient_temp           100 
_diffrn.ambient_temp_details   ? 
_diffrn.crystal_id             1 
# 
_diffrn_detector.diffrn_id              1 
_diffrn_detector.detector               CCD 
_diffrn_detector.type                   'MARMOSAIC 225 mm CCD' 
_diffrn_detector.pdbx_collection_date   2009-09-30 
_diffrn_detector.details                ? 
# 
_diffrn_radiation.diffrn_id                        1 
_diffrn_radiation.wavelength_id                    1 
_diffrn_radiation.pdbx_monochromatic_or_laue_m_l   M 
_diffrn_radiation.monochromator                    
'Vertical collimator mirror + double Si(111) crystal  monochromator + toroidal focus mirror' 
_diffrn_radiation.pdbx_diffrn_protocol             'SINGLE WAVELENGTH' 
_diffrn_radiation.pdbx_scattering_type             x-ray 
# 
_diffrn_radiation_wavelength.id           1 
_diffrn_radiation_wavelength.wavelength   0.9537 
_diffrn_radiation_wavelength.wt           1.0 
# 
_diffrn_source.diffrn_id                   1 
_diffrn_source.source                      SYNCHROTRON 
_diffrn_source.type                        'LNLS BEAMLINE W01B-MX2' 
_diffrn_source.pdbx_synchrotron_site       LNLS 
_diffrn_source.pdbx_synchrotron_beamline   W01B-MX2 
_diffrn_source.pdbx_wavelength             ? 
_diffrn_source.pdbx_wavelength_list        0.9537 
# 
_reflns.entry_id                     3OV5 
_reflns.observed_criterion_sigma_I   0 
_reflns.observed_criterion_sigma_F   0 
_reflns.d_resolution_low             30.00 
_reflns.d_resolution_high            1.04 
_reflns.number_obs                   30320 
_reflns.number_all                   30386 
_reflns.percent_possible_obs         96.3 
_reflns.pdbx_Rmerge_I_obs            0.068 
_reflns.pdbx_Rsym_value              ? 
_reflns.pdbx_netI_over_sigmaI        34.8 
_reflns.B_iso_Wilson_estimate        5.4 
_reflns.pdbx_redundancy              12.1 
_reflns.R_free_details               ? 
_reflns.limit_h_max                  ? 
_reflns.limit_h_min                  ? 
_reflns.limit_k_max                  ? 
_reflns.limit_k_min                  ? 
_reflns.limit_l_max                  ? 
_reflns.limit_l_min                  ? 
_reflns.observed_criterion_F_max     ? 
_reflns.observed_criterion_F_min     ? 
_reflns.pdbx_chi_squared             ? 
_reflns.pdbx_scaling_rejects         ? 
_reflns.pdbx_ordinal                 1 
_reflns.pdbx_diffrn_id               1 
# 
_reflns_shell.d_res_high             1.04 
_reflns_shell.d_res_low              1.08 
_reflns_shell.percent_possible_all   79.0 
_reflns_shell.Rmerge_I_obs           0.293 
_reflns_shell.pdbx_Rsym_value        ? 
_reflns_shell.meanI_over_sigI_obs    5.1 
_reflns_shell.pdbx_redundancy        8.9 
_reflns_shell.percent_possible_obs   ? 
_reflns_shell.number_unique_all      2449 
_reflns_shell.number_measured_all    ? 
_reflns_shell.number_measured_obs    ? 
_reflns_shell.number_unique_obs      ? 
_reflns_shell.pdbx_chi_squared       ? 
_reflns_shell.pdbx_ordinal           1 
_reflns_shell.pdbx_diffrn_id         1 
# 
_refine.entry_id                                 3OV5 
_refine.ls_number_reflns_obs                     28796 
_refine.ls_number_reflns_all                     28796 
_refine.pdbx_ls_sigma_I                          ? 
_refine.pdbx_ls_sigma_F                          0 
_refine.pdbx_data_cutoff_high_absF               ? 
_refine.pdbx_data_cutoff_low_absF                ? 
_refine.pdbx_data_cutoff_high_rms_absF           ? 
_refine.ls_d_res_low                             23.81 
_refine.ls_d_res_high                            1.04 
_refine.ls_percent_reflns_obs                    96.32 
_refine.ls_R_factor_obs                          0.13120 
_refine.ls_R_factor_all                          0.13120 
_refine.ls_R_factor_R_work                       0.13014 
_refine.ls_R_factor_R_free                       0.15161 
_refine.ls_R_factor_R_free_error                 ? 
_refine.ls_R_factor_R_free_error_details         ? 
_refine.ls_percent_reflns_R_free                 5.0 
_refine.ls_number_reflns_R_free                  1524 
_refine.ls_number_parameters                     ? 
_refine.ls_number_restraints                     ? 
_refine.occupancy_min                            ? 
_refine.occupancy_max                            ? 
_refine.correlation_coeff_Fo_to_Fc               0.977 
_refine.correlation_coeff_Fo_to_Fc_free          0.970 
_refine.B_iso_mean                               10.366 
_refine.aniso_B[1][1]                            0.36 
_refine.aniso_B[2][2]                            -1.21 
_refine.aniso_B[3][3]                            0.84 
_refine.aniso_B[1][2]                            0.00 
_refine.aniso_B[1][3]                            0.00 
_refine.aniso_B[2][3]                            0.00 
_refine.solvent_model_details                    'BABINET MODEL WITH MASK' 
_refine.solvent_model_param_ksol                 ? 
_refine.solvent_model_param_bsol                 ? 
_refine.pdbx_solvent_vdw_probe_radii             1.20 
_refine.pdbx_solvent_ion_probe_radii             0.80 
_refine.pdbx_solvent_shrinkage_radii             0.80 
_refine.pdbx_ls_cross_valid_method               THROUGHOUT 
_refine.details                                  'HYDROGENS HAVE BEEN ADDED IN THE RIDING POSITIONS' 
_refine.pdbx_starting_model                      'Globular domain from NMR structure of the same protein.' 
_refine.pdbx_method_to_determine_struct          'MOLECULAR REPLACEMENT' 
_refine.pdbx_isotropic_thermal_model             ? 
_refine.pdbx_stereochemistry_target_values       'MAXIMUM LIKELIHOOD' 
_refine.pdbx_stereochem_target_val_spec_case     ? 
_refine.pdbx_R_Free_selection_details            RANDOM 
_refine.pdbx_overall_ESU_R_Free                  0.027 
_refine.overall_SU_ML                            0.016 
_refine.overall_SU_B                             0.674 
_refine.overall_SU_R_Cruickshank_DPI             ? 
_refine.ls_redundancy_reflns_obs                 ? 
_refine.B_iso_min                                ? 
_refine.B_iso_max                                ? 
_refine.overall_SU_R_free                        ? 
_refine.ls_wR_factor_R_free                      ? 
_refine.ls_wR_factor_R_work                      ? 
_refine.overall_FOM_free_R_set                   ? 
_refine.overall_FOM_work_R_set                   ? 
_refine.pdbx_overall_phase_error                 ? 
_refine.pdbx_refine_id                           'X-RAY DIFFRACTION' 
_refine.pdbx_overall_ESU_R                       ? 
_refine.pdbx_diffrn_id                           1 
_refine.pdbx_TLS_residual_ADP_flag               ? 
_refine.pdbx_overall_SU_R_free_Cruickshank_DPI   ? 
_refine.pdbx_overall_SU_R_Blow_DPI               ? 
_refine.pdbx_overall_SU_R_free_Blow_DPI          ? 
# 
_refine_hist.pdbx_refine_id                   'X-RAY DIFFRACTION' 
_refine_hist.cycle_id                         LAST 
_refine_hist.pdbx_number_atoms_protein        619 
_refine_hist.pdbx_number_atoms_nucleic_acid   0 
_refine_hist.pdbx_number_atoms_ligand         4 
_refine_hist.number_atoms_solvent             115 
_refine_hist.number_atoms_total               738 
_refine_hist.d_res_high                       1.04 
_refine_hist.d_res_low                        23.81 
# 
loop_
_refine_ls_restr.type 
_refine_ls_restr.dev_ideal 
_refine_ls_restr.dev_ideal_target 
_refine_ls_restr.weight 
_refine_ls_restr.number 
_refine_ls_restr.pdbx_refine_id 
_refine_ls_restr.pdbx_restraint_function 
r_bond_refined_d         0.013  0.022  ? 711 'X-RAY DIFFRACTION' ? 
r_angle_refined_deg      1.690  1.971  ? 990 'X-RAY DIFFRACTION' ? 
r_dihedral_angle_1_deg   7.195  5.000  ? 105 'X-RAY DIFFRACTION' ? 
r_dihedral_angle_2_deg   30.880 26.667 ? 24  'X-RAY DIFFRACTION' ? 
r_dihedral_angle_3_deg   10.476 15.000 ? 114 'X-RAY DIFFRACTION' ? 
r_dihedral_angle_4_deg   15.847 15.000 ? 1   'X-RAY DIFFRACTION' ? 
r_chiral_restr           0.106  0.200  ? 124 'X-RAY DIFFRACTION' ? 
r_gen_planes_refined     0.011  0.020  ? 539 'X-RAY DIFFRACTION' ? 
r_nbd_refined            0.224  0.200  ? 333 'X-RAY DIFFRACTION' ? 
r_nbtor_refined          0.311  0.200  ? 497 'X-RAY DIFFRACTION' ? 
r_xyhbond_nbd_refined    0.140  0.200  ? 82  'X-RAY DIFFRACTION' ? 
r_symmetry_vdw_refined   0.271  0.200  ? 82  'X-RAY DIFFRACTION' ? 
r_symmetry_hbond_refined 0.213  0.200  ? 23  'X-RAY DIFFRACTION' ? 
r_mcbond_it              1.546  1.500  ? 481 'X-RAY DIFFRACTION' ? 
r_mcangle_it             2.200  2.000  ? 777 'X-RAY DIFFRACTION' ? 
r_scbond_it              2.675  3.000  ? 263 'X-RAY DIFFRACTION' ? 
r_scangle_it             3.281  4.500  ? 204 'X-RAY DIFFRACTION' ? 
r_rigid_bond_restr       1.341  3.000  ? 744 'X-RAY DIFFRACTION' ? 
r_sphericity_free        7.893  3.000  ? 117 'X-RAY DIFFRACTION' ? 
r_sphericity_bonded      6.875  3.000  ? 691 'X-RAY DIFFRACTION' ? 
# 
_refine_ls_shell.pdbx_total_number_of_bins_used   20 
_refine_ls_shell.d_res_high                       1.040 
_refine_ls_shell.d_res_low                        1.067 
_refine_ls_shell.number_reflns_R_work             1670 
_refine_ls_shell.R_factor_R_work                  0.191 
_refine_ls_shell.percent_reflns_obs               76.36 
_refine_ls_shell.R_factor_R_free                  0.209 
_refine_ls_shell.R_factor_R_free_error            ? 
_refine_ls_shell.percent_reflns_R_free            ? 
_refine_ls_shell.number_reflns_R_free             84 
_refine_ls_shell.number_reflns_all                ? 
_refine_ls_shell.R_factor_all                     ? 
_refine_ls_shell.number_reflns_obs                1754 
_refine_ls_shell.redundancy_reflns_obs            ? 
_refine_ls_shell.pdbx_refine_id                   'X-RAY DIFFRACTION' 
# 
_struct.entry_id                  3OV5 
_struct.title                     'Atomic structure of the Xanthomonas citri VirB7 globular domain.' 
_struct.pdbx_model_details        ? 
_struct.pdbx_CASP_flag            N 
_struct.pdbx_model_type_details   ? 
# 
_struct_keywords.entry_id        3OV5 
_struct_keywords.pdbx_keywords   'PROTEIN TRANSPORT' 
_struct_keywords.text            
'Type IV secretion system component, VirB7 (XAC2622), Bacterial outer membrane, XANTHOMONAS AXONOPODIS PV CITRI, PROTEIN TRANSPORT' 
# 
loop_
_struct_asym.id 
_struct_asym.pdbx_blank_PDB_chainid_flag 
_struct_asym.pdbx_modified 
_struct_asym.entity_id 
_struct_asym.details 
A N N 1 ? 
B N N 2 ? 
C N N 3 ? 
# 
_struct_ref.id                         1 
_struct_ref.db_name                    UNP 
_struct_ref.db_code                    Q8PJB3_XANAC 
_struct_ref.pdbx_db_accession          Q8PJB3 
_struct_ref.entity_id                  1 
_struct_ref.pdbx_seq_one_letter_code   
;TSYTYQATPMDGTLKTMLERWAADSNMQLSYNLPSDYTLIGPVSAISTTSVQQAATELSAVYAAQGVSVSVSANKLLVQP
VPVS
;
_struct_ref.pdbx_align_begin           51 
_struct_ref.pdbx_db_isoform            ? 
# 
_struct_ref_seq.align_id                      1 
_struct_ref_seq.ref_id                        1 
_struct_ref_seq.pdbx_PDB_id_code              3OV5 
_struct_ref_seq.pdbx_strand_id                A 
_struct_ref_seq.seq_align_beg                 2 
_struct_ref_seq.pdbx_seq_align_beg_ins_code   ? 
_struct_ref_seq.seq_align_end                 85 
_struct_ref_seq.pdbx_seq_align_end_ins_code   ? 
_struct_ref_seq.pdbx_db_accession             Q8PJB3 
_struct_ref_seq.db_align_beg                  51 
_struct_ref_seq.pdbx_db_align_beg_ins_code    ? 
_struct_ref_seq.db_align_end                  134 
_struct_ref_seq.pdbx_db_align_end_ins_code    ? 
_struct_ref_seq.pdbx_auth_seq_align_beg       51 
_struct_ref_seq.pdbx_auth_seq_align_end       134 
# 
_struct_ref_seq_dif.align_id                     1 
_struct_ref_seq_dif.pdbx_pdb_id_code             3OV5 
_struct_ref_seq_dif.mon_id                       MET 
_struct_ref_seq_dif.pdbx_pdb_strand_id           A 
_struct_ref_seq_dif.seq_num                      1 
_struct_ref_seq_dif.pdbx_pdb_ins_code            ? 
_struct_ref_seq_dif.pdbx_seq_db_name             UNP 
_struct_ref_seq_dif.pdbx_seq_db_accession_code   Q8PJB3 
_struct_ref_seq_dif.db_mon_id                    ? 
_struct_ref_seq_dif.pdbx_seq_db_seq_num          ? 
_struct_ref_seq_dif.details                      'SEE REMARK 999' 
_struct_ref_seq_dif.pdbx_auth_seq_num            50 
_struct_ref_seq_dif.pdbx_ordinal                 1 
# 
_pdbx_struct_assembly.id                   1 
_pdbx_struct_assembly.details              author_defined_assembly 
_pdbx_struct_assembly.method_details       ? 
_pdbx_struct_assembly.oligomeric_details   monomeric 
_pdbx_struct_assembly.oligomeric_count     1 
# 
_pdbx_struct_assembly_gen.assembly_id       1 
_pdbx_struct_assembly_gen.oper_expression   1 
_pdbx_struct_assembly_gen.asym_id_list      A,B,C 
# 
_pdbx_struct_oper_list.id                   1 
_pdbx_struct_oper_list.type                 'identity operation' 
_pdbx_struct_oper_list.name                 1_555 
_pdbx_struct_oper_list.symmetry_operation   x,y,z 
_pdbx_struct_oper_list.matrix[1][1]         1.0000000000 
_pdbx_struct_oper_list.matrix[1][2]         0.0000000000 
_pdbx_struct_oper_list.matrix[1][3]         0.0000000000 
_pdbx_struct_oper_list.vector[1]            0.0000000000 
_pdbx_struct_oper_list.matrix[2][1]         0.0000000000 
_pdbx_struct_oper_list.matrix[2][2]         1.0000000000 
_pdbx_struct_oper_list.matrix[2][3]         0.0000000000 
_pdbx_struct_oper_list.vector[2]            0.0000000000 
_pdbx_struct_oper_list.matrix[3][1]         0.0000000000 
_pdbx_struct_oper_list.matrix[3][2]         0.0000000000 
_pdbx_struct_oper_list.matrix[3][3]         1.0000000000 
_pdbx_struct_oper_list.vector[3]            0.0000000000 
# 
_struct_biol.id        1 
_struct_biol.details   ? 
# 
loop_
_struct_conf.conf_type_id 
_struct_conf.id 
_struct_conf.pdbx_PDB_helix_id 
_struct_conf.beg_label_comp_id 
_struct_conf.beg_label_asym_id 
_struct_conf.beg_label_seq_id 
_struct_conf.pdbx_beg_PDB_ins_code 
_struct_conf.end_label_comp_id 
_struct_conf.end_label_asym_id 
_struct_conf.end_label_seq_id 
_struct_conf.pdbx_end_PDB_ins_code 
_struct_conf.beg_auth_comp_id 
_struct_conf.beg_auth_asym_id 
_struct_conf.beg_auth_seq_id 
_struct_conf.end_auth_comp_id 
_struct_conf.end_auth_asym_id 
_struct_conf.end_auth_seq_id 
_struct_conf.pdbx_PDB_helix_class 
_struct_conf.details 
_struct_conf.pdbx_PDB_helix_length 
HELX_P HELX_P1 1 THR A 14 ? ASP A 25 ? THR A 63  ASP A 74  1 ? 12 
HELX_P HELX_P2 2 ILE A 41 ? ALA A 46 ? ILE A 90  ALA A 95  5 ? 6  
HELX_P HELX_P3 3 SER A 51 ? ALA A 64 ? SER A 100 ALA A 113 1 ? 14 
# 
_struct_conf_type.id          HELX_P 
_struct_conf_type.criteria    ? 
_struct_conf_type.reference   ? 
# 
loop_
_struct_sheet.id 
_struct_sheet.type 
_struct_sheet.number_strands 
_struct_sheet.details 
A ? 2 ? 
B ? 3 ? 
# 
loop_
_struct_sheet_order.sheet_id 
_struct_sheet_order.range_id_1 
_struct_sheet_order.range_id_2 
_struct_sheet_order.offset 
_struct_sheet_order.sense 
A 1 2 ? anti-parallel 
B 1 2 ? parallel      
B 2 3 ? anti-parallel 
# 
loop_
_struct_sheet_range.sheet_id 
_struct_sheet_range.id 
_struct_sheet_range.beg_label_comp_id 
_struct_sheet_range.beg_label_asym_id 
_struct_sheet_range.beg_label_seq_id 
_struct_sheet_range.pdbx_beg_PDB_ins_code 
_struct_sheet_range.end_label_comp_id 
_struct_sheet_range.end_label_asym_id 
_struct_sheet_range.end_label_seq_id 
_struct_sheet_range.pdbx_end_PDB_ins_code 
_struct_sheet_range.beg_auth_comp_id 
_struct_sheet_range.beg_auth_asym_id 
_struct_sheet_range.beg_auth_seq_id 
_struct_sheet_range.end_auth_comp_id 
_struct_sheet_range.end_auth_asym_id 
_struct_sheet_range.end_auth_seq_id 
A 1 TYR A 6  ? GLN A 7  ? TYR A 55  GLN A 56  
A 2 SER A 48 ? THR A 49 ? SER A 97  THR A 98  
B 1 GLN A 29 ? TYR A 32 ? GLN A 78  TYR A 81  
B 2 LYS A 76 ? PRO A 81 ? LYS A 125 PRO A 130 
B 3 VAL A 68 ? SER A 73 ? VAL A 117 SER A 122 
# 
loop_
_pdbx_struct_sheet_hbond.sheet_id 
_pdbx_struct_sheet_hbond.range_id_1 
_pdbx_struct_sheet_hbond.range_id_2 
_pdbx_struct_sheet_hbond.range_1_label_atom_id 
_pdbx_struct_sheet_hbond.range_1_label_comp_id 
_pdbx_struct_sheet_hbond.range_1_label_asym_id 
_pdbx_struct_sheet_hbond.range_1_label_seq_id 
_pdbx_struct_sheet_hbond.range_1_PDB_ins_code 
_pdbx_struct_sheet_hbond.range_1_auth_atom_id 
_pdbx_struct_sheet_hbond.range_1_auth_comp_id 
_pdbx_struct_sheet_hbond.range_1_auth_asym_id 
_pdbx_struct_sheet_hbond.range_1_auth_seq_id 
_pdbx_struct_sheet_hbond.range_2_label_atom_id 
_pdbx_struct_sheet_hbond.range_2_label_comp_id 
_pdbx_struct_sheet_hbond.range_2_label_asym_id 
_pdbx_struct_sheet_hbond.range_2_label_seq_id 
_pdbx_struct_sheet_hbond.range_2_PDB_ins_code 
_pdbx_struct_sheet_hbond.range_2_auth_atom_id 
_pdbx_struct_sheet_hbond.range_2_auth_comp_id 
_pdbx_struct_sheet_hbond.range_2_auth_asym_id 
_pdbx_struct_sheet_hbond.range_2_auth_seq_id 
A 1 2 N TYR A 6  ? N TYR A 55  O THR A 49 ? O THR A 98  
B 1 2 N SER A 31 ? N SER A 80  O LEU A 77 ? O LEU A 126 
B 2 3 O GLN A 80 ? O GLN A 129 N SER A 69 ? N SER A 118 
# 
_struct_site.id                   AC1 
_struct_site.pdbx_evidence_code   Software 
_struct_site.pdbx_auth_asym_id    A 
_struct_site.pdbx_auth_comp_id    IPA 
_struct_site.pdbx_auth_seq_id     1 
_struct_site.pdbx_auth_ins_code   ? 
_struct_site.pdbx_num_residues    4 
_struct_site.details              'BINDING SITE FOR RESIDUE IPA A 1' 
# 
loop_
_struct_site_gen.id 
_struct_site_gen.site_id 
_struct_site_gen.pdbx_num_res 
_struct_site_gen.label_comp_id 
_struct_site_gen.label_asym_id 
_struct_site_gen.label_seq_id 
_struct_site_gen.pdbx_auth_ins_code 
_struct_site_gen.auth_comp_id 
_struct_site_gen.auth_asym_id 
_struct_site_gen.auth_seq_id 
_struct_site_gen.label_atom_id 
_struct_site_gen.label_alt_id 
_struct_site_gen.symmetry 
_struct_site_gen.details 
1 AC1 4 HOH C .  ? HOH A 11 . ? 1_555 ? 
2 AC1 4 HOH C .  ? HOH A 37 . ? 5_455 ? 
3 AC1 4 LYS A 16 ? LYS A 65 . ? 5_455 ? 
4 AC1 4 THR A 50 ? THR A 99 . ? 1_555 ? 
# 
loop_
_pdbx_validate_torsion.id 
_pdbx_validate_torsion.PDB_model_num 
_pdbx_validate_torsion.auth_comp_id 
_pdbx_validate_torsion.auth_asym_id 
_pdbx_validate_torsion.auth_seq_id 
_pdbx_validate_torsion.PDB_ins_code 
_pdbx_validate_torsion.label_alt_id 
_pdbx_validate_torsion.phi 
_pdbx_validate_torsion.psi 
1 1 ASN A 82  ? ? -103.93 41.94   
2 1 SER A 97  ? ? -161.49 97.11   
3 1 ALA A 123 ? A 63.90   -131.63 
# 
loop_
_pdbx_struct_special_symmetry.id 
_pdbx_struct_special_symmetry.PDB_model_num 
_pdbx_struct_special_symmetry.auth_asym_id 
_pdbx_struct_special_symmetry.auth_comp_id 
_pdbx_struct_special_symmetry.auth_seq_id 
_pdbx_struct_special_symmetry.PDB_ins_code 
_pdbx_struct_special_symmetry.label_asym_id 
_pdbx_struct_special_symmetry.label_comp_id 
_pdbx_struct_special_symmetry.label_seq_id 
1 1 A HOH 183 ? C HOH . 
2 1 A HOH 192 ? C HOH . 
# 
_pdbx_database_remark.id     999 
_pdbx_database_remark.text   'MET A 50 is INITIATING METHIONINE and CLONING ARTIFACT. ' 
# 
_pdbx_unobs_or_zero_occ_residues.id               1 
_pdbx_unobs_or_zero_occ_residues.PDB_model_num    1 
_pdbx_unobs_or_zero_occ_residues.polymer_flag     Y 
_pdbx_unobs_or_zero_occ_residues.occupancy_flag   1 
_pdbx_unobs_or_zero_occ_residues.auth_asym_id     A 
_pdbx_unobs_or_zero_occ_residues.auth_comp_id     MET 
_pdbx_unobs_or_zero_occ_residues.auth_seq_id      50 
_pdbx_unobs_or_zero_occ_residues.PDB_ins_code     ? 
_pdbx_unobs_or_zero_occ_residues.label_asym_id    A 
_pdbx_unobs_or_zero_occ_residues.label_comp_id    MET 
_pdbx_unobs_or_zero_occ_residues.label_seq_id     1 
# 
loop_
_chem_comp_atom.comp_id 
_chem_comp_atom.atom_id 
_chem_comp_atom.type_symbol 
_chem_comp_atom.pdbx_aromatic_flag 
_chem_comp_atom.pdbx_stereo_config 
_chem_comp_atom.pdbx_ordinal 
ALA N    N N N 1   
ALA CA   C N S 2   
ALA C    C N N 3   
ALA O    O N N 4   
ALA CB   C N N 5   
ALA OXT  O N N 6   
ALA H    H N N 7   
ALA H2   H N N 8   
ALA HA   H N N 9   
ALA HB1  H N N 10  
ALA HB2  H N N 11  
ALA HB3  H N N 12  
ALA HXT  H N N 13  
ARG N    N N N 14  
ARG CA   C N S 15  
ARG C    C N N 16  
ARG O    O N N 17  
ARG CB   C N N 18  
ARG CG   C N N 19  
ARG CD   C N N 20  
ARG NE   N N N 21  
ARG CZ   C N N 22  
ARG NH1  N N N 23  
ARG NH2  N N N 24  
ARG OXT  O N N 25  
ARG H    H N N 26  
ARG H2   H N N 27  
ARG HA   H N N 28  
ARG HB2  H N N 29  
ARG HB3  H N N 30  
ARG HG2  H N N 31  
ARG HG3  H N N 32  
ARG HD2  H N N 33  
ARG HD3  H N N 34  
ARG HE   H N N 35  
ARG HH11 H N N 36  
ARG HH12 H N N 37  
ARG HH21 H N N 38  
ARG HH22 H N N 39  
ARG HXT  H N N 40  
ASN N    N N N 41  
ASN CA   C N S 42  
ASN C    C N N 43  
ASN O    O N N 44  
ASN CB   C N N 45  
ASN CG   C N N 46  
ASN OD1  O N N 47  
ASN ND2  N N N 48  
ASN OXT  O N N 49  
ASN H    H N N 50  
ASN H2   H N N 51  
ASN HA   H N N 52  
ASN HB2  H N N 53  
ASN HB3  H N N 54  
ASN HD21 H N N 55  
ASN HD22 H N N 56  
ASN HXT  H N N 57  
ASP N    N N N 58  
ASP CA   C N S 59  
ASP C    C N N 60  
ASP O    O N N 61  
ASP CB   C N N 62  
ASP CG   C N N 63  
ASP OD1  O N N 64  
ASP OD2  O N N 65  
ASP OXT  O N N 66  
ASP H    H N N 67  
ASP H2   H N N 68  
ASP HA   H N N 69  
ASP HB2  H N N 70  
ASP HB3  H N N 71  
ASP HD2  H N N 72  
ASP HXT  H N N 73  
GLN N    N N N 74  
GLN CA   C N S 75  
GLN C    C N N 76  
GLN O    O N N 77  
GLN CB   C N N 78  
GLN CG   C N N 79  
GLN CD   C N N 80  
GLN OE1  O N N 81  
GLN NE2  N N N 82  
GLN OXT  O N N 83  
GLN H    H N N 84  
GLN H2   H N N 85  
GLN HA   H N N 86  
GLN HB2  H N N 87  
GLN HB3  H N N 88  
GLN HG2  H N N 89  
GLN HG3  H N N 90  
GLN HE21 H N N 91  
GLN HE22 H N N 92  
GLN HXT  H N N 93  
GLU N    N N N 94  
GLU CA   C N S 95  
GLU C    C N N 96  
GLU O    O N N 97  
GLU CB   C N N 98  
GLU CG   C N N 99  
GLU CD   C N N 100 
GLU OE1  O N N 101 
GLU OE2  O N N 102 
GLU OXT  O N N 103 
GLU H    H N N 104 
GLU H2   H N N 105 
GLU HA   H N N 106 
GLU HB2  H N N 107 
GLU HB3  H N N 108 
GLU HG2  H N N 109 
GLU HG3  H N N 110 
GLU HE2  H N N 111 
GLU HXT  H N N 112 
GLY N    N N N 113 
GLY CA   C N N 114 
GLY C    C N N 115 
GLY O    O N N 116 
GLY OXT  O N N 117 
GLY H    H N N 118 
GLY H2   H N N 119 
GLY HA2  H N N 120 
GLY HA3  H N N 121 
GLY HXT  H N N 122 
HOH O    O N N 123 
HOH H1   H N N 124 
HOH H2   H N N 125 
ILE N    N N N 126 
ILE CA   C N S 127 
ILE C    C N N 128 
ILE O    O N N 129 
ILE CB   C N S 130 
ILE CG1  C N N 131 
ILE CG2  C N N 132 
ILE CD1  C N N 133 
ILE OXT  O N N 134 
ILE H    H N N 135 
ILE H2   H N N 136 
ILE HA   H N N 137 
ILE HB   H N N 138 
ILE HG12 H N N 139 
ILE HG13 H N N 140 
ILE HG21 H N N 141 
ILE HG22 H N N 142 
ILE HG23 H N N 143 
ILE HD11 H N N 144 
ILE HD12 H N N 145 
ILE HD13 H N N 146 
ILE HXT  H N N 147 
IPA C1   C N N 148 
IPA C2   C N N 149 
IPA C3   C N N 150 
IPA O2   O N N 151 
IPA H11  H N N 152 
IPA H12  H N N 153 
IPA H13  H N N 154 
IPA H2   H N N 155 
IPA H31  H N N 156 
IPA H32  H N N 157 
IPA H33  H N N 158 
IPA HO2  H N N 159 
LEU N    N N N 160 
LEU CA   C N S 161 
LEU C    C N N 162 
LEU O    O N N 163 
LEU CB   C N N 164 
LEU CG   C N N 165 
LEU CD1  C N N 166 
LEU CD2  C N N 167 
LEU OXT  O N N 168 
LEU H    H N N 169 
LEU H2   H N N 170 
LEU HA   H N N 171 
LEU HB2  H N N 172 
LEU HB3  H N N 173 
LEU HG   H N N 174 
LEU HD11 H N N 175 
LEU HD12 H N N 176 
LEU HD13 H N N 177 
LEU HD21 H N N 178 
LEU HD22 H N N 179 
LEU HD23 H N N 180 
LEU HXT  H N N 181 
LYS N    N N N 182 
LYS CA   C N S 183 
LYS C    C N N 184 
LYS O    O N N 185 
LYS CB   C N N 186 
LYS CG   C N N 187 
LYS CD   C N N 188 
LYS CE   C N N 189 
LYS NZ   N N N 190 
LYS OXT  O N N 191 
LYS H    H N N 192 
LYS H2   H N N 193 
LYS HA   H N N 194 
LYS HB2  H N N 195 
LYS HB3  H N N 196 
LYS HG2  H N N 197 
LYS HG3  H N N 198 
LYS HD2  H N N 199 
LYS HD3  H N N 200 
LYS HE2  H N N 201 
LYS HE3  H N N 202 
LYS HZ1  H N N 203 
LYS HZ2  H N N 204 
LYS HZ3  H N N 205 
LYS HXT  H N N 206 
MET N    N N N 207 
MET CA   C N S 208 
MET C    C N N 209 
MET O    O N N 210 
MET CB   C N N 211 
MET CG   C N N 212 
MET SD   S N N 213 
MET CE   C N N 214 
MET OXT  O N N 215 
MET H    H N N 216 
MET H2   H N N 217 
MET HA   H N N 218 
MET HB2  H N N 219 
MET HB3  H N N 220 
MET HG2  H N N 221 
MET HG3  H N N 222 
MET HE1  H N N 223 
MET HE2  H N N 224 
MET HE3  H N N 225 
MET HXT  H N N 226 
PRO N    N N N 227 
PRO CA   C N S 228 
PRO C    C N N 229 
PRO O    O N N 230 
PRO CB   C N N 231 
PRO CG   C N N 232 
PRO CD   C N N 233 
PRO OXT  O N N 234 
PRO H    H N N 235 
PRO HA   H N N 236 
PRO HB2  H N N 237 
PRO HB3  H N N 238 
PRO HG2  H N N 239 
PRO HG3  H N N 240 
PRO HD2  H N N 241 
PRO HD3  H N N 242 
PRO HXT  H N N 243 
SER N    N N N 244 
SER CA   C N S 245 
SER C    C N N 246 
SER O    O N N 247 
SER CB   C N N 248 
SER OG   O N N 249 
SER OXT  O N N 250 
SER H    H N N 251 
SER H2   H N N 252 
SER HA   H N N 253 
SER HB2  H N N 254 
SER HB3  H N N 255 
SER HG   H N N 256 
SER HXT  H N N 257 
THR N    N N N 258 
THR CA   C N S 259 
THR C    C N N 260 
THR O    O N N 261 
THR CB   C N R 262 
THR OG1  O N N 263 
THR CG2  C N N 264 
THR OXT  O N N 265 
THR H    H N N 266 
THR H2   H N N 267 
THR HA   H N N 268 
THR HB   H N N 269 
THR HG1  H N N 270 
THR HG21 H N N 271 
THR HG22 H N N 272 
THR HG23 H N N 273 
THR HXT  H N N 274 
TRP N    N N N 275 
TRP CA   C N S 276 
TRP C    C N N 277 
TRP O    O N N 278 
TRP CB   C N N 279 
TRP CG   C Y N 280 
TRP CD1  C Y N 281 
TRP CD2  C Y N 282 
TRP NE1  N Y N 283 
TRP CE2  C Y N 284 
TRP CE3  C Y N 285 
TRP CZ2  C Y N 286 
TRP CZ3  C Y N 287 
TRP CH2  C Y N 288 
TRP OXT  O N N 289 
TRP H    H N N 290 
TRP H2   H N N 291 
TRP HA   H N N 292 
TRP HB2  H N N 293 
TRP HB3  H N N 294 
TRP HD1  H N N 295 
TRP HE1  H N N 296 
TRP HE3  H N N 297 
TRP HZ2  H N N 298 
TRP HZ3  H N N 299 
TRP HH2  H N N 300 
TRP HXT  H N N 301 
TYR N    N N N 302 
TYR CA   C N S 303 
TYR C    C N N 304 
TYR O    O N N 305 
TYR CB   C N N 306 
TYR CG   C Y N 307 
TYR CD1  C Y N 308 
TYR CD2  C Y N 309 
TYR CE1  C Y N 310 
TYR CE2  C Y N 311 
TYR CZ   C Y N 312 
TYR OH   O N N 313 
TYR OXT  O N N 314 
TYR H    H N N 315 
TYR H2   H N N 316 
TYR HA   H N N 317 
TYR HB2  H N N 318 
TYR HB3  H N N 319 
TYR HD1  H N N 320 
TYR HD2  H N N 321 
TYR HE1  H N N 322 
TYR HE2  H N N 323 
TYR HH   H N N 324 
TYR HXT  H N N 325 
VAL N    N N N 326 
VAL CA   C N S 327 
VAL C    C N N 328 
VAL O    O N N 329 
VAL CB   C N N 330 
VAL CG1  C N N 331 
VAL CG2  C N N 332 
VAL OXT  O N N 333 
VAL H    H N N 334 
VAL H2   H N N 335 
VAL HA   H N N 336 
VAL HB   H N N 337 
VAL HG11 H N N 338 
VAL HG12 H N N 339 
VAL HG13 H N N 340 
VAL HG21 H N N 341 
VAL HG22 H N N 342 
VAL HG23 H N N 343 
VAL HXT  H N N 344 
# 
loop_
_chem_comp_bond.comp_id 
_chem_comp_bond.atom_id_1 
_chem_comp_bond.atom_id_2 
_chem_comp_bond.value_order 
_chem_comp_bond.pdbx_aromatic_flag 
_chem_comp_bond.pdbx_stereo_config 
_chem_comp_bond.pdbx_ordinal 
ALA N   CA   sing N N 1   
ALA N   H    sing N N 2   
ALA N   H2   sing N N 3   
ALA CA  C    sing N N 4   
ALA CA  CB   sing N N 5   
ALA CA  HA   sing N N 6   
ALA C   O    doub N N 7   
ALA C   OXT  sing N N 8   
ALA CB  HB1  sing N N 9   
ALA CB  HB2  sing N N 10  
ALA CB  HB3  sing N N 11  
ALA OXT HXT  sing N N 12  
ARG N   CA   sing N N 13  
ARG N   H    sing N N 14  
ARG N   H2   sing N N 15  
ARG CA  C    sing N N 16  
ARG CA  CB   sing N N 17  
ARG CA  HA   sing N N 18  
ARG C   O    doub N N 19  
ARG C   OXT  sing N N 20  
ARG CB  CG   sing N N 21  
ARG CB  HB2  sing N N 22  
ARG CB  HB3  sing N N 23  
ARG CG  CD   sing N N 24  
ARG CG  HG2  sing N N 25  
ARG CG  HG3  sing N N 26  
ARG CD  NE   sing N N 27  
ARG CD  HD2  sing N N 28  
ARG CD  HD3  sing N N 29  
ARG NE  CZ   sing N N 30  
ARG NE  HE   sing N N 31  
ARG CZ  NH1  sing N N 32  
ARG CZ  NH2  doub N N 33  
ARG NH1 HH11 sing N N 34  
ARG NH1 HH12 sing N N 35  
ARG NH2 HH21 sing N N 36  
ARG NH2 HH22 sing N N 37  
ARG OXT HXT  sing N N 38  
ASN N   CA   sing N N 39  
ASN N   H    sing N N 40  
ASN N   H2   sing N N 41  
ASN CA  C    sing N N 42  
ASN CA  CB   sing N N 43  
ASN CA  HA   sing N N 44  
ASN C   O    doub N N 45  
ASN C   OXT  sing N N 46  
ASN CB  CG   sing N N 47  
ASN CB  HB2  sing N N 48  
ASN CB  HB3  sing N N 49  
ASN CG  OD1  doub N N 50  
ASN CG  ND2  sing N N 51  
ASN ND2 HD21 sing N N 52  
ASN ND2 HD22 sing N N 53  
ASN OXT HXT  sing N N 54  
ASP N   CA   sing N N 55  
ASP N   H    sing N N 56  
ASP N   H2   sing N N 57  
ASP CA  C    sing N N 58  
ASP CA  CB   sing N N 59  
ASP CA  HA   sing N N 60  
ASP C   O    doub N N 61  
ASP C   OXT  sing N N 62  
ASP CB  CG   sing N N 63  
ASP CB  HB2  sing N N 64  
ASP CB  HB3  sing N N 65  
ASP CG  OD1  doub N N 66  
ASP CG  OD2  sing N N 67  
ASP OD2 HD2  sing N N 68  
ASP OXT HXT  sing N N 69  
GLN N   CA   sing N N 70  
GLN N   H    sing N N 71  
GLN N   H2   sing N N 72  
GLN CA  C    sing N N 73  
GLN CA  CB   sing N N 74  
GLN CA  HA   sing N N 75  
GLN C   O    doub N N 76  
GLN C   OXT  sing N N 77  
GLN CB  CG   sing N N 78  
GLN CB  HB2  sing N N 79  
GLN CB  HB3  sing N N 80  
GLN CG  CD   sing N N 81  
GLN CG  HG2  sing N N 82  
GLN CG  HG3  sing N N 83  
GLN CD  OE1  doub N N 84  
GLN CD  NE2  sing N N 85  
GLN NE2 HE21 sing N N 86  
GLN NE2 HE22 sing N N 87  
GLN OXT HXT  sing N N 88  
GLU N   CA   sing N N 89  
GLU N   H    sing N N 90  
GLU N   H2   sing N N 91  
GLU CA  C    sing N N 92  
GLU CA  CB   sing N N 93  
GLU CA  HA   sing N N 94  
GLU C   O    doub N N 95  
GLU C   OXT  sing N N 96  
GLU CB  CG   sing N N 97  
GLU CB  HB2  sing N N 98  
GLU CB  HB3  sing N N 99  
GLU CG  CD   sing N N 100 
GLU CG  HG2  sing N N 101 
GLU CG  HG3  sing N N 102 
GLU CD  OE1  doub N N 103 
GLU CD  OE2  sing N N 104 
GLU OE2 HE2  sing N N 105 
GLU OXT HXT  sing N N 106 
GLY N   CA   sing N N 107 
GLY N   H    sing N N 108 
GLY N   H2   sing N N 109 
GLY CA  C    sing N N 110 
GLY CA  HA2  sing N N 111 
GLY CA  HA3  sing N N 112 
GLY C   O    doub N N 113 
GLY C   OXT  sing N N 114 
GLY OXT HXT  sing N N 115 
HOH O   H1   sing N N 116 
HOH O   H2   sing N N 117 
ILE N   CA   sing N N 118 
ILE N   H    sing N N 119 
ILE N   H2   sing N N 120 
ILE CA  C    sing N N 121 
ILE CA  CB   sing N N 122 
ILE CA  HA   sing N N 123 
ILE C   O    doub N N 124 
ILE C   OXT  sing N N 125 
ILE CB  CG1  sing N N 126 
ILE CB  CG2  sing N N 127 
ILE CB  HB   sing N N 128 
ILE CG1 CD1  sing N N 129 
ILE CG1 HG12 sing N N 130 
ILE CG1 HG13 sing N N 131 
ILE CG2 HG21 sing N N 132 
ILE CG2 HG22 sing N N 133 
ILE CG2 HG23 sing N N 134 
ILE CD1 HD11 sing N N 135 
ILE CD1 HD12 sing N N 136 
ILE CD1 HD13 sing N N 137 
ILE OXT HXT  sing N N 138 
IPA C1  C2   sing N N 139 
IPA C1  H11  sing N N 140 
IPA C1  H12  sing N N 141 
IPA C1  H13  sing N N 142 
IPA C2  C3   sing N N 143 
IPA C2  O2   sing N N 144 
IPA C2  H2   sing N N 145 
IPA C3  H31  sing N N 146 
IPA C3  H32  sing N N 147 
IPA C3  H33  sing N N 148 
IPA O2  HO2  sing N N 149 
LEU N   CA   sing N N 150 
LEU N   H    sing N N 151 
LEU N   H2   sing N N 152 
LEU CA  C    sing N N 153 
LEU CA  CB   sing N N 154 
LEU CA  HA   sing N N 155 
LEU C   O    doub N N 156 
LEU C   OXT  sing N N 157 
LEU CB  CG   sing N N 158 
LEU CB  HB2  sing N N 159 
LEU CB  HB3  sing N N 160 
LEU CG  CD1  sing N N 161 
LEU CG  CD2  sing N N 162 
LEU CG  HG   sing N N 163 
LEU CD1 HD11 sing N N 164 
LEU CD1 HD12 sing N N 165 
LEU CD1 HD13 sing N N 166 
LEU CD2 HD21 sing N N 167 
LEU CD2 HD22 sing N N 168 
LEU CD2 HD23 sing N N 169 
LEU OXT HXT  sing N N 170 
LYS N   CA   sing N N 171 
LYS N   H    sing N N 172 
LYS N   H2   sing N N 173 
LYS CA  C    sing N N 174 
LYS CA  CB   sing N N 175 
LYS CA  HA   sing N N 176 
LYS C   O    doub N N 177 
LYS C   OXT  sing N N 178 
LYS CB  CG   sing N N 179 
LYS CB  HB2  sing N N 180 
LYS CB  HB3  sing N N 181 
LYS CG  CD   sing N N 182 
LYS CG  HG2  sing N N 183 
LYS CG  HG3  sing N N 184 
LYS CD  CE   sing N N 185 
LYS CD  HD2  sing N N 186 
LYS CD  HD3  sing N N 187 
LYS CE  NZ   sing N N 188 
LYS CE  HE2  sing N N 189 
LYS CE  HE3  sing N N 190 
LYS NZ  HZ1  sing N N 191 
LYS NZ  HZ2  sing N N 192 
LYS NZ  HZ3  sing N N 193 
LYS OXT HXT  sing N N 194 
MET N   CA   sing N N 195 
MET N   H    sing N N 196 
MET N   H2   sing N N 197 
MET CA  C    sing N N 198 
MET CA  CB   sing N N 199 
MET CA  HA   sing N N 200 
MET C   O    doub N N 201 
MET C   OXT  sing N N 202 
MET CB  CG   sing N N 203 
MET CB  HB2  sing N N 204 
MET CB  HB3  sing N N 205 
MET CG  SD   sing N N 206 
MET CG  HG2  sing N N 207 
MET CG  HG3  sing N N 208 
MET SD  CE   sing N N 209 
MET CE  HE1  sing N N 210 
MET CE  HE2  sing N N 211 
MET CE  HE3  sing N N 212 
MET OXT HXT  sing N N 213 
PRO N   CA   sing N N 214 
PRO N   CD   sing N N 215 
PRO N   H    sing N N 216 
PRO CA  C    sing N N 217 
PRO CA  CB   sing N N 218 
PRO CA  HA   sing N N 219 
PRO C   O    doub N N 220 
PRO C   OXT  sing N N 221 
PRO CB  CG   sing N N 222 
PRO CB  HB2  sing N N 223 
PRO CB  HB3  sing N N 224 
PRO CG  CD   sing N N 225 
PRO CG  HG2  sing N N 226 
PRO CG  HG3  sing N N 227 
PRO CD  HD2  sing N N 228 
PRO CD  HD3  sing N N 229 
PRO OXT HXT  sing N N 230 
SER N   CA   sing N N 231 
SER N   H    sing N N 232 
SER N   H2   sing N N 233 
SER CA  C    sing N N 234 
SER CA  CB   sing N N 235 
SER CA  HA   sing N N 236 
SER C   O    doub N N 237 
SER C   OXT  sing N N 238 
SER CB  OG   sing N N 239 
SER CB  HB2  sing N N 240 
SER CB  HB3  sing N N 241 
SER OG  HG   sing N N 242 
SER OXT HXT  sing N N 243 
THR N   CA   sing N N 244 
THR N   H    sing N N 245 
THR N   H2   sing N N 246 
THR CA  C    sing N N 247 
THR CA  CB   sing N N 248 
THR CA  HA   sing N N 249 
THR C   O    doub N N 250 
THR C   OXT  sing N N 251 
THR CB  OG1  sing N N 252 
THR CB  CG2  sing N N 253 
THR CB  HB   sing N N 254 
THR OG1 HG1  sing N N 255 
THR CG2 HG21 sing N N 256 
THR CG2 HG22 sing N N 257 
THR CG2 HG23 sing N N 258 
THR OXT HXT  sing N N 259 
TRP N   CA   sing N N 260 
TRP N   H    sing N N 261 
TRP N   H2   sing N N 262 
TRP CA  C    sing N N 263 
TRP CA  CB   sing N N 264 
TRP CA  HA   sing N N 265 
TRP C   O    doub N N 266 
TRP C   OXT  sing N N 267 
TRP CB  CG   sing N N 268 
TRP CB  HB2  sing N N 269 
TRP CB  HB3  sing N N 270 
TRP CG  CD1  doub Y N 271 
TRP CG  CD2  sing Y N 272 
TRP CD1 NE1  sing Y N 273 
TRP CD1 HD1  sing N N 274 
TRP CD2 CE2  doub Y N 275 
TRP CD2 CE3  sing Y N 276 
TRP NE1 CE2  sing Y N 277 
TRP NE1 HE1  sing N N 278 
TRP CE2 CZ2  sing Y N 279 
TRP CE3 CZ3  doub Y N 280 
TRP CE3 HE3  sing N N 281 
TRP CZ2 CH2  doub Y N 282 
TRP CZ2 HZ2  sing N N 283 
TRP CZ3 CH2  sing Y N 284 
TRP CZ3 HZ3  sing N N 285 
TRP CH2 HH2  sing N N 286 
TRP OXT HXT  sing N N 287 
TYR N   CA   sing N N 288 
TYR N   H    sing N N 289 
TYR N   H2   sing N N 290 
TYR CA  C    sing N N 291 
TYR CA  CB   sing N N 292 
TYR CA  HA   sing N N 293 
TYR C   O    doub N N 294 
TYR C   OXT  sing N N 295 
TYR CB  CG   sing N N 296 
TYR CB  HB2  sing N N 297 
TYR CB  HB3  sing N N 298 
TYR CG  CD1  doub Y N 299 
TYR CG  CD2  sing Y N 300 
TYR CD1 CE1  sing Y N 301 
TYR CD1 HD1  sing N N 302 
TYR CD2 CE2  doub Y N 303 
TYR CD2 HD2  sing N N 304 
TYR CE1 CZ   doub Y N 305 
TYR CE1 HE1  sing N N 306 
TYR CE2 CZ   sing Y N 307 
TYR CE2 HE2  sing N N 308 
TYR CZ  OH   sing N N 309 
TYR OH  HH   sing N N 310 
TYR OXT HXT  sing N N 311 
VAL N   CA   sing N N 312 
VAL N   H    sing N N 313 
VAL N   H2   sing N N 314 
VAL CA  C    sing N N 315 
VAL CA  CB   sing N N 316 
VAL CA  HA   sing N N 317 
VAL C   O    doub N N 318 
VAL C   OXT  sing N N 319 
VAL CB  CG1  sing N N 320 
VAL CB  CG2  sing N N 321 
VAL CB  HB   sing N N 322 
VAL CG1 HG11 sing N N 323 
VAL CG1 HG12 sing N N 324 
VAL CG1 HG13 sing N N 325 
VAL CG2 HG21 sing N N 326 
VAL CG2 HG22 sing N N 327 
VAL CG2 HG23 sing N N 328 
VAL OXT HXT  sing N N 329 
# 
_pdbx_initial_refinement_model.accession_code   ? 
_pdbx_initial_refinement_model.id               1 
_pdbx_initial_refinement_model.entity_id_list   ? 
_pdbx_initial_refinement_model.type             'experimental model' 
_pdbx_initial_refinement_model.source_name      Other 
_pdbx_initial_refinement_model.details          'Globular domain from NMR structure of the same protein.' 
# 
_atom_sites.entry_id                    3OV5 
_atom_sites.fract_transf_matrix[1][1]   -0.02922688 
_atom_sites.fract_transf_matrix[1][2]   0.00977021 
_atom_sites.fract_transf_matrix[1][3]   -0.01865447 
_atom_sites.fract_transf_matrix[2][1]   -0.00629725 
_atom_sites.fract_transf_matrix[2][2]   0.00862880 
_atom_sites.fract_transf_matrix[2][3]   0.01438552 
_atom_sites.fract_transf_matrix[3][1]   0.00562147 
_atom_sites.fract_transf_matrix[3][2]   0.01002893 
_atom_sites.fract_transf_matrix[3][3]   -0.00355482 
_atom_sites.fract_transf_vector[1]      0.124178 
_atom_sites.fract_transf_vector[2]      -0.098654 
_atom_sites.fract_transf_vector[3]      -0.105000 
# 
loop_
_atom_type.symbol 
C 
N 
O 
S 
# 
loop_
_atom_site.group_PDB 
_atom_site.id 
_atom_site.type_symbol 
_atom_site.label_atom_id 
_atom_site.label_alt_id 
_atom_site.label_comp_id 
_atom_site.label_asym_id 
_atom_site.label_entity_id 
_atom_site.label_seq_id 
_atom_site.pdbx_PDB_ins_code 
_atom_site.Cartn_x 
_atom_site.Cartn_y 
_atom_site.Cartn_z 
_atom_site.occupancy 
_atom_site.B_iso_or_equiv 
_atom_site.pdbx_formal_charge 
_atom_site.auth_seq_id 
_atom_site.auth_comp_id 
_atom_site.auth_asym_id 
_atom_site.auth_atom_id 
_atom_site.pdbx_PDB_model_num 
ATOM   1   C CA  A THR A 1 2  ? -0.850  -5.996  20.133  0.50 18.53 ? 51  THR A CA  1 
ATOM   2   C CA  B THR A 1 2  ? -1.777  -6.729  20.503  0.50 19.25 ? 51  THR A CA  1 
ATOM   3   C C   A THR A 1 2  ? -1.815  -6.175  18.964  0.50 18.42 ? 51  THR A C   1 
ATOM   4   C C   B THR A 1 2  ? -2.822  -6.265  19.497  0.50 18.86 ? 51  THR A C   1 
ATOM   5   O O   A THR A 1 2  ? -2.041  -7.290  18.499  0.50 18.88 ? 51  THR A O   1 
ATOM   6   O O   B THR A 1 2  ? -4.019  -6.490  19.677  0.50 19.62 ? 51  THR A O   1 
ATOM   7   N N   A SER A 1 3  ? -2.398  -5.073  18.500  0.50 17.98 ? 52  SER A N   1 
ATOM   8   N N   B SER A 1 3  ? -2.350  -5.624  18.431  0.50 17.99 ? 52  SER A N   1 
ATOM   9   C CA  A SER A 1 3  ? -3.379  -5.123  17.416  0.50 17.01 ? 52  SER A CA  1 
ATOM   10  C CA  B SER A 1 3  ? -3.212  -5.073  17.399  0.50 16.70 ? 52  SER A CA  1 
ATOM   11  C C   A SER A 1 3  ? -2.726  -5.236  16.042  0.50 15.69 ? 52  SER A C   1 
ATOM   12  C C   B SER A 1 3  ? -2.649  -5.430  16.031  0.50 15.37 ? 52  SER A C   1 
ATOM   13  O O   A SER A 1 3  ? -1.538  -4.948  15.879  0.50 16.03 ? 52  SER A O   1 
ATOM   14  O O   B SER A 1 3  ? -1.432  -5.519  15.857  0.50 15.73 ? 52  SER A O   1 
ATOM   15  C CB  A SER A 1 3  ? -4.278  -3.886  17.449  0.50 17.34 ? 52  SER A CB  1 
ATOM   16  C CB  B SER A 1 3  ? -3.293  -3.542  17.530  0.50 16.75 ? 52  SER A CB  1 
ATOM   17  O OG  A SER A 1 3  ? -5.093  -3.892  18.607  0.50 19.24 ? 52  SER A OG  1 
ATOM   18  O OG  B SER A 1 3  ? -4.201  -3.144  18.548  0.50 17.57 ? 52  SER A OG  1 
ATOM   19  N N   . TYR A 1 4  ? -3.526  -5.627  15.055  1.00 14.27 ? 53  TYR A N   1 
ATOM   20  C CA  . TYR A 1 4  ? -3.064  -5.785  13.669  1.00 11.96 ? 53  TYR A CA  1 
ATOM   21  C C   . TYR A 1 4  ? -2.315  -4.551  13.195  1.00 10.33 ? 53  TYR A C   1 
ATOM   22  O O   . TYR A 1 4  ? -2.770  -3.412  13.358  1.00 11.54 ? 53  TYR A O   1 
ATOM   23  C CB  . TYR A 1 4  ? -4.230  -6.045  12.729  1.00 12.29 ? 53  TYR A CB  1 
ATOM   24  C CG  . TYR A 1 4  ? -3.825  -6.061  11.278  1.00 10.14 ? 53  TYR A CG  1 
ATOM   25  C CD1 . TYR A 1 4  ? -3.382  -7.226  10.658  1.00 10.18 ? 53  TYR A CD1 1 
ATOM   26  C CD2 . TYR A 1 4  ? -3.832  -4.887  10.528  1.00 10.64 ? 53  TYR A CD2 1 
ATOM   27  C CE1 . TYR A 1 4  ? -2.975  -7.236  9.311   1.00 8.57  ? 53  TYR A CE1 1 
ATOM   28  C CE2 . TYR A 1 4  ? -3.420  -4.880  9.210   1.00 8.97  ? 53  TYR A CE2 1 
ATOM   29  C CZ  . TYR A 1 4  ? -3.010  -6.055  8.598   1.00 7.82  ? 53  TYR A CZ  1 
ATOM   30  O OH  . TYR A 1 4  ? -2.605  -6.036  7.276   1.00 9.26  ? 53  TYR A OH  1 
ATOM   31  N N   . THR A 1 5  ? -1.183  -4.787  12.547  1.00 8.57  ? 54  THR A N   1 
ATOM   32  C CA  A THR A 1 5  ? -0.425  -3.673  11.945  0.70 7.75  ? 54  THR A CA  1 
ATOM   33  C CA  B THR A 1 5  ? -0.299  -3.788  12.061  0.30 7.89  ? 54  THR A CA  1 
ATOM   34  C C   . THR A 1 5  ? -0.131  -3.945  10.507  1.00 6.79  ? 54  THR A C   1 
ATOM   35  O O   . THR A 1 5  ? 0.176   -5.061  10.062  1.00 8.22  ? 54  THR A O   1 
ATOM   36  C CB  A THR A 1 5  ? 0.959   -3.385  12.559  0.70 9.58  ? 54  THR A CB  1 
ATOM   37  C CB  B THR A 1 5  ? 0.996   -4.078  12.848  0.30 8.24  ? 54  THR A CB  1 
ATOM   38  O OG1 A THR A 1 5  ? 1.708   -4.601  12.545  0.70 11.28 ? 54  THR A OG1 1 
ATOM   39  O OG1 B THR A 1 5  ? 0.699   -4.090  14.255  0.30 9.66  ? 54  THR A OG1 1 
ATOM   40  C CG2 A THR A 1 5  ? 0.844   -2.871  13.973  0.70 11.06 ? 54  THR A CG2 1 
ATOM   41  C CG2 B THR A 1 5  ? 2.024   -3.051  12.588  0.30 8.97  ? 54  THR A CG2 1 
ATOM   42  N N   . TYR A 1 6  ? -0.264  -2.871  9.740   1.00 6.54  ? 55  TYR A N   1 
ATOM   43  C CA  . TYR A 1 6  ? 0.164   -2.834  8.347   1.00 6.53  ? 55  TYR A CA  1 
ATOM   44  C C   . TYR A 1 6  ? 1.694   -2.766  8.331   1.00 6.56  ? 55  TYR A C   1 
ATOM   45  O O   . TYR A 1 6  ? 2.294   -1.871  8.920   1.00 7.51  ? 55  TYR A O   1 
ATOM   46  C CB  . TYR A 1 6  ? -0.407  -1.610  7.619   1.00 7.15  ? 55  TYR A CB  1 
ATOM   47  C CG  . TYR A 1 6  ? -1.899  -1.654  7.522   1.00 6.52  ? 55  TYR A CG  1 
ATOM   48  C CD1 . TYR A 1 6  ? -2.513  -2.392  6.511   1.00 6.89  ? 55  TYR A CD1 1 
ATOM   49  C CD2 . TYR A 1 6  ? -2.706  -1.033  8.476   1.00 7.30  ? 55  TYR A CD2 1 
ATOM   50  C CE1 . TYR A 1 6  ? -3.909  -2.467  6.417   1.00 6.93  ? 55  TYR A CE1 1 
ATOM   51  C CE2 . TYR A 1 6  ? -4.091  -1.137  8.420   1.00 7.22  ? 55  TYR A CE2 1 
ATOM   52  C CZ  . TYR A 1 6  ? -4.681  -1.841  7.383   1.00 6.61  ? 55  TYR A CZ  1 
ATOM   53  O OH  . TYR A 1 6  ? -6.053  -1.899  7.333   1.00 7.80  ? 55  TYR A OH  1 
ATOM   54  N N   . GLN A 1 7  ? 2.298   -3.735  7.653   1.00 6.20  ? 56  GLN A N   1 
ATOM   55  C CA  . GLN A 1 7  ? 3.742   -3.878  7.559   1.00 6.44  ? 56  GLN A CA  1 
ATOM   56  C C   . GLN A 1 7  ? 4.065   -4.833  6.433   1.00 5.98  ? 56  GLN A C   1 
ATOM   57  O O   . GLN A 1 7  ? 3.187   -5.593  5.988   1.00 6.25  ? 56  GLN A O   1 
ATOM   58  C CB  . GLN A 1 7  ? 4.347   -4.380  8.873   1.00 6.82  ? 56  GLN A CB  1 
ATOM   59  C CG  . GLN A 1 7  ? 3.821   -5.749  9.265   1.00 8.39  ? 56  GLN A CG  1 
ATOM   60  C CD  . GLN A 1 7  ? 4.464   -6.296  10.514  1.00 10.62 ? 56  GLN A CD  1 
ATOM   61  O OE1 . GLN A 1 7  ? 5.506   -5.857  10.979  1.00 15.59 ? 56  GLN A OE1 1 
ATOM   62  N NE2 . GLN A 1 7  ? 3.827   -7.302  11.077  1.00 12.16 ? 56  GLN A NE2 1 
ATOM   63  N N   . ALA A 1 8  ? 5.329   -4.860  6.021   1.00 6.24  ? 57  ALA A N   1 
ATOM   64  C CA  . ALA A 1 8  ? 5.821   -5.960  5.211   1.00 6.63  ? 57  ALA A CA  1 
ATOM   65  C C   . ALA A 1 8  ? 6.129   -7.142  6.122   1.00 7.31  ? 57  ALA A C   1 
ATOM   66  O O   . ALA A 1 8  ? 6.554   -6.974  7.266   1.00 9.09  ? 57  ALA A O   1 
ATOM   67  C CB  . ALA A 1 8  ? 7.081   -5.552  4.444   1.00 7.95  ? 57  ALA A CB  1 
ATOM   68  N N   . THR A 1 9  ? 5.907   -8.343  5.600   1.00 7.75  ? 58  THR A N   1 
ATOM   69  C CA  . THR A 1 9  ? 6.160   -9.567  6.346   1.00 8.98  ? 58  THR A CA  1 
ATOM   70  C C   . THR A 1 9  ? 6.909   -10.524 5.473   1.00 10.31 ? 58  THR A C   1 
ATOM   71  O O   . THR A 1 9  ? 7.032   -10.297 4.287   1.00 10.11 ? 58  THR A O   1 
ATOM   72  C CB  . THR A 1 9  ? 4.867   -10.239 6.774   1.00 8.73  ? 58  THR A CB  1 
ATOM   73  O OG1 . THR A 1 9  ? 4.183   -10.774 5.626   1.00 8.55  ? 58  THR A OG1 1 
ATOM   74  C CG2 . THR A 1 9  ? 4.008   -9.314  7.560   1.00 9.33  ? 58  THR A CG2 1 
ATOM   75  N N   . PRO A 1 10 ? 7.430   -11.620 6.068   1.00 12.05 ? 59  PRO A N   1 
ATOM   76  C CA  . PRO A 1 10 ? 8.135   -12.615 5.256   1.00 13.05 ? 59  PRO A CA  1 
ATOM   77  C C   . PRO A 1 10 ? 7.344   -13.137 4.046   1.00 12.35 ? 59  PRO A C   1 
ATOM   78  O O   . PRO A 1 10 ? 7.931   -13.475 3.037   1.00 15.03 ? 59  PRO A O   1 
ATOM   79  C CB  . PRO A 1 10 ? 8.423   -13.752 6.261   1.00 13.71 ? 59  PRO A CB  1 
ATOM   80  C CG  . PRO A 1 10 ? 8.596   -13.054 7.543   1.00 14.67 ? 59  PRO A CG  1 
ATOM   81  C CD  . PRO A 1 10 ? 7.496   -12.003 7.499   1.00 13.68 ? 59  PRO A CD  1 
ATOM   82  N N   . MET A 1 11 ? 6.021   -13.142 4.124   1.00 10.69 ? 60  MET A N   1 
ATOM   83  C CA  . MET A 1 11 ? 5.161   -13.616 3.055   1.00 11.22 ? 60  MET A CA  1 
ATOM   84  C C   . MET A 1 11 ? 5.191   -12.731 1.805   1.00 10.46 ? 60  MET A C   1 
ATOM   85  O O   . MET A 1 11 ? 4.853   -13.171 0.693   1.00 11.43 ? 60  MET A O   1 
ATOM   86  C CB  . MET A 1 11 ? 3.689   -13.692 3.583   1.00 12.20 ? 60  MET A CB  1 
ATOM   87  C CG  . MET A 1 11 ? 2.715   -14.195 2.638   1.00 13.70 ? 60  MET A CG  1 
ATOM   88  S SD  . MET A 1 11 ? 1.264   -14.289 3.630   1.00 13.08 ? 60  MET A SD  1 
ATOM   89  C CE  . MET A 1 11 ? 0.160   -14.563 2.247   1.00 22.78 ? 60  MET A CE  1 
ATOM   90  N N   . ASP A 1 12 ? 5.498   -11.448 1.993   1.00 9.81  ? 61  ASP A N   1 
ATOM   91  C CA  . ASP A 1 12 ? 5.283   -10.450 0.961   1.00 9.38  ? 61  ASP A CA  1 
ATOM   92  C C   . ASP A 1 12 ? 6.603   -10.207 0.235   1.00 10.83 ? 61  ASP A C   1 
ATOM   93  O O   . ASP A 1 12 ? 7.617   -9.793  0.823   1.00 12.41 ? 61  ASP A O   1 
ATOM   94  C CB  . ASP A 1 12 ? 4.898   -9.128  1.582   1.00 8.80  ? 61  ASP A CB  1 
ATOM   95  C CG  . ASP A 1 12 ? 3.740   -9.222  2.525   1.00 7.65  ? 61  ASP A CG  1 
ATOM   96  O OD1 . ASP A 1 12 ? 3.908   -8.691  3.634   1.00 8.60  ? 61  ASP A OD1 1 
ATOM   97  O OD2 . ASP A 1 12 ? 2.679   -9.799  2.165   1.00 8.32  ? 61  ASP A OD2 1 
ATOM   98  N N   . GLY A 1 13 ? 6.598   -10.458 -1.054  1.00 11.04 ? 62  GLY A N   1 
ATOM   99  C CA  . GLY A 1 13 ? 7.799   -10.187 -1.879  1.00 10.46 ? 62  GLY A CA  1 
ATOM   100 C C   . GLY A 1 13 ? 7.733   -8.930  -2.728  1.00 8.99  ? 62  GLY A C   1 
ATOM   101 O O   . GLY A 1 13 ? 8.783   -8.381  -3.111  1.00 10.61 ? 62  GLY A O   1 
ATOM   102 N N   . THR A 1 14 ? 6.518   -8.491  -3.068  1.00 7.52  ? 63  THR A N   1 
ATOM   103 C CA  . THR A 1 14 ? 6.382   -7.411  -4.011  1.00 6.70  ? 63  THR A CA  1 
ATOM   104 C C   . THR A 1 14 ? 5.375   -6.401  -3.530  1.00 6.08  ? 63  THR A C   1 
ATOM   105 O O   . THR A 1 14 ? 4.560   -6.675  -2.626  1.00 6.09  ? 63  THR A O   1 
ATOM   106 C CB  . THR A 1 14 ? 5.940   -7.901  -5.414  1.00 6.75  ? 63  THR A CB  1 
ATOM   107 O OG1 . THR A 1 14 ? 4.543   -8.236  -5.376  1.00 6.26  ? 63  THR A OG1 1 
ATOM   108 C CG2 . THR A 1 14 ? 6.740   -9.111  -5.904  1.00 8.69  ? 63  THR A CG2 1 
ATOM   109 N N   . LEU A 1 15 ? 5.387   -5.240  -4.172  1.00 6.08  ? 64  LEU A N   1 
ATOM   110 C CA  . LEU A 1 15 ? 4.461   -4.167  -3.873  1.00 5.76  ? 64  LEU A CA  1 
ATOM   111 C C   . LEU A 1 15 ? 3.005   -4.641  -4.039  1.00 5.33  ? 64  LEU A C   1 
ATOM   112 O O   . LEU A 1 15 ? 2.176   -4.464  -3.132  1.00 5.61  ? 64  LEU A O   1 
ATOM   113 C CB  . LEU A 1 15 ? 4.752   -2.983  -4.797  1.00 5.97  ? 64  LEU A CB  1 
ATOM   114 C CG  . LEU A 1 15 ? 3.825   -1.791  -4.681  1.00 6.01  ? 64  LEU A CG  1 
ATOM   115 C CD1 . LEU A 1 15 ? 3.818   -1.187  -3.286  1.00 7.21  ? 64  LEU A CD1 1 
ATOM   116 C CD2 . LEU A 1 15 ? 4.217   -0.741  -5.734  1.00 7.08  ? 64  LEU A CD2 1 
ATOM   117 N N   . LYS A 1 16 ? 2.679   -5.195  -5.207  1.00 5.11  ? 65  LYS A N   1 
ATOM   118 C CA  . LYS A 1 16 ? 1.311   -5.601  -5.470  1.00 5.49  ? 65  LYS A CA  1 
ATOM   119 C C   . LYS A 1 16 ? 0.884   -6.707  -4.505  1.00 5.56  ? 65  LYS A C   1 
ATOM   120 O O   . LYS A 1 16 ? -0.254  -6.689  -4.046  1.00 5.96  ? 65  LYS A O   1 
ATOM   121 C CB  . LYS A 1 16 ? 1.157   -6.054  -6.926  1.00 5.98  ? 65  LYS A CB  1 
ATOM   122 C CG  . LYS A 1 16 ? -0.302  -6.323  -7.309  1.00 6.68  ? 65  LYS A CG  1 
ATOM   123 C CD  . LYS A 1 16 ? -0.432  -6.731  -8.777  1.00 8.47  ? 65  LYS A CD  1 
ATOM   124 C CE  . LYS A 1 16 ? 0.245   -8.031  -9.069  1.00 10.13 ? 65  LYS A CE  1 
ATOM   125 N NZ  . LYS A 1 16 ? 0.043   -8.463  -10.493 1.00 12.21 ? 65  LYS A NZ  1 
ATOM   126 N N   . THR A 1 17 ? 1.750   -7.691  -4.283  1.00 5.77  ? 66  THR A N   1 
ATOM   127 C CA  . THR A 1 17 ? 1.331   -8.819  -3.448  1.00 6.34  ? 66  THR A CA  1 
ATOM   128 C C   . THR A 1 17 ? 1.203   -8.416  -1.978  1.00 5.53  ? 66  THR A C   1 
ATOM   129 O O   . THR A 1 17 ? 0.304   -8.919  -1.277  1.00 5.98  ? 66  THR A O   1 
ATOM   130 C CB  . THR A 1 17 ? 2.207   -10.042 -3.681  1.00 7.02  ? 66  THR A CB  1 
ATOM   131 O OG1 . THR A 1 17 ? 3.551   -9.789  -3.371  1.00 8.81  ? 66  THR A OG1 1 
ATOM   132 C CG2 . THR A 1 17 ? 2.041   -10.577 -5.120  1.00 10.17 ? 66  THR A CG2 1 
ATOM   133 N N   . MET A 1 18 ? 2.074   -7.527  -1.489  1.00 5.17  ? 67  MET A N   1 
ATOM   134 C CA  . MET A 1 18 ? 1.893   -7.008  -0.146  1.00 5.72  ? 67  MET A CA  1 
ATOM   135 C C   . MET A 1 18 ? 0.555   -6.301  -0.048  1.00 4.92  ? 67  MET A C   1 
ATOM   136 O O   . MET A 1 18 ? -0.215  -6.487  0.911   1.00 5.53  ? 67  MET A O   1 
ATOM   137 C CB  . MET A 1 18 ? 3.022   -6.058  0.243   1.00 5.20  ? 67  MET A CB  1 
ATOM   138 C CG  . MET A 1 18 ? 2.898   -5.588  1.692   1.00 5.71  ? 67  MET A CG  1 
ATOM   139 S SD  . MET A 1 18 ? 4.197   -4.461  2.188   1.00 6.36  ? 67  MET A SD  1 
ATOM   140 C CE  . MET A 1 18 ? 3.716   -3.000  1.230   1.00 7.40  ? 67  MET A CE  1 
ATOM   141 N N   . LEU A 1 19 ? 0.266   -5.446  -1.025  1.00 5.04  ? 68  LEU A N   1 
ATOM   142 C CA  . LEU A 1 19 ? -0.993  -4.706  -1.000  1.00 5.46  ? 68  LEU A CA  1 
ATOM   143 C C   . LEU A 1 19 ? -2.208  -5.629  -1.153  1.00 4.95  ? 68  LEU A C   1 
ATOM   144 O O   . LEU A 1 19 ? -3.259  -5.332  -0.615  1.00 5.55  ? 68  LEU A O   1 
ATOM   145 C CB  . LEU A 1 19 ? -0.972  -3.610  -2.054  1.00 5.50  ? 68  LEU A CB  1 
ATOM   146 C CG  . LEU A 1 19 ? -0.098  -2.417  -1.665  1.00 5.84  ? 68  LEU A CG  1 
ATOM   147 C CD1 . LEU A 1 19 ? 0.049   -1.490  -2.859  1.00 6.76  ? 68  LEU A CD1 1 
ATOM   148 C CD2 . LEU A 1 19 ? -0.694  -1.688  -0.481  1.00 8.10  ? 68  LEU A CD2 1 
ATOM   149 N N   . GLU A 1 20 ? -2.098  -6.721  -1.913  1.00 5.17  ? 69  GLU A N   1 
ATOM   150 C CA  . GLU A 1 20 ? -3.188  -7.679  -1.973  1.00 5.68  ? 69  GLU A CA  1 
ATOM   151 C C   . GLU A 1 20 ? -3.498  -8.187  -0.554  1.00 5.65  ? 69  GLU A C   1 
ATOM   152 O O   . GLU A 1 20 ? -4.667  -8.335  -0.182  1.00 5.58  ? 69  GLU A O   1 
ATOM   153 C CB  . GLU A 1 20 ? -2.835  -8.870  -2.875  1.00 6.47  ? 69  GLU A CB  1 
ATOM   154 C CG  . GLU A 1 20 ? -2.876  -8.548  -4.330  1.00 9.09  ? 69  GLU A CG  1 
ATOM   155 C CD  . GLU A 1 20 ? -2.290  -9.639  -5.203  1.00 11.84 ? 69  GLU A CD  1 
ATOM   156 O OE1 . GLU A 1 20 ? -2.352  -9.451  -6.449  1.00 16.07 ? 69  GLU A OE1 1 
ATOM   157 O OE2 . GLU A 1 20 ? -1.770  -10.651 -4.696  1.00 17.63 ? 69  GLU A OE2 1 
ATOM   158 N N   . ARG A 1 21 ? -2.438  -8.453  0.227   1.00 5.43  ? 70  ARG A N   1 
ATOM   159 C CA  . ARG A 1 21 ? -2.637  -8.904  1.600   1.00 5.78  ? 70  ARG A CA  1 
ATOM   160 C C   . ARG A 1 21 ? -3.236  -7.791  2.455   1.00 5.21  ? 70  ARG A C   1 
ATOM   161 O O   . ARG A 1 21 ? -4.201  -8.039  3.213   1.00 5.73  ? 70  ARG A O   1 
ATOM   162 C CB  . ARG A 1 21 ? -1.350  -9.476  2.183   1.00 5.42  ? 70  ARG A CB  1 
ATOM   163 C CG  . ARG A 1 21 ? -1.570  -10.029 3.577   1.00 5.74  ? 70  ARG A CG  1 
ATOM   164 C CD  . ARG A 1 21 ? -0.305  -10.684 4.171   1.00 6.32  ? 70  ARG A CD  1 
ATOM   165 N NE  . ARG A 1 21 ? 0.765   -9.701  4.304   1.00 6.42  ? 70  ARG A NE  1 
ATOM   166 C CZ  . ARG A 1 21 ? 0.788   -8.755  5.238   1.00 6.48  ? 70  ARG A CZ  1 
ATOM   167 N NH1 . ARG A 1 21 ? -0.085  -8.741  6.237   1.00 7.67  ? 70  ARG A NH1 1 
ATOM   168 N NH2 . ARG A 1 21 ? 1.718   -7.810  5.184   1.00 7.86  ? 70  ARG A NH2 1 
ATOM   169 N N   . TRP A 1 22 ? -2.670  -6.573  2.402   1.00 5.24  ? 71  TRP A N   1 
ATOM   170 C CA  . TRP A 1 22 ? -3.264  -5.489  3.191   1.00 5.83  ? 71  TRP A CA  1 
ATOM   171 C C   . TRP A 1 22 ? -4.742  -5.319  2.853   1.00 5.63  ? 71  TRP A C   1 
ATOM   172 O O   . TRP A 1 22 ? -5.572  -5.081  3.722   1.00 6.37  ? 71  TRP A O   1 
ATOM   173 C CB  . TRP A 1 22 ? -2.553  -4.171  2.932   1.00 5.62  ? 71  TRP A CB  1 
ATOM   174 C CG  . TRP A 1 22 ? -1.149  -4.072  3.482   1.00 5.35  ? 71  TRP A CG  1 
ATOM   175 C CD1 . TRP A 1 22 ? -0.366  -5.061  4.049   1.00 5.91  ? 71  TRP A CD1 1 
ATOM   176 C CD2 . TRP A 1 22 ? -0.351  -2.875  3.498   1.00 5.29  ? 71  TRP A CD2 1 
ATOM   177 N NE1 . TRP A 1 22 ? 0.869   -4.540  4.416   1.00 5.96  ? 71  TRP A NE1 1 
ATOM   178 C CE2 . TRP A 1 22 ? 0.901   -3.204  4.085   1.00 5.73  ? 71  TRP A CE2 1 
ATOM   179 C CE3 . TRP A 1 22 ? -0.589  -1.558  3.084   1.00 6.44  ? 71  TRP A CE3 1 
ATOM   180 C CZ2 . TRP A 1 22 ? 1.904   -2.248  4.265   1.00 6.45  ? 71  TRP A CZ2 1 
ATOM   181 C CZ3 . TRP A 1 22 ? 0.413   -0.616  3.263   1.00 6.75  ? 71  TRP A CZ3 1 
ATOM   182 C CH2 . TRP A 1 22 ? 1.637   -0.970  3.832   1.00 7.03  ? 71  TRP A CH2 1 
ATOM   183 N N   . ALA A 1 23 ? -5.076  -5.415  1.563   1.00 5.69  ? 72  ALA A N   1 
ATOM   184 C CA  . ALA A 1 23 ? -6.463  -5.239  1.110   1.00 6.60  ? 72  ALA A CA  1 
ATOM   185 C C   . ALA A 1 23 ? -7.346  -6.373  1.670   1.00 6.46  ? 72  ALA A C   1 
ATOM   186 O O   . ALA A 1 23 ? -8.413  -6.141  2.256   1.00 7.45  ? 72  ALA A O   1 
ATOM   187 C CB  . ALA A 1 23 ? -6.546  -5.202  -0.401  1.00 7.53  ? 72  ALA A CB  1 
ATOM   188 N N   . ALA A 1 24 ? -6.888  -7.615  1.526   1.00 6.60  ? 73  ALA A N   1 
ATOM   189 C CA  . ALA A 1 24 ? -7.611  -8.785  2.051   1.00 8.23  ? 73  ALA A CA  1 
ATOM   190 C C   . ALA A 1 24 ? -7.805  -8.664  3.560   1.00 7.53  ? 73  ALA A C   1 
ATOM   191 O O   . ALA A 1 24 ? -8.857  -9.033  4.102   1.00 9.58  ? 73  ALA A O   1 
ATOM   192 C CB  . ALA A 1 24 ? -6.862  -10.044 1.715   1.00 8.37  ? 73  ALA A CB  1 
ATOM   193 N N   . ASP A 1 25 ? -6.791  -8.157  4.236   1.00 7.28  ? 74  ASP A N   1 
ATOM   194 C CA  . ASP A 1 25 ? -6.822  -8.012  5.682   1.00 7.93  ? 74  ASP A CA  1 
ATOM   195 C C   . ASP A 1 25 ? -7.786  -6.921  6.145   1.00 8.22  ? 74  ASP A C   1 
ATOM   196 O O   . ASP A 1 25 ? -8.058  -6.814  7.359   1.00 10.36 ? 74  ASP A O   1 
ATOM   197 C CB  . ASP A 1 25 ? -5.430  -7.629  6.193   1.00 8.30  ? 74  ASP A CB  1 
ATOM   198 C CG  . ASP A 1 25 ? -4.387  -8.746  6.053   1.00 9.04  ? 74  ASP A CG  1 
ATOM   199 O OD1 . ASP A 1 25 ? -4.772  -9.902  5.775   1.00 11.71 ? 74  ASP A OD1 1 
ATOM   200 O OD2 . ASP A 1 25 ? -3.187  -8.412  6.196   1.00 10.74 ? 74  ASP A OD2 1 
ATOM   201 N N   . SER A 1 26 ? -8.237  -6.088  5.208   1.00 7.40  ? 75  SER A N   1 
ATOM   202 C CA  A SER A 1 26 ? -9.018  -4.885  5.513   0.70 7.75  ? 75  SER A CA  1 
ATOM   203 C CA  B SER A 1 26 ? -9.045  -4.921  5.569   0.30 8.46  ? 75  SER A CA  1 
ATOM   204 C C   . SER A 1 26 ? -10.395 -4.890  4.870   1.00 8.15  ? 75  SER A C   1 
ATOM   205 O O   . SER A 1 26 ? -11.095 -3.889  4.928   1.00 9.46  ? 75  SER A O   1 
ATOM   206 C CB  A SER A 1 26 ? -8.259  -3.654  5.005   0.70 7.28  ? 75  SER A CB  1 
ATOM   207 C CB  B SER A 1 26 ? -8.281  -3.628  5.262   0.30 8.70  ? 75  SER A CB  1 
ATOM   208 O OG  A SER A 1 26 ? -6.959  -3.642  5.569   0.70 6.78  ? 75  SER A OG  1 
ATOM   209 O OG  B SER A 1 26 ? -7.990  -3.533  3.880   0.30 10.32 ? 75  SER A OG  1 
ATOM   210 N N   . ASN A 1 27 ? -10.774 -5.973  4.192   1.00 8.46  ? 76  ASN A N   1 
ATOM   211 C CA  . ASN A 1 27 ? -12.041 -5.993  3.413   1.00 8.39  ? 76  ASN A CA  1 
ATOM   212 C C   . ASN A 1 27 ? -12.064 -4.841  2.409   1.00 8.71  ? 76  ASN A C   1 
ATOM   213 O O   . ASN A 1 27 ? -13.096 -4.170  2.194   1.00 9.74  ? 76  ASN A O   1 
ATOM   214 C CB  . ASN A 1 27 ? -13.295 -5.933  4.300   1.00 9.42  ? 76  ASN A CB  1 
ATOM   215 C CG  . ASN A 1 27 ? -13.612 -7.252  4.971   1.00 12.45 ? 76  ASN A CG  1 
ATOM   216 O OD1 . ASN A 1 27 ? -12.997 -8.272  4.731   1.00 13.24 ? 76  ASN A OD1 1 
ATOM   217 N ND2 . ASN A 1 27 ? -14.678 -7.256  5.755   1.00 15.77 ? 76  ASN A ND2 1 
ATOM   218 N N   . MET A 1 28 ? -10.913 -4.620  1.796   1.00 8.38  ? 77  MET A N   1 
ATOM   219 C CA  . MET A 1 28 ? -10.746 -3.592  0.760   1.00 8.79  ? 77  MET A CA  1 
ATOM   220 C C   . MET A 1 28 ? -10.398 -4.219  -0.570  1.00 10.16 ? 77  MET A C   1 
ATOM   221 O O   . MET A 1 28 ? -9.973  -5.392  -0.596  1.00 12.49 ? 77  MET A O   1 
ATOM   222 C CB  . MET A 1 28 ? -9.648  -2.597  1.153   1.00 9.07  ? 77  MET A CB  1 
ATOM   223 C CG  . MET A 1 28 ? -10.004 -1.761  2.371   1.00 10.65 ? 77  MET A CG  1 
ATOM   224 S SD  . MET A 1 28 ? -8.655  -0.738  2.973   1.00 11.91 ? 77  MET A SD  1 
ATOM   225 C CE  . MET A 1 28 ? -8.825  0.582   1.842   1.00 14.18 ? 77  MET A CE  1 
ATOM   226 N N   . GLN A 1 29 ? -10.684 -3.499  -1.660  1.00 11.15 ? 78  GLN A N   1 
ATOM   227 C CA  A GLN A 1 29 ? -10.339 -3.753  -3.106  0.60 10.49 ? 78  GLN A CA  1 
ATOM   228 C CA  B GLN A 1 29 ? -10.038 -4.039  -2.822  0.40 10.19 ? 78  GLN A CA  1 
ATOM   229 C C   . GLN A 1 29 ? -8.897  -3.217  -3.296  1.00 9.76  ? 78  GLN A C   1 
ATOM   230 O O   . GLN A 1 29 ? -8.653  -2.129  -2.825  1.00 11.00 ? 78  GLN A O   1 
ATOM   231 C CB  A GLN A 1 29 ? -11.341 -3.011  -4.084  0.60 9.21  ? 78  GLN A CB  1 
ATOM   232 C CB  B GLN A 1 29 ? -11.015 -4.283  -3.900  0.40 8.84  ? 78  GLN A CB  1 
ATOM   233 C CG  A GLN A 1 29 ? -10.987 -3.105  -5.596  0.60 11.76 ? 78  GLN A CG  1 
ATOM   234 C CG  B GLN A 1 29 ? -12.031 -5.266  -3.441  0.40 8.70  ? 78  GLN A CG  1 
ATOM   235 C CD  A GLN A 1 29 ? -12.018 -2.481  -6.557  0.60 11.25 ? 78  GLN A CD  1 
ATOM   236 C CD  B GLN A 1 29 ? -13.350 -5.004  -4.048  0.40 8.60  ? 78  GLN A CD  1 
ATOM   237 O OE1 A GLN A 1 29 ? -13.022 -1.867  -6.144  0.60 12.93 ? 78  GLN A OE1 1 
ATOM   238 O OE1 B GLN A 1 29 ? -13.710 -3.865  -4.327  0.40 10.24 ? 78  GLN A OE1 1 
ATOM   239 N NE2 A GLN A 1 29 ? -11.751 -2.622  -7.855  0.60 12.88 ? 78  GLN A NE2 1 
ATOM   240 N NE2 B GLN A 1 29 ? -14.108 -6.061  -4.254  0.40 9.61  ? 78  GLN A NE2 1 
ATOM   241 N N   . LEU A 1 30 ? -8.051  -3.881  -4.081  1.00 9.40  ? 79  LEU A N   1 
ATOM   242 C CA  . LEU A 1 30 ? -6.819  -3.288  -4.586  1.00 8.16  ? 79  LEU A CA  1 
ATOM   243 C C   . LEU A 1 30 ? -7.011  -2.935  -6.058  1.00 7.34  ? 79  LEU A C   1 
ATOM   244 O O   . LEU A 1 30 ? -7.353  -3.812  -6.863  1.00 8.15  ? 79  LEU A O   1 
ATOM   245 C CB  . LEU A 1 30 ? -5.647  -4.263  -4.460  1.00 8.82  ? 79  LEU A CB  1 
ATOM   246 C CG  . LEU A 1 30 ? -4.341  -3.811  -5.118  1.00 8.07  ? 79  LEU A CG  1 
ATOM   247 C CD1 . LEU A 1 30 ? -3.807  -2.543  -4.489  1.00 9.15  ? 79  LEU A CD1 1 
ATOM   248 C CD2 . LEU A 1 30 ? -3.291  -4.917  -5.027  1.00 10.64 ? 79  LEU A CD2 1 
ATOM   249 N N   . SER A 1 31 ? -6.757  -1.673  -6.415  1.00 6.57  ? 80  SER A N   1 
ATOM   250 C CA  A SER A 1 31 ? -6.675  -1.251  -7.808  0.70 6.68  ? 80  SER A CA  1 
ATOM   251 C CA  B SER A 1 31 ? -6.689  -1.228  -7.803  0.30 6.96  ? 80  SER A CA  1 
ATOM   252 C C   . SER A 1 31 ? -5.230  -0.905  -8.095  1.00 6.07  ? 80  SER A C   1 
ATOM   253 O O   . SER A 1 31 ? -4.718  0.119   -7.645  1.00 6.89  ? 80  SER A O   1 
ATOM   254 C CB  A SER A 1 31 ? -7.571  -0.048  -8.047  0.70 8.76  ? 80  SER A CB  1 
ATOM   255 C CB  B SER A 1 31 ? -7.557  0.016   -8.009  0.30 8.02  ? 80  SER A CB  1 
ATOM   256 O OG  A SER A 1 31 ? -8.924  -0.429  -7.868  0.70 11.19 ? 80  SER A OG  1 
ATOM   257 O OG  B SER A 1 31 ? -7.756  0.280   -9.387  0.30 10.00 ? 80  SER A OG  1 
ATOM   258 N N   . TYR A 1 32 ? -4.559  -1.819  -8.785  1.00 6.58  ? 81  TYR A N   1 
ATOM   259 C CA  . TYR A 1 32 ? -3.148  -1.687  -9.073  1.00 6.70  ? 81  TYR A CA  1 
ATOM   260 C C   . TYR A 1 32 ? -2.992  -1.196  -10.507 1.00 6.47  ? 81  TYR A C   1 
ATOM   261 O O   . TYR A 1 32 ? -3.072  -1.961  -11.456 1.00 9.08  ? 81  TYR A O   1 
ATOM   262 C CB  . TYR A 1 32 ? -2.425  -3.023  -8.841  1.00 7.00  ? 81  TYR A CB  1 
ATOM   263 C CG  . TYR A 1 32 ? -0.930  -2.877  -8.911  1.00 6.71  ? 81  TYR A CG  1 
ATOM   264 C CD1 . TYR A 1 32 ? -0.202  -2.446  -7.793  1.00 6.81  ? 81  TYR A CD1 1 
ATOM   265 C CD2 . TYR A 1 32 ? -0.240  -3.118  -10.088 1.00 7.57  ? 81  TYR A CD2 1 
ATOM   266 C CE1 . TYR A 1 32 ? 1.186   -2.240  -7.859  1.00 7.33  ? 81  TYR A CE1 1 
ATOM   267 C CE2 . TYR A 1 32 ? 1.150   -2.934  -10.164 1.00 7.17  ? 81  TYR A CE2 1 
ATOM   268 C CZ  . TYR A 1 32 ? 1.851   -2.475  -9.051  1.00 6.43  ? 81  TYR A CZ  1 
ATOM   269 O OH  . TYR A 1 32 ? 3.195   -2.245  -9.096  1.00 7.15  ? 81  TYR A OH  1 
ATOM   270 N N   . ASN A 1 33 ? -2.816  0.115   -10.666 1.00 5.55  ? 82  ASN A N   1 
ATOM   271 C CA  . ASN A 1 33 ? -2.899  0.763   -11.973 1.00 5.45  ? 82  ASN A CA  1 
ATOM   272 C C   . ASN A 1 33 ? -1.525  1.124   -12.549 1.00 5.38  ? 82  ASN A C   1 
ATOM   273 O O   . ASN A 1 33 ? -1.340  2.204   -13.129 1.00 6.35  ? 82  ASN A O   1 
ATOM   274 C CB  . ASN A 1 33 ? -3.793  2.001   -11.877 1.00 6.02  ? 82  ASN A CB  1 
ATOM   275 C CG  . ASN A 1 33 ? -5.236  1.698   -11.590 1.00 5.89  ? 82  ASN A CG  1 
ATOM   276 O OD1 . ASN A 1 33 ? -5.637  0.552   -11.408 1.00 7.47  ? 82  ASN A OD1 1 
ATOM   277 N ND2 . ASN A 1 33 ? -6.036  2.755   -11.547 1.00 7.39  ? 82  ASN A ND2 1 
ATOM   278 N N   . LEU A 1 34 ? -0.576  0.207   -12.400 1.00 6.08  ? 83  LEU A N   1 
ATOM   279 C CA  . LEU A 1 34 ? 0.755   0.324   -12.974 1.00 5.22  ? 83  LEU A CA  1 
ATOM   280 C C   . LEU A 1 34 ? 1.000   -0.832  -13.915 1.00 5.15  ? 83  LEU A C   1 
ATOM   281 O O   . LEU A 1 34 ? 0.421   -1.917  -13.752 1.00 5.97  ? 83  LEU A O   1 
ATOM   282 C CB  . LEU A 1 34 ? 1.821   0.324   -11.887 1.00 5.56  ? 83  LEU A CB  1 
ATOM   283 C CG  . LEU A 1 34 ? 1.693   1.414   -10.808 1.00 6.08  ? 83  LEU A CG  1 
ATOM   284 C CD1 . LEU A 1 34 ? 2.765   1.216   -9.755  1.00 6.55  ? 83  LEU A CD1 1 
ATOM   285 C CD2 . LEU A 1 34 ? 1.827   2.807   -11.423 1.00 7.38  ? 83  LEU A CD2 1 
ATOM   286 N N   . PRO A 1 35 ? 1.908   -0.655  -14.899 1.00 5.01  ? 84  PRO A N   1 
ATOM   287 C CA  . PRO A 1 35 ? 2.100   -1.723  -15.884 1.00 5.34  ? 84  PRO A CA  1 
ATOM   288 C C   . PRO A 1 35 ? 2.845   -2.935  -15.344 1.00 5.87  ? 84  PRO A C   1 
ATOM   289 O O   . PRO A 1 35 ? 2.704   -4.035  -15.895 1.00 8.13  ? 84  PRO A O   1 
ATOM   290 C CB  . PRO A 1 35 ? 2.945   -1.059  -16.964 1.00 6.26  ? 84  PRO A CB  1 
ATOM   291 C CG  . PRO A 1 35 ? 3.610   0.092   -16.267 1.00 6.19  ? 84  PRO A CG  1 
ATOM   292 C CD  . PRO A 1 35 ? 2.628   0.574   -15.273 1.00 5.70  ? 84  PRO A CD  1 
ATOM   293 N N   . SER A 1 36 ? 3.649   -2.743  -14.295 1.00 5.87  ? 85  SER A N   1 
ATOM   294 C CA  . SER A 1 36 ? 4.474   -3.800  -13.706 1.00 7.23  ? 85  SER A CA  1 
ATOM   295 C C   . SER A 1 36 ? 4.324   -3.778  -12.205 1.00 6.08  ? 85  SER A C   1 
ATOM   296 O O   . SER A 1 36 ? 4.136   -2.707  -11.616 1.00 7.07  ? 85  SER A O   1 
ATOM   297 C CB  . SER A 1 36 ? 5.946   -3.551  -14.043 1.00 9.22  ? 85  SER A CB  1 
ATOM   298 O OG  . SER A 1 36 ? 6.790   -4.594  -13.623 1.00 12.09 ? 85  SER A OG  1 
ATOM   299 N N   . ASP A 1 37 ? 4.513   -4.936  -11.597 1.00 5.58  ? 86  ASP A N   1 
ATOM   300 C CA  . ASP A 1 37 ? 4.769   -5.022  -10.171 1.00 5.48  ? 86  ASP A CA  1 
ATOM   301 C C   . ASP A 1 37 ? 6.234   -4.604  -9.937  1.00 5.17  ? 86  ASP A C   1 
ATOM   302 O O   . ASP A 1 37 ? 7.035   -4.483  -10.871 1.00 6.00  ? 86  ASP A O   1 
ATOM   303 C CB  . ASP A 1 37 ? 4.465   -6.462  -9.724  1.00 5.51  ? 86  ASP A CB  1 
ATOM   304 C CG  . ASP A 1 37 ? 4.255   -6.621  -8.238  1.00 5.58  ? 86  ASP A CG  1 
ATOM   305 O OD1 . ASP A 1 37 ? 3.960   -7.794  -7.858  1.00 6.73  ? 86  ASP A OD1 1 
ATOM   306 O OD2 . ASP A 1 37 ? 4.359   -5.641  -7.467  1.00 5.71  ? 86  ASP A OD2 1 
ATOM   307 N N   . TYR A 1 38 ? 6.556   -4.398  -8.670  1.00 5.34  ? 87  TYR A N   1 
ATOM   308 C CA  . TYR A 1 38 ? 7.898   -4.003  -8.228  1.00 4.99  ? 87  TYR A CA  1 
ATOM   309 C C   . TYR A 1 38 ? 8.235   -4.763  -6.987  1.00 5.37  ? 87  TYR A C   1 
ATOM   310 O O   . TYR A 1 38 ? 7.374   -5.017  -6.129  1.00 6.48  ? 87  TYR A O   1 
ATOM   311 C CB  . TYR A 1 38 ? 7.961   -2.500  -7.878  1.00 6.11  ? 87  TYR A CB  1 
ATOM   312 C CG  . TYR A 1 38 ? 7.843   -1.673  -9.101  1.00 6.08  ? 87  TYR A CG  1 
ATOM   313 C CD1 . TYR A 1 38 ? 8.911   -1.605  -10.020 1.00 6.99  ? 87  TYR A CD1 1 
ATOM   314 C CD2 . TYR A 1 38 ? 6.679   -0.997  -9.406  1.00 8.41  ? 87  TYR A CD2 1 
ATOM   315 C CE1 . TYR A 1 38 ? 8.811   -0.923  -11.184 1.00 8.30  ? 87  TYR A CE1 1 
ATOM   316 C CE2 . TYR A 1 38 ? 6.601   -0.268  -10.585 1.00 10.25 ? 87  TYR A CE2 1 
ATOM   317 C CZ  . TYR A 1 38 ? 7.663   -0.253  -11.461 1.00 9.12  ? 87  TYR A CZ  1 
ATOM   318 O OH  . TYR A 1 38 ? 7.601   0.449   -12.619 1.00 9.13  ? 87  TYR A OH  1 
ATOM   319 N N   . THR A 1 39 ? 9.505   -5.109  -6.824  1.00 5.59  ? 88  THR A N   1 
ATOM   320 C CA  A THR A 1 39 ? 9.928   -5.686  -5.575  0.70 5.60  ? 88  THR A CA  1 
ATOM   321 C CA  B THR A 1 39 ? 9.967   -5.667  -5.572  0.30 5.25  ? 88  THR A CA  1 
ATOM   322 C C   . THR A 1 39 ? 9.741   -4.656  -4.459  1.00 5.14  ? 88  THR A C   1 
ATOM   323 O O   . THR A 1 39 ? 9.740   -3.446  -4.683  1.00 6.44  ? 88  THR A O   1 
ATOM   324 C CB  A THR A 1 39 ? 11.345  -6.205  -5.656  0.70 7.12  ? 88  THR A CB  1 
ATOM   325 C CB  B THR A 1 39 ? 11.444  -6.023  -5.667  0.30 5.44  ? 88  THR A CB  1 
ATOM   326 O OG1 A THR A 1 39 ? 11.513  -7.166  -4.613  0.70 8.78  ? 88  THR A OG1 1 
ATOM   327 O OG1 B THR A 1 39 ? 12.216  -4.858  -5.979  0.30 6.87  ? 88  THR A OG1 1 
ATOM   328 C CG2 A THR A 1 39 ? 12.323  -5.137  -5.467  0.70 7.85  ? 88  THR A CG2 1 
ATOM   329 C CG2 B THR A 1 39 ? 11.614  -7.039  -6.762  0.30 4.82  ? 88  THR A CG2 1 
ATOM   330 N N   . LEU A 1 40 ? 9.615   -5.151  -3.231  1.00 5.60  ? 89  LEU A N   1 
ATOM   331 C CA  . LEU A 1 40 ? 9.681   -4.297  -2.068  1.00 6.20  ? 89  LEU A CA  1 
ATOM   332 C C   . LEU A 1 40 ? 11.113  -3.830  -1.877  1.00 7.00  ? 89  LEU A C   1 
ATOM   333 O O   . LEU A 1 40 ? 12.043  -4.658  -1.837  1.00 10.25 ? 89  LEU A O   1 
ATOM   334 C CB  . LEU A 1 40 ? 9.216   -5.060  -0.815  1.00 7.46  ? 89  LEU A CB  1 
ATOM   335 C CG  . LEU A 1 40 ? 7.758   -5.526  -0.888  1.00 7.53  ? 89  LEU A CG  1 
ATOM   336 C CD1 . LEU A 1 40 ? 7.383   -6.379  0.323   1.00 11.11 ? 89  LEU A CD1 1 
ATOM   337 C CD2 . LEU A 1 40 ? 6.805   -4.359  -0.983  1.00 7.44  ? 89  LEU A CD2 1 
ATOM   338 N N   . ILE A 1 41 ? 11.303  -2.529  -1.704  1.00 6.32  ? 90  ILE A N   1 
ATOM   339 C CA  . ILE A 1 41 ? 12.629  -1.994  -1.402  1.00 6.46  ? 90  ILE A CA  1 
ATOM   340 C C   . ILE A 1 41 ? 12.801  -1.802  0.090   1.00 6.08  ? 90  ILE A C   1 
ATOM   341 O O   . ILE A 1 41 ? 11.825  -1.714  0.841   1.00 6.72  ? 90  ILE A O   1 
ATOM   342 C CB  . ILE A 1 41 ? 12.914  -0.698  -2.208  1.00 6.63  ? 90  ILE A CB  1 
ATOM   343 C CG1 . ILE A 1 41 ? 11.874  0.392   -1.934  1.00 7.12  ? 90  ILE A CG1 1 
ATOM   344 C CG2 . ILE A 1 41 ? 12.942  -1.036  -3.671  1.00 9.19  ? 90  ILE A CG2 1 
ATOM   345 C CD1 . ILE A 1 41 ? 12.339  1.753   -2.479  1.00 7.84  ? 90  ILE A CD1 1 
ATOM   346 N N   . GLY A 1 42 ? 14.054  -1.763  0.523   1.00 6.41  ? 91  GLY A N   1 
ATOM   347 C CA  . GLY A 1 42 ? 14.376  -1.671  1.938   1.00 6.56  ? 91  GLY A CA  1 
ATOM   348 C C   . GLY A 1 42 ? 13.526  -0.737  2.777   1.00 6.60  ? 91  GLY A C   1 
ATOM   349 O O   . GLY A 1 42 ? 13.122  -1.131  3.855   1.00 7.65  ? 91  GLY A O   1 
ATOM   350 N N   . PRO A 1 43 ? 13.272  0.512   2.330   1.00 6.61  ? 92  PRO A N   1 
ATOM   351 C CA  . PRO A 1 43 ? 12.482  1.457   3.125   1.00 7.99  ? 92  PRO A CA  1 
ATOM   352 C C   . PRO A 1 43 ? 11.087  0.962   3.514   1.00 6.28  ? 92  PRO A C   1 
ATOM   353 O O   . PRO A 1 43 ? 10.510  1.475   4.468   1.00 8.15  ? 92  PRO A O   1 
ATOM   354 C CB  . PRO A 1 43 ? 12.425  2.722   2.229   1.00 9.52  ? 92  PRO A CB  1 
ATOM   355 C CG  . PRO A 1 43 ? 13.511  2.613   1.312   1.00 9.67  ? 92  PRO A CG  1 
ATOM   356 C CD  . PRO A 1 43 ? 13.902  1.171   1.172   1.00 7.56  ? 92  PRO A CD  1 
ATOM   357 N N   . VAL A 1 44 ? 10.534  0.005   2.772   1.00 5.95  ? 93  VAL A N   1 
ATOM   358 C CA  . VAL A 1 44 ? 9.239   -0.546  3.166   1.00 6.11  ? 93  VAL A CA  1 
ATOM   359 C C   . VAL A 1 44 ? 9.318   -1.210  4.550   1.00 6.61  ? 93  VAL A C   1 
ATOM   360 O O   . VAL A 1 44 ? 8.307   -1.281  5.258   1.00 6.43  ? 93  VAL A O   1 
ATOM   361 C CB  . VAL A 1 44 ? 8.712   -1.547  2.102   1.00 6.24  ? 93  VAL A CB  1 
ATOM   362 C CG1 . VAL A 1 44 ? 7.413   -2.162  2.490   1.00 8.06  ? 93  VAL A CG1 1 
ATOM   363 C CG2 . VAL A 1 44 ? 8.570   -0.906  0.760   1.00 6.68  ? 93  VAL A CG2 1 
ATOM   364 N N   . SER A 1 45 ? 10.520  -1.663  4.938   1.00 7.62  ? 94  SER A N   1 
ATOM   365 C CA  . SER A 1 45 ? 10.704  -2.322  6.239   1.00 9.34  ? 94  SER A CA  1 
ATOM   366 C C   . SER A 1 45 ? 10.462  -1.365  7.410   1.00 9.77  ? 94  SER A C   1 
ATOM   367 O O   . SER A 1 45 ? 10.298  -1.822  8.544   1.00 14.05 ? 94  SER A O   1 
ATOM   368 C CB  . SER A 1 45 ? 12.069  -2.985  6.265   1.00 11.48 ? 94  SER A CB  1 
ATOM   369 O OG  . SER A 1 45 ? 12.044  -4.083  5.346   1.00 13.63 ? 94  SER A OG  1 
ATOM   370 N N   . ALA A 1 46 ? 10.411  -0.064  7.184   1.00 10.11 ? 95  ALA A N   1 
ATOM   371 C CA  . ALA A 1 46 ? 10.119  0.901   8.239   1.00 10.67 ? 95  ALA A CA  1 
ATOM   372 C C   . ALA A 1 46 ? 8.641   0.936   8.614   1.00 9.78  ? 95  ALA A C   1 
ATOM   373 O O   . ALA A 1 46 ? 8.293   1.481   9.662   1.00 12.17 ? 95  ALA A O   1 
ATOM   374 C CB  . ALA A 1 46 ? 10.591  2.290   7.819   1.00 12.71 ? 95  ALA A CB  1 
ATOM   375 N N   . ILE A 1 47 ? 7.754   0.416   7.757   1.00 7.17  ? 96  ILE A N   1 
ATOM   376 C CA  . ILE A 1 47 ? 6.329   0.622   7.974   1.00 7.02  ? 96  ILE A CA  1 
ATOM   377 C C   . ILE A 1 47 ? 5.803   -0.374  8.991   1.00 6.96  ? 96  ILE A C   1 
ATOM   378 O O   . ILE A 1 47 ? 5.962   -1.593  8.829   1.00 7.55  ? 96  ILE A O   1 
ATOM   379 C CB  . ILE A 1 47 ? 5.566   0.469   6.661   1.00 7.02  ? 96  ILE A CB  1 
ATOM   380 C CG1 . ILE A 1 47 ? 6.111   1.468   5.625   1.00 7.92  ? 96  ILE A CG1 1 
ATOM   381 C CG2 . ILE A 1 47 ? 4.067   0.636   6.909   1.00 8.02  ? 96  ILE A CG2 1 
ATOM   382 C CD1 . ILE A 1 47 ? 5.480   1.303   4.231   1.00 8.47  ? 96  ILE A CD1 1 
ATOM   383 N N   . SER A 1 48 ? 5.169   0.134   10.032  1.00 7.44  ? 97  SER A N   1 
ATOM   384 C CA  . SER A 1 48 ? 4.520   -0.722  11.011  1.00 8.32  ? 97  SER A CA  1 
ATOM   385 C C   . SER A 1 48 ? 3.539   0.135   11.767  1.00 8.14  ? 97  SER A C   1 
ATOM   386 O O   . SER A 1 48 ? 3.917   0.844   12.700  1.00 10.38 ? 97  SER A O   1 
ATOM   387 C CB  . SER A 1 48 ? 5.549   -1.312  11.982  1.00 11.91 ? 97  SER A CB  1 
ATOM   388 O OG  . SER A 1 48 ? 4.903   -2.020  13.028  1.00 16.33 ? 97  SER A OG  1 
ATOM   389 N N   . THR A 1 49 ? 2.277   0.092   11.362  1.00 6.77  ? 98  THR A N   1 
ATOM   390 C CA  . THR A 1 49 ? 1.279   0.985   11.933  1.00 6.59  ? 98  THR A CA  1 
ATOM   391 C C   . THR A 1 49 ? -0.094  0.375   11.864  1.00 6.63  ? 98  THR A C   1 
ATOM   392 O O   . THR A 1 49 ? -0.424  -0.345  10.919  1.00 6.81  ? 98  THR A O   1 
ATOM   393 C CB  . THR A 1 49 ? 1.299   2.365   11.224  1.00 6.74  ? 98  THR A CB  1 
ATOM   394 O OG1 . THR A 1 49 ? 0.198   3.159   11.678  1.00 6.86  ? 98  THR A OG1 1 
ATOM   395 C CG2 . THR A 1 49 ? 1.185   2.202   9.729   1.00 6.31  ? 98  THR A CG2 1 
ATOM   396 N N   . THR A 1 50 ? -0.926  0.675   12.863  1.00 6.95  ? 99  THR A N   1 
ATOM   397 C CA  . THR A 1 50 ? -2.313  0.256   12.845  1.00 7.18  ? 99  THR A CA  1 
ATOM   398 C C   . THR A 1 50 ? -3.168  1.088   11.877  1.00 6.73  ? 99  THR A C   1 
ATOM   399 O O   . THR A 1 50 ? -4.313  0.719   11.612  1.00 7.97  ? 99  THR A O   1 
ATOM   400 C CB  . THR A 1 50 ? -2.960  0.334   14.248  1.00 8.47  ? 99  THR A CB  1 
ATOM   401 O OG1 . THR A 1 50 ? -2.900  1.693   14.689  1.00 9.96  ? 99  THR A OG1 1 
ATOM   402 C CG2 . THR A 1 50 ? -2.269  -0.605  15.234  1.00 10.05 ? 99  THR A CG2 1 
ATOM   403 N N   . SER A 1 51 ? -2.635  2.217   11.391  1.00 6.40  ? 100 SER A N   1 
ATOM   404 C CA  . SER A 1 51 ? -3.391  3.141   10.544  1.00 6.45  ? 100 SER A CA  1 
ATOM   405 C C   . SER A 1 51 ? -3.187  2.828   9.079   1.00 5.80  ? 100 SER A C   1 
ATOM   406 O O   . SER A 1 51 ? -2.068  2.957   8.579   1.00 5.56  ? 100 SER A O   1 
ATOM   407 C CB  . SER A 1 51 ? -2.908  4.555   10.830  1.00 6.61  ? 100 SER A CB  1 
ATOM   408 O OG  . SER A 1 51 ? -3.390  5.460   9.845   1.00 7.00  ? 100 SER A OG  1 
ATOM   409 N N   . VAL A 1 52 ? -4.255  2.442   8.393   1.00 5.88  ? 101 VAL A N   1 
ATOM   410 C CA  . VAL A 1 52 ? -4.122  2.208   6.959   1.00 6.18  ? 101 VAL A CA  1 
ATOM   411 C C   . VAL A 1 52 ? -3.751  3.482   6.221   1.00 5.48  ? 101 VAL A C   1 
ATOM   412 O O   . VAL A 1 52 ? -3.003  3.448   5.235   1.00 5.76  ? 101 VAL A O   1 
ATOM   413 C CB  . VAL A 1 52 ? -5.369  1.510   6.367   1.00 6.88  ? 101 VAL A CB  1 
ATOM   414 C CG1 . VAL A 1 52 ? -6.608  2.430   6.312   1.00 8.24  ? 101 VAL A CG1 1 
ATOM   415 C CG2 . VAL A 1 52 ? -5.037  0.906   5.019   1.00 7.70  ? 101 VAL A CG2 1 
ATOM   416 N N   . GLN A 1 53 ? -4.261  4.635   6.676   1.00 5.76  ? 102 GLN A N   1 
ATOM   417 C CA  . GLN A 1 53 ? -3.886  5.901   6.041   1.00 5.55  ? 102 GLN A CA  1 
ATOM   418 C C   . GLN A 1 53 ? -2.387  6.128   6.181   1.00 5.17  ? 102 GLN A C   1 
ATOM   419 O O   . GLN A 1 53 ? -1.705  6.498   5.202   1.00 5.53  ? 102 GLN A O   1 
ATOM   420 C CB  . GLN A 1 53 ? -4.650  7.056   6.681   1.00 6.24  ? 102 GLN A CB  1 
ATOM   421 C CG  . GLN A 1 53 ? -4.240  8.436   6.233   1.00 6.43  ? 102 GLN A CG  1 
ATOM   422 C CD  . GLN A 1 53 ? -4.483  8.716   4.775   1.00 5.94  ? 102 GLN A CD  1 
ATOM   423 O OE1 . GLN A 1 53 ? -5.219  8.003   4.074   1.00 6.89  ? 102 GLN A OE1 1 
ATOM   424 N NE2 . GLN A 1 53 ? -3.858  9.820   4.283   1.00 6.85  ? 102 GLN A NE2 1 
ATOM   425 N N   . GLN A 1 54 ? -1.837  5.952   7.383   1.00 5.29  ? 103 GLN A N   1 
ATOM   426 C CA  . GLN A 1 54 ? -0.411  6.158   7.578   1.00 5.22  ? 103 GLN A CA  1 
ATOM   427 C C   . GLN A 1 54 ? 0.377   5.170   6.723   1.00 5.06  ? 103 GLN A C   1 
ATOM   428 O O   . GLN A 1 54 ? 1.373   5.543   6.098   1.00 5.00  ? 103 GLN A O   1 
ATOM   429 C CB  . GLN A 1 54 ? -0.041  6.043   9.051   1.00 5.45  ? 103 GLN A CB  1 
ATOM   430 C CG  . GLN A 1 54 ? 1.436   6.349   9.281   1.00 5.90  ? 103 GLN A CG  1 
ATOM   431 C CD  . GLN A 1 54 ? 1.820   6.253   10.734  1.00 5.79  ? 103 GLN A CD  1 
ATOM   432 O OE1 . GLN A 1 54 ? 1.088   6.743   11.609  1.00 6.42  ? 103 GLN A OE1 1 
ATOM   433 N NE2 . GLN A 1 54 ? 2.954   5.599   11.024  1.00 6.84  ? 103 GLN A NE2 1 
ATOM   434 N N   . ALA A 1 55 ? -0.031  3.895   6.717   1.00 5.08  ? 104 ALA A N   1 
ATOM   435 C CA  . ALA A 1 55 ? 0.717   2.865   6.006   1.00 5.51  ? 104 ALA A CA  1 
ATOM   436 C C   . ALA A 1 55 ? 0.726   3.129   4.521   1.00 4.79  ? 104 ALA A C   1 
ATOM   437 O O   . ALA A 1 55 ? 1.757   3.050   3.856   1.00 5.09  ? 104 ALA A O   1 
ATOM   438 C CB  . ALA A 1 55 ? 0.142   1.483   6.303   1.00 6.20  ? 104 ALA A CB  1 
ATOM   439 N N   . ALA A 1 56 ? -0.458  3.412   3.955   1.00 5.22  ? 105 ALA A N   1 
ATOM   440 C CA  . ALA A 1 56 ? -0.558  3.673   2.528   1.00 5.31  ? 105 ALA A CA  1 
ATOM   441 C C   . ALA A 1 56 ? 0.285   4.884   2.153   1.00 4.87  ? 105 ALA A C   1 
ATOM   442 O O   . ALA A 1 56 ? 0.940   4.911   1.104   1.00 5.17  ? 105 ALA A O   1 
ATOM   443 C CB  . ALA A 1 56 ? -2.008  3.906   2.137   1.00 6.30  ? 105 ALA A CB  1 
ATOM   444 N N   . THR A 1 57 ? 0.258   5.909   2.998   1.00 4.93  ? 106 THR A N   1 
ATOM   445 C CA  A THR A 1 57 ? 0.977   7.168   2.753   0.70 5.28  ? 106 THR A CA  1 
ATOM   446 C CA  B THR A 1 57 ? 0.983   7.143   2.694   0.30 5.58  ? 106 THR A CA  1 
ATOM   447 C C   . THR A 1 57 ? 2.497   6.964   2.851   1.00 4.94  ? 106 THR A C   1 
ATOM   448 O O   . THR A 1 57 ? 3.266   7.457   2.010   1.00 5.09  ? 106 THR A O   1 
ATOM   449 C CB  A THR A 1 57 ? 0.446   8.241   3.703   0.70 5.60  ? 106 THR A CB  1 
ATOM   450 C CB  B THR A 1 57 ? 0.432   8.368   3.469   0.30 6.00  ? 106 THR A CB  1 
ATOM   451 O OG1 A THR A 1 57 ? -0.964  8.389   3.432   0.70 4.59  ? 106 THR A OG1 1 
ATOM   452 O OG1 B THR A 1 57 ? 0.981   9.576   2.934   0.30 7.96  ? 106 THR A OG1 1 
ATOM   453 C CG2 A THR A 1 57 ? 1.118   9.571   3.517   0.70 5.63  ? 106 THR A CG2 1 
ATOM   454 C CG2 B THR A 1 57 ? 0.762   8.303   4.902   0.30 6.62  ? 106 THR A CG2 1 
ATOM   455 N N   . GLU A 1 58 ? 2.952   6.209   3.854   1.00 5.13  ? 107 GLU A N   1 
ATOM   456 C CA  A GLU A 1 58 ? 4.373   5.867   3.930   0.50 5.50  ? 107 GLU A CA  1 
ATOM   457 C CA  B GLU A 1 58 ? 4.375   5.883   3.921   0.50 5.44  ? 107 GLU A CA  1 
ATOM   458 C C   . GLU A 1 58 ? 4.796   5.119   2.677   1.00 4.93  ? 107 GLU A C   1 
ATOM   459 O O   . GLU A 1 58 ? 5.862   5.382   2.103   1.00 5.51  ? 107 GLU A O   1 
ATOM   460 C CB  A GLU A 1 58 ? 4.676   5.014   5.154   0.50 5.43  ? 107 GLU A CB  1 
ATOM   461 C CB  B GLU A 1 58 ? 4.704   5.099   5.184   0.50 5.41  ? 107 GLU A CB  1 
ATOM   462 C CG  A GLU A 1 58 ? 4.566   5.734   6.482   0.50 6.62  ? 107 GLU A CG  1 
ATOM   463 C CG  B GLU A 1 58 ? 4.667   5.959   6.424   0.50 6.00  ? 107 GLU A CG  1 
ATOM   464 C CD  A GLU A 1 58 ? 5.080   4.873   7.627   0.50 8.42  ? 107 GLU A CD  1 
ATOM   465 C CD  B GLU A 1 58 ? 4.699   5.168   7.725   0.50 6.36  ? 107 GLU A CD  1 
ATOM   466 O OE1 A GLU A 1 58 ? 6.270   4.511   7.573   0.50 11.21 ? 107 GLU A OE1 1 
ATOM   467 O OE1 B GLU A 1 58 ? 4.458   3.943   7.706   0.50 8.43  ? 107 GLU A OE1 1 
ATOM   468 O OE2 A GLU A 1 58 ? 4.308   4.582   8.570   0.50 10.70 ? 107 GLU A OE2 1 
ATOM   469 O OE2 B GLU A 1 58 ? 4.916   5.786   8.786   0.50 6.34  ? 107 GLU A OE2 1 
ATOM   470 N N   . LEU A 1 59 ? 3.981   4.155   2.273   1.00 5.02  ? 108 LEU A N   1 
ATOM   471 C CA  . LEU A 1 59 ? 4.298   3.360   1.090   1.00 5.09  ? 108 LEU A CA  1 
ATOM   472 C C   . LEU A 1 59 ? 4.342   4.223   -0.163  1.00 4.72  ? 108 LEU A C   1 
ATOM   473 O O   . LEU A 1 59 ? 5.218   4.065   -1.033  1.00 5.13  ? 108 LEU A O   1 
ATOM   474 C CB  . LEU A 1 59 ? 3.310   2.227   0.965   1.00 5.25  ? 108 LEU A CB  1 
ATOM   475 C CG  . LEU A 1 59 ? 3.636   1.159   -0.074  1.00 4.66  ? 108 LEU A CG  1 
ATOM   476 C CD1 . LEU A 1 59 ? 4.955   0.473   0.235   1.00 5.50  ? 108 LEU A CD1 1 
ATOM   477 C CD2 . LEU A 1 59 ? 2.497   0.152   -0.134  1.00 5.32  ? 108 LEU A CD2 1 
ATOM   478 N N   . SER A 1 60 ? 3.372   5.134   -0.261  1.00 4.68  ? 109 SER A N   1 
ATOM   479 C CA  . SER A 1 60 ? 3.358   6.100   -1.342  1.00 4.90  ? 109 SER A CA  1 
ATOM   480 C C   . SER A 1 60 ? 4.683   6.860   -1.427  1.00 4.85  ? 109 SER A C   1 
ATOM   481 O O   . SER A 1 60 ? 5.259   7.007   -2.506  1.00 5.42  ? 109 SER A O   1 
ATOM   482 C CB  . SER A 1 60 ? 2.194   7.058   -1.117  1.00 5.12  ? 109 SER A CB  1 
ATOM   483 O OG  . SER A 1 60 ? 1.978   7.827   -2.283  1.00 5.24  ? 109 SER A OG  1 
ATOM   484 N N   . ALA A 1 61 ? 5.173   7.350   -0.294  1.00 5.08  ? 110 ALA A N   1 
ATOM   485 C CA  . ALA A 1 61 ? 6.410   8.108   -0.279  1.00 5.69  ? 110 ALA A CA  1 
ATOM   486 C C   . ALA A 1 61 ? 7.587   7.246   -0.746  1.00 5.09  ? 110 ALA A C   1 
ATOM   487 O O   . ALA A 1 61 ? 8.497   7.742   -1.424  1.00 6.00  ? 110 ALA A O   1 
ATOM   488 C CB  . ALA A 1 61 ? 6.673   8.670   1.088   1.00 6.82  ? 110 ALA A CB  1 
ATOM   489 N N   . VAL A 1 62 ? 7.575   5.950   -0.386  1.00 4.63  ? 111 VAL A N   1 
ATOM   490 C CA  . VAL A 1 62 ? 8.661   5.063   -0.785  1.00 5.22  ? 111 VAL A CA  1 
ATOM   491 C C   . VAL A 1 62 ? 8.746   4.932   -2.297  1.00 4.81  ? 111 VAL A C   1 
ATOM   492 O O   . VAL A 1 62 ? 9.849   4.840   -2.846  1.00 5.38  ? 111 VAL A O   1 
ATOM   493 C CB  . VAL A 1 62 ? 8.499   3.691   -0.101  1.00 5.86  ? 111 VAL A CB  1 
ATOM   494 C CG1 . VAL A 1 62 ? 9.462   2.689   -0.669  1.00 6.41  ? 111 VAL A CG1 1 
ATOM   495 C CG2 . VAL A 1 62 ? 8.676   3.814   1.418   1.00 7.01  ? 111 VAL A CG2 1 
ATOM   496 N N   . TYR A 1 63 ? 7.573   4.891   -2.968  1.00 4.67  ? 112 TYR A N   1 
ATOM   497 C CA  . TYR A 1 63 ? 7.518   4.695   -4.413  1.00 4.89  ? 112 TYR A CA  1 
ATOM   498 C C   . TYR A 1 63 ? 7.305   5.997   -5.193  1.00 4.70  ? 112 TYR A C   1 
ATOM   499 O O   . TYR A 1 63 ? 7.196   5.974   -6.417  1.00 4.89  ? 112 TYR A O   1 
ATOM   500 C CB  . TYR A 1 63 ? 6.481   3.599   -4.778  1.00 4.91  ? 112 TYR A CB  1 
ATOM   501 C CG  . TYR A 1 63 ? 6.977   2.227   -4.395  1.00 5.21  ? 112 TYR A CG  1 
ATOM   502 C CD1 . TYR A 1 63 ? 6.793   1.735   -3.106  1.00 5.27  ? 112 TYR A CD1 1 
ATOM   503 C CD2 . TYR A 1 63 ? 7.692   1.452   -5.316  1.00 5.50  ? 112 TYR A CD2 1 
ATOM   504 C CE1 . TYR A 1 63 ? 7.331   0.493   -2.736  1.00 5.40  ? 112 TYR A CE1 1 
ATOM   505 C CE2 . TYR A 1 63 ? 8.230   0.195   -4.952  1.00 5.40  ? 112 TYR A CE2 1 
ATOM   506 C CZ  . TYR A 1 63 ? 8.039   -0.257  -3.653  1.00 5.44  ? 112 TYR A CZ  1 
ATOM   507 O OH  . TYR A 1 63 ? 8.574   -1.462  -3.215  1.00 5.97  ? 112 TYR A OH  1 
ATOM   508 N N   . ALA A 1 64 ? 7.314   7.145   -4.517  1.00 4.63  ? 113 ALA A N   1 
ATOM   509 C CA  . ALA A 1 64 ? 7.069   8.432   -5.181  1.00 4.93  ? 113 ALA A CA  1 
ATOM   510 C C   . ALA A 1 64 ? 8.103   8.731   -6.242  1.00 4.82  ? 113 ALA A C   1 
ATOM   511 O O   . ALA A 1 64 ? 7.760   9.307   -7.281  1.00 5.51  ? 113 ALA A O   1 
ATOM   512 C CB  . ALA A 1 64 ? 7.030   9.562   -4.168  1.00 5.12  ? 113 ALA A CB  1 
ATOM   513 N N   . ALA A 1 65 ? 9.378   8.411   -5.977  1.00 5.32  ? 114 ALA A N   1 
ATOM   514 C CA  . ALA A 1 65 ? 10.430  8.760   -6.950  1.00 5.38  ? 114 ALA A CA  1 
ATOM   515 C C   . ALA A 1 65 ? 10.338  7.914   -8.207  1.00 5.64  ? 114 ALA A C   1 
ATOM   516 O O   . ALA A 1 65 ? 10.922  8.296   -9.234  1.00 7.08  ? 114 ALA A O   1 
ATOM   517 C CB  . ALA A 1 65 ? 11.812  8.631   -6.317  1.00 6.34  ? 114 ALA A CB  1 
ATOM   518 N N   . GLN A 1 66 ? 9.632   6.791   -8.150  1.00 5.17  ? 115 GLN A N   1 
ATOM   519 C CA  . GLN A 1 66 ? 9.279   5.986   -9.320  1.00 5.51  ? 115 GLN A CA  1 
ATOM   520 C C   . GLN A 1 66 ? 8.044   6.520   -10.059 1.00 5.51  ? 115 GLN A C   1 
ATOM   521 O O   . GLN A 1 66 ? 7.669   5.989   -11.087 1.00 6.47  ? 115 GLN A O   1 
ATOM   522 C CB  . GLN A 1 66 ? 9.102   4.535   -8.841  1.00 5.72  ? 115 GLN A CB  1 
ATOM   523 C CG  . GLN A 1 66 ? 8.858   3.473   -9.879  1.00 6.06  ? 115 GLN A CG  1 
ATOM   524 C CD  . GLN A 1 66 ? 10.022  3.213   -10.809 1.00 5.37  ? 115 GLN A CD  1 
ATOM   525 O OE1 . GLN A 1 66 ? 10.926  4.014   -10.968 1.00 8.20  ? 115 GLN A OE1 1 
ATOM   526 N NE2 . GLN A 1 66 ? 10.041  2.044   -11.403 1.00 9.23  ? 115 GLN A NE2 1 
ATOM   527 N N   . GLY A 1 67 ? 7.432   7.551   -9.494  1.00 5.76  ? 116 GLY A N   1 
ATOM   528 C CA  . GLY A 1 67 ? 6.260   8.201   -10.066 1.00 6.15  ? 116 GLY A CA  1 
ATOM   529 C C   . GLY A 1 67 ? 4.941   7.657   -9.558  1.00 5.78  ? 116 GLY A C   1 
ATOM   530 O O   . GLY A 1 67 ? 3.901   7.913   -10.181 1.00 6.49  ? 116 GLY A O   1 
ATOM   531 N N   . VAL A 1 68 ? 4.949   6.941   -8.432  1.00 5.68  ? 117 VAL A N   1 
ATOM   532 C CA  . VAL A 1 68 ? 3.783   6.202   -7.962  1.00 6.17  ? 117 VAL A CA  1 
ATOM   533 C C   . VAL A 1 68 ? 3.143   6.878   -6.765  1.00 5.40  ? 117 VAL A C   1 
ATOM   534 O O   . VAL A 1 68 ? 3.851   7.363   -5.867  1.00 5.66  ? 117 VAL A O   1 
ATOM   535 C CB  . VAL A 1 68 ? 4.240   4.776   -7.561  1.00 6.30  ? 117 VAL A CB  1 
ATOM   536 C CG1 . VAL A 1 68 ? 3.089   3.980   -6.939  1.00 6.89  ? 117 VAL A CG1 1 
ATOM   537 C CG2 . VAL A 1 68 ? 4.862   4.053   -8.736  1.00 8.05  ? 117 VAL A CG2 1 
ATOM   538 N N   . SER A 1 69 ? 1.801   6.871   -6.752  1.00 5.23  ? 118 SER A N   1 
ATOM   539 C CA  . SER A 1 69 ? 0.995   7.237   -5.599  1.00 5.39  ? 118 SER A CA  1 
ATOM   540 C C   . SER A 1 69 ? 0.250   6.009   -5.082  1.00 5.22  ? 118 SER A C   1 
ATOM   541 O O   . SER A 1 69 ? -0.295  5.231   -5.868  1.00 5.88  ? 118 SER A O   1 
ATOM   542 C CB  . SER A 1 69 ? -0.070  8.255   -6.035  1.00 6.54  ? 118 SER A CB  1 
ATOM   543 O OG  . SER A 1 69 ? -1.007  8.505   -5.010  1.00 7.91  ? 118 SER A OG  1 
ATOM   544 N N   . VAL A 1 70 ? 0.282   5.826   -3.759  1.00 5.29  ? 119 VAL A N   1 
ATOM   545 C CA  . VAL A 1 70 ? -0.553  4.829   -3.083  1.00 5.30  ? 119 VAL A CA  1 
ATOM   546 C C   . VAL A 1 70 ? -1.470  5.582   -2.130  1.00 5.62  ? 119 VAL A C   1 
ATOM   547 O O   . VAL A 1 70 ? -1.004  6.423   -1.359  1.00 6.21  ? 119 VAL A O   1 
ATOM   548 C CB  . VAL A 1 70 ? 0.294   3.829   -2.272  1.00 5.58  ? 119 VAL A CB  1 
ATOM   549 C CG1 . VAL A 1 70 ? -0.617  2.784   -1.594  1.00 6.83  ? 119 VAL A CG1 1 
ATOM   550 C CG2 . VAL A 1 70 ? 1.351   3.147   -3.171  1.00 6.61  ? 119 VAL A CG2 1 
ATOM   551 N N   . SER A 1 71 ? -2.767  5.303   -2.205  1.00 5.75  ? 120 SER A N   1 
ATOM   552 C CA  . SER A 1 71 ? -3.722  6.014   -1.369  1.00 6.36  ? 120 SER A CA  1 
ATOM   553 C C   . SER A 1 71 ? -4.903  5.117   -1.036  1.00 5.89  ? 120 SER A C   1 
ATOM   554 O O   . SER A 1 71 ? -5.075  4.051   -1.634  1.00 6.89  ? 120 SER A O   1 
ATOM   555 C CB  . SER A 1 71 ? -4.192  7.304   -2.047  1.00 7.37  ? 120 SER A CB  1 
ATOM   556 O OG  . SER A 1 71 ? -4.882  7.007   -3.252  1.00 7.79  ? 120 SER A OG  1 
ATOM   557 N N   . VAL A 1 72 ? -5.669  5.561   -0.047  1.00 6.88  ? 121 VAL A N   1 
ATOM   558 C CA  . VAL A 1 72 ? -6.924  4.953   0.345   1.00 7.32  ? 121 VAL A CA  1 
ATOM   559 C C   . VAL A 1 72 ? -8.075  5.784   -0.258  1.00 9.10  ? 121 VAL A C   1 
ATOM   560 O O   . VAL A 1 72 ? -8.172  6.993   0.010   1.00 9.33  ? 121 VAL A O   1 
ATOM   561 C CB  . VAL A 1 72 ? -7.068  4.949   1.877   1.00 8.06  ? 121 VAL A CB  1 
ATOM   562 C CG1 . VAL A 1 72 ? -8.379  4.327   2.273   1.00 10.26 ? 121 VAL A CG1 1 
ATOM   563 C CG2 . VAL A 1 72 ? -5.899  4.231   2.536   1.00 10.19 ? 121 VAL A CG2 1 
ATOM   564 N N   A SER A 1 73 ? -8.872  5.117   -1.105  0.50 10.84 ? 122 SER A N   1 
ATOM   565 N N   B SER A 1 73 ? -8.981  5.149   -1.003  0.50 10.58 ? 122 SER A N   1 
ATOM   566 C CA  A SER A 1 73 ? -10.020 5.678   -1.836  0.50 12.46 ? 122 SER A CA  1 
ATOM   567 C CA  B SER A 1 73 ? -10.152 5.860   -1.552  0.50 12.20 ? 122 SER A CA  1 
ATOM   568 C C   A SER A 1 73 ? -11.196 4.719   -1.548  0.50 13.16 ? 122 SER A C   1 
ATOM   569 C C   B SER A 1 73 ? -11.205 4.902   -2.047  0.50 11.97 ? 122 SER A C   1 
ATOM   570 O O   A SER A 1 73 ? -11.316 3.654   -2.150  0.50 12.62 ? 122 SER A O   1 
ATOM   571 O O   B SER A 1 73 ? -10.886 3.948   -2.714  0.50 10.83 ? 122 SER A O   1 
ATOM   572 C CB  A SER A 1 73 ? -9.696  5.750   -3.344  0.50 13.02 ? 122 SER A CB  1 
ATOM   573 C CB  B SER A 1 73 ? -9.751  6.799   -2.697  0.50 13.71 ? 122 SER A CB  1 
ATOM   574 O OG  A SER A 1 73 ? -10.215 6.898   -4.033  0.50 14.12 ? 122 SER A OG  1 
ATOM   575 O OG  B SER A 1 73 ? -8.861  6.162   -3.590  0.50 14.37 ? 122 SER A OG  1 
ATOM   576 N N   A ALA A 1 74 ? -12.028 5.078   -0.580  0.50 13.90 ? 123 ALA A N   1 
ATOM   577 N N   B ALA A 1 74 ? -12.466 5.178   -1.704  0.50 13.07 ? 123 ALA A N   1 
ATOM   578 C CA  A ALA A 1 74 ? -13.178 4.243   -0.220  0.50 14.44 ? 123 ALA A CA  1 
ATOM   579 C CA  B ALA A 1 74 ? -13.614 4.334   -2.062  0.50 13.57 ? 123 ALA A CA  1 
ATOM   580 C C   A ALA A 1 74 ? -12.749 2.892   0.323   0.50 14.11 ? 123 ALA A C   1 
ATOM   581 C C   B ALA A 1 74 ? -13.508 2.837   -1.669  0.50 13.74 ? 123 ALA A C   1 
ATOM   582 O O   A ALA A 1 74 ? -11.890 2.810   1.198   0.50 14.26 ? 123 ALA A O   1 
ATOM   583 O O   B ALA A 1 74 ? -13.809 1.955   -2.476  0.50 15.65 ? 123 ALA A O   1 
ATOM   584 C CB  A ALA A 1 74 ? -14.116 4.068   -1.404  0.50 14.74 ? 123 ALA A CB  1 
ATOM   585 C CB  B ALA A 1 74 ? -13.960 4.500   -3.540  0.50 13.42 ? 123 ALA A CB  1 
ATOM   586 N N   A ASN A 1 75 ? -13.350 1.826   -0.190  0.50 13.78 ? 124 ASN A N   1 
ATOM   587 N N   B ASN A 1 75 ? -13.087 2.555   -0.436  0.50 14.81 ? 124 ASN A N   1 
ATOM   588 C CA  A ASN A 1 75 ? -12.894 0.495   0.158   0.50 12.90 ? 124 ASN A CA  1 
ATOM   589 C CA  B ASN A 1 75 ? -12.908 1.164   0.058   0.50 14.70 ? 124 ASN A CA  1 
ATOM   590 C C   A ASN A 1 75 ? -11.655 0.110   -0.666  0.50 12.46 ? 124 ASN A C   1 
ATOM   591 C C   B ASN A 1 75 ? -11.840 0.336   -0.683  0.50 13.53 ? 124 ASN A C   1 
ATOM   592 O O   A ASN A 1 75 ? -11.358 -1.084  -0.736  0.50 13.30 ? 124 ASN A O   1 
ATOM   593 O O   B ASN A 1 75 ? -11.823 -0.896  -0.682  0.50 13.90 ? 124 ASN A O   1 
ATOM   594 C CB  A ASN A 1 75 ? -14.021 -0.548  -0.002  0.50 12.89 ? 124 ASN A CB  1 
ATOM   595 C CB  B ASN A 1 75 ? -14.224 0.394   0.148   0.50 15.24 ? 124 ASN A CB  1 
ATOM   596 C CG  A ASN A 1 75 ? -14.441 -0.741  -1.451  0.50 12.94 ? 124 ASN A CG  1 
ATOM   597 C CG  B ASN A 1 75 ? -14.096 -0.832  1.024   0.50 17.11 ? 124 ASN A CG  1 
ATOM   598 O OD1 A ASN A 1 75 ? -14.511 0.212   -2.231  0.50 13.62 ? 124 ASN A OD1 1 
ATOM   599 O OD1 B ASN A 1 75 ? -14.371 -1.955  0.596   0.50 19.78 ? 124 ASN A OD1 1 
ATOM   600 N ND2 A ASN A 1 75 ? -14.723 -1.986  -1.819  0.50 13.53 ? 124 ASN A ND2 1 
ATOM   601 N ND2 B ASN A 1 75 ? -13.629 -0.626  2.250   0.50 19.16 ? 124 ASN A ND2 1 
ATOM   602 N N   . LYS A 1 76 ? -10.941 1.077   -1.295  1.00 12.36 ? 125 LYS A N   1 
ATOM   603 C CA  A LYS A 1 76 ? -9.839  0.672   -2.184  0.70 10.44 ? 125 LYS A CA  1 
ATOM   604 C CA  B LYS A 1 76 ? -9.870  0.633   -2.169  0.30 9.87  ? 125 LYS A CA  1 
ATOM   605 C C   . LYS A 1 76 ? -8.493  1.150   -1.728  1.00 7.88  ? 125 LYS A C   1 
ATOM   606 O O   . LYS A 1 76 ? -8.353  2.289   -1.276  1.00 9.44  ? 125 LYS A O   1 
ATOM   607 C CB  A LYS A 1 76 ? -10.017 1.241   -3.613  0.70 11.37 ? 125 LYS A CB  1 
ATOM   608 C CB  B LYS A 1 76 ? -10.104 1.220   -3.577  0.30 10.11 ? 125 LYS A CB  1 
ATOM   609 C CG  A LYS A 1 76 ? -11.224 0.749   -4.382  0.70 12.76 ? 125 LYS A CG  1 
ATOM   610 C CG  B LYS A 1 76 ? -11.533 1.123   -4.125  0.30 8.60  ? 125 LYS A CG  1 
ATOM   611 C CD  A LYS A 1 76 ? -11.791 1.820   -5.275  0.70 14.15 ? 125 LYS A CD  1 
ATOM   612 C CD  B LYS A 1 76 ? -11.815 -0.322  -4.553  0.30 9.04  ? 125 LYS A CD  1 
ATOM   613 C CE  A LYS A 1 76 ? -13.099 1.373   -5.869  0.70 15.44 ? 125 LYS A CE  1 
ATOM   614 C CE  B LYS A 1 76 ? -13.094 -0.514  -5.406  0.30 8.20  ? 125 LYS A CE  1 
ATOM   615 N NZ  A LYS A 1 76 ? -13.785 2.556   -6.321  0.70 13.84 ? 125 LYS A NZ  1 
ATOM   616 N NZ  B LYS A 1 76 ? -14.236 0.314   -4.960  0.30 7.97  ? 125 LYS A NZ  1 
ATOM   617 N N   . LEU A 1 77 ? -7.497  0.293   -1.907  1.00 6.53  ? 126 LEU A N   1 
ATOM   618 C CA  . LEU A 1 77 ? -6.128  0.732   -1.972  1.00 6.21  ? 126 LEU A CA  1 
ATOM   619 C C   . LEU A 1 77 ? -5.833  0.974   -3.453  1.00 6.03  ? 126 LEU A C   1 
ATOM   620 O O   . LEU A 1 77 ? -6.020  0.093   -4.279  1.00 7.59  ? 126 LEU A O   1 
ATOM   621 C CB  . LEU A 1 77 ? -5.210  -0.337  -1.384  1.00 6.32  ? 126 LEU A CB  1 
ATOM   622 C CG  . LEU A 1 77 ? -5.378  -0.521  0.126   1.00 7.40  ? 126 LEU A CG  1 
ATOM   623 C CD1 . LEU A 1 77 ? -4.657  -1.762  0.600   1.00 8.49  ? 126 LEU A CD1 1 
ATOM   624 C CD2 . LEU A 1 77 ? -4.786  0.661   0.850   1.00 12.81 ? 126 LEU A CD2 1 
ATOM   625 N N   . LEU A 1 78 ? -5.430  2.200   -3.770  1.00 5.79  ? 127 LEU A N   1 
ATOM   626 C CA  . LEU A 1 78 ? -5.272  2.664   -5.139  1.00 5.74  ? 127 LEU A CA  1 
ATOM   627 C C   . LEU A 1 78 ? -3.809  2.984   -5.405  1.00 5.87  ? 127 LEU A C   1 
ATOM   628 O O   . LEU A 1 78 ? -3.220  3.831   -4.722  1.00 6.37  ? 127 LEU A O   1 
ATOM   629 C CB  . LEU A 1 78 ? -6.115  3.928   -5.362  1.00 6.96  ? 127 LEU A CB  1 
ATOM   630 C CG  . LEU A 1 78 ? -6.020  4.573   -6.736  1.00 8.22  ? 127 LEU A CG  1 
ATOM   631 C CD1 . LEU A 1 78 ? -6.417  3.644   -7.880  1.00 9.76  ? 127 LEU A CD1 1 
ATOM   632 C CD2 . LEU A 1 78 ? -6.883  5.813   -6.740  1.00 10.32 ? 127 LEU A CD2 1 
ATOM   633 N N   . VAL A 1 79 ? -3.215  2.271   -6.367  1.00 5.66  ? 128 VAL A N   1 
ATOM   634 C CA  . VAL A 1 79 ? -1.827  2.470   -6.771  1.00 5.74  ? 128 VAL A CA  1 
ATOM   635 C C   . VAL A 1 79 ? -1.854  2.985   -8.202  1.00 5.38  ? 128 VAL A C   1 
ATOM   636 O O   . VAL A 1 79 ? -2.424  2.327   -9.065  1.00 5.80  ? 128 VAL A O   1 
ATOM   637 C CB  . VAL A 1 79 ? -1.023  1.161   -6.702  1.00 6.24  ? 128 VAL A CB  1 
ATOM   638 C CG1 . VAL A 1 79 ? 0.430   1.450   -7.041  1.00 6.47  ? 128 VAL A CG1 1 
ATOM   639 C CG2 . VAL A 1 79 ? -1.151  0.504   -5.329  1.00 7.07  ? 128 VAL A CG2 1 
ATOM   640 N N   . GLN A 1 80 ? -1.268  4.158   -8.457  1.00 5.49  ? 129 GLN A N   1 
ATOM   641 C CA  . GLN A 1 80 ? -1.434  4.765   -9.770  1.00 5.33  ? 129 GLN A CA  1 
ATOM   642 C C   . GLN A 1 80 ? -0.279  5.723   -10.004 1.00 5.02  ? 129 GLN A C   1 
ATOM   643 O O   . GLN A 1 80 ? 0.401   6.138   -9.064  1.00 5.57  ? 129 GLN A O   1 
ATOM   644 C CB  . GLN A 1 80 ? -2.763  5.531   -9.846  1.00 5.82  ? 129 GLN A CB  1 
ATOM   645 C CG  . GLN A 1 80 ? -2.808  6.668   -8.841  1.00 6.72  ? 129 GLN A CG  1 
ATOM   646 C CD  . GLN A 1 80 ? -4.068  7.466   -8.860  1.00 7.16  ? 129 GLN A CD  1 
ATOM   647 O OE1 . GLN A 1 80 ? -4.713  7.668   -9.903  1.00 7.77  ? 129 GLN A OE1 1 
ATOM   648 N NE2 . GLN A 1 80 ? -4.401  8.007   -7.701  1.00 8.88  ? 129 GLN A NE2 1 
ATOM   649 N N   . PRO A 1 81 ? -0.068  6.136   -11.257 1.00 5.27  ? 130 PRO A N   1 
ATOM   650 C CA  . PRO A 1 81 ? 0.826   7.264   -11.482 1.00 5.11  ? 130 PRO A CA  1 
ATOM   651 C C   . PRO A 1 81 ? 0.337   8.463   -10.686 1.00 5.20  ? 130 PRO A C   1 
ATOM   652 O O   . PRO A 1 81 ? -0.881  8.700   -10.614 1.00 5.63  ? 130 PRO A O   1 
ATOM   653 C CB  . PRO A 1 81 ? 0.712   7.501   -12.993 1.00 5.86  ? 130 PRO A CB  1 
ATOM   654 C CG  . PRO A 1 81 ? 0.273   6.171   -13.550 1.00 6.40  ? 130 PRO A CG  1 
ATOM   655 C CD  . PRO A 1 81 ? -0.710  5.682   -12.514 1.00 5.60  ? 130 PRO A CD  1 
ATOM   656 N N   . VAL A 1 82 ? 1.258   9.240   -10.115 1.00 5.11  ? 131 VAL A N   1 
ATOM   657 C CA  . VAL A 1 82 ? 0.830   10.376  -9.294  1.00 5.34  ? 131 VAL A CA  1 
ATOM   658 C C   . VAL A 1 82 ? -0.002  11.353  -10.123 1.00 5.36  ? 131 VAL A C   1 
ATOM   659 O O   . VAL A 1 82 ? 0.485   11.869  -11.129 1.00 5.36  ? 131 VAL A O   1 
ATOM   660 C CB  . VAL A 1 82 ? 2.017   11.145  -8.706  1.00 5.76  ? 131 VAL A CB  1 
ATOM   661 C CG1 . VAL A 1 82 ? 1.525   12.342  -7.895  1.00 7.16  ? 131 VAL A CG1 1 
ATOM   662 C CG2 . VAL A 1 82 ? 2.939   10.235  -7.877  1.00 6.20  ? 131 VAL A CG2 1 
ATOM   663 N N   . PRO A 1 83 ? -1.232  11.649  -9.697  1.00 5.90  ? 132 PRO A N   1 
ATOM   664 C CA  . PRO A 1 83 ? -1.993  12.704  -10.390 1.00 6.37  ? 132 PRO A CA  1 
ATOM   665 C C   . PRO A 1 83 ? -1.423  14.077  -10.050 1.00 6.62  ? 132 PRO A C   1 
ATOM   666 O O   . PRO A 1 83 ? -1.190  14.375  -8.870  1.00 7.55  ? 132 PRO A O   1 
ATOM   667 C CB  . PRO A 1 83 ? -3.422  12.563  -9.844  1.00 7.62  ? 132 PRO A CB  1 
ATOM   668 C CG  . PRO A 1 83 ? -3.493  11.169  -9.254  1.00 8.42  ? 132 PRO A CG  1 
ATOM   669 C CD  . PRO A 1 83 ? -2.069  10.957  -8.687  1.00 7.13  ? 132 PRO A CD  1 
ATOM   670 N N   . VAL A 1 84 ? -1.219  14.896  -11.086 1.00 7.09  ? 133 VAL A N   1 
ATOM   671 C CA  A VAL A 1 84 ? -0.676  16.236  -10.903 0.70 8.39  ? 133 VAL A CA  1 
ATOM   672 C CA  B VAL A 1 84 ? -0.619  16.219  -10.990 0.30 8.48  ? 133 VAL A CA  1 
ATOM   673 C C   . VAL A 1 84 ? -1.474  17.199  -11.798 1.00 10.27 ? 133 VAL A C   1 
ATOM   674 O O   . VAL A 1 84 ? -2.031  16.831  -12.815 1.00 10.50 ? 133 VAL A O   1 
ATOM   675 C CB  A VAL A 1 84 ? 0.850   16.312  -11.237 0.70 8.93  ? 133 VAL A CB  1 
ATOM   676 C CB  B VAL A 1 84 ? 0.765   16.215  -11.652 0.30 8.27  ? 133 VAL A CB  1 
ATOM   677 C CG1 A VAL A 1 84 ? 1.662   15.394  -10.344 0.70 10.18 ? 133 VAL A CG1 1 
ATOM   678 C CG1 B VAL A 1 84 ? 1.310   17.623  -11.709 0.30 8.19  ? 133 VAL A CG1 1 
ATOM   679 C CG2 A VAL A 1 84 ? 1.140   16.077  -12.716 0.70 8.13  ? 133 VAL A CG2 1 
ATOM   680 C CG2 B VAL A 1 84 ? 1.712   15.284  -10.918 0.30 7.90  ? 133 VAL A CG2 1 
ATOM   681 N N   . SER A 1 85 ? -1.551  18.454  -11.387 0.50 10.49 ? 134 SER A N   1 
ATOM   682 C CA  . SER A 1 85 ? -2.293  19.416  -12.193 0.50 12.01 ? 134 SER A CA  1 
ATOM   683 C C   . SER A 1 85 ? -1.489  19.856  -13.437 0.50 11.27 ? 134 SER A C   1 
ATOM   684 O O   . SER A 1 85 ? -0.268  19.703  -13.479 0.50 14.48 ? 134 SER A O   1 
ATOM   685 C CB  . SER A 1 85 ? -2.846  20.581  -11.340 0.50 12.13 ? 134 SER A CB  1 
ATOM   686 O OG  . SER A 1 85 ? -3.671  20.090  -10.275 0.50 13.89 ? 134 SER A OG  1 
ATOM   687 O OXT . SER A 1 85 ? -2.033  20.375  -14.425 0.50 13.85 ? 134 SER A OXT 1 
HETATM 688 C C1  . IPA B 2 .  ? -3.409  1.777   17.538  1.00 17.76 ? 1   IPA A C1  1 
HETATM 689 C C2  . IPA B 2 .  ? -2.142  2.139   18.286  1.00 12.07 ? 1   IPA A C2  1 
HETATM 690 C C3  . IPA B 2 .  ? -1.693  1.018   19.206  1.00 17.94 ? 1   IPA A C3  1 
HETATM 691 O O2  . IPA B 2 .  ? -1.098  2.483   17.397  1.00 21.02 ? 1   IPA A O2  1 
HETATM 692 O O   . HOH C 3 .  ? -15.254 4.434   -7.289  1.00 7.83  ? 2   HOH A O   1 
HETATM 693 O O   . HOH C 3 .  ? -7.731  7.038   4.688   1.00 10.65 ? 3   HOH A O   1 
HETATM 694 O O   . HOH C 3 .  ? -0.935  2.702   -15.939 1.00 8.30  ? 4   HOH A O   1 
HETATM 695 O O   . HOH C 3 .  ? 3.604   9.411   -4.061  1.00 6.32  ? 5   HOH A O   1 
HETATM 696 O O   . HOH C 3 .  ? 1.275   -11.113 0.279   1.00 10.04 ? 6   HOH A O   1 
HETATM 697 O O   . HOH C 3 .  ? 0.269   -6.152  7.487   1.00 11.71 ? 7   HOH A O   1 
HETATM 698 O O   . HOH C 3 .  ? -3.093  6.733   -5.284  1.00 8.21  ? 8   HOH A O   1 
HETATM 699 O O   . HOH C 3 .  ? -6.542  4.984   8.621   1.00 11.38 ? 9   HOH A O   1 
HETATM 700 O O   . HOH C 3 .  ? -4.722  7.927   1.365   1.00 9.65  ? 10  HOH A O   1 
HETATM 701 O O   . HOH C 3 .  ? 0.425   1.921   15.160  1.00 12.10 ? 11  HOH A O   1 
HETATM 702 O O   . HOH C 3 .  ? -9.220  7.892   2.445   1.00 9.76  ? 12  HOH A O   1 
HETATM 703 O O   . HOH C 3 .  ? -6.667  -9.080  -1.950  1.00 13.50 ? 13  HOH A O   1 
HETATM 704 O O   . HOH C 3 .  ? -5.765  -4.127  -9.856  1.00 20.35 ? 14  HOH A O   1 
HETATM 705 O O   . HOH C 3 .  ? 0.174   5.106   13.562  1.00 13.57 ? 15  HOH A O   1 
HETATM 706 O O   . HOH C 3 .  ? -9.998  -8.281  8.579   1.00 15.45 ? 16  HOH A O   1 
HETATM 707 O O   . HOH C 3 .  ? -0.176  -4.537  -13.435 1.00 14.32 ? 17  HOH A O   1 
HETATM 708 O O   . HOH C 3 .  ? -6.753  2.181   9.839   1.00 15.95 ? 18  HOH A O   1 
HETATM 709 O O   . HOH C 3 .  ? 2.964   3.017   14.454  1.00 15.24 ? 19  HOH A O   1 
HETATM 710 O O   . HOH C 3 .  ? -5.866  -1.431  12.109  1.00 19.82 ? 20  HOH A O   1 
HETATM 711 O O   . HOH C 3 .  ? 4.904   -0.298  -13.155 1.00 10.89 ? 21  HOH A O   1 
HETATM 712 O O   . HOH C 3 .  ? -11.188 -9.327  2.678   1.00 13.78 ? 22  HOH A O   1 
HETATM 713 O O   . HOH C 3 .  ? -2.653  5.547   14.353  1.00 25.30 ? 23  HOH A O   1 
HETATM 714 O O   . HOH C 3 .  ? 1.343   -8.019  10.006  1.00 14.35 ? 24  HOH A O   1 
HETATM 715 O O   . HOH C 3 .  ? -8.699  5.632   6.683   1.00 22.25 ? 25  HOH A O   1 
HETATM 716 O O   . HOH C 3 .  ? 4.692   -12.084 -2.505  1.00 18.03 ? 26  HOH A O   1 
HETATM 717 O O   . HOH C 3 .  ? -6.344  -5.909  15.673  1.00 21.86 ? 27  HOH A O   1 
HETATM 718 O O   A HOH C 3 .  ? 4.699   -5.711  -17.204 0.50 13.30 ? 28  HOH A O   1 
HETATM 719 O O   B HOH C 3 .  ? 4.483   -7.006  -16.024 0.50 18.16 ? 28  HOH A O   1 
HETATM 720 O O   . HOH C 3 .  ? 2.180   -13.128 -1.313  1.00 19.10 ? 29  HOH A O   1 
HETATM 721 O O   . HOH C 3 .  ? 7.995   4.379   9.733   1.00 21.08 ? 30  HOH A O   1 
HETATM 722 O O   . HOH C 3 .  ? -8.733  -6.573  -4.845  1.00 18.44 ? 31  HOH A O   1 
HETATM 723 O O   . HOH C 3 .  ? -1.885  8.136   0.662   1.00 15.51 ? 32  HOH A O   1 
HETATM 724 O O   . HOH C 3 .  ? -2.307  13.572  -6.430  1.00 20.88 ? 33  HOH A O   1 
HETATM 725 O O   . HOH C 3 .  ? -0.533  11.148  -4.256  1.00 21.38 ? 34  HOH A O   1 
HETATM 726 O O   . HOH C 3 .  ? 7.863   6.728   3.709   1.00 17.89 ? 35  HOH A O   1 
HETATM 727 O O   . HOH C 3 .  ? -0.026  9.605   -2.089  1.00 23.83 ? 36  HOH A O   1 
HETATM 728 O O   . HOH C 3 .  ? -3.028  -4.448  -12.547 1.00 17.08 ? 37  HOH A O   1 
HETATM 729 O O   . HOH C 3 .  ? 0.757   19.641  -15.556 1.00 19.61 ? 38  HOH A O   1 
HETATM 730 O O   . HOH C 3 .  ? 10.630  -9.513  -5.910  1.00 18.45 ? 39  HOH A O   1 
HETATM 731 O O   . HOH C 3 .  ? 8.223   5.384   6.178   1.00 24.45 ? 40  HOH A O   1 
HETATM 732 O O   . HOH C 3 .  ? 5.649   8.295   8.853   1.00 16.43 ? 41  HOH A O   1 
HETATM 733 O O   . HOH C 3 .  ? -7.967  -0.199  8.634   1.00 23.09 ? 42  HOH A O   1 
HETATM 734 O O   . HOH C 3 .  ? -11.537 6.414   1.871   1.00 18.93 ? 43  HOH A O   1 
HETATM 735 O O   . HOH C 3 .  ? -4.652  3.589   14.057  1.00 19.66 ? 44  HOH A O   1 
HETATM 736 O O   . HOH C 3 .  ? 6.988   11.600  -8.579  1.00 18.08 ? 45  HOH A O   1 
HETATM 737 O O   . HOH C 3 .  ? 1.426   -10.999 -9.921  1.00 29.28 ? 46  HOH A O   1 
HETATM 738 O O   . HOH C 3 .  ? -5.280  -2.898  14.089  1.00 16.83 ? 47  HOH A O   1 
HETATM 739 O O   . HOH C 3 .  ? 7.517   8.882   10.358  1.00 23.02 ? 48  HOH A O   1 
HETATM 740 O O   . HOH C 3 .  ? -6.538  9.103   -3.597  1.00 21.52 ? 49  HOH A O   1 
HETATM 741 O O   . HOH C 3 .  ? 4.714   2.881   10.315  1.00 10.05 ? 135 HOH A O   1 
HETATM 742 O O   . HOH C 3 .  ? -11.041 -8.064  0.279   1.00 24.58 ? 136 HOH A O   1 
HETATM 743 O O   . HOH C 3 .  ? 9.811   8.679   -12.040 1.00 25.66 ? 137 HOH A O   1 
HETATM 744 O O   . HOH C 3 .  ? -12.948 -1.026  -9.161  1.00 24.35 ? 138 HOH A O   1 
HETATM 745 O O   . HOH C 3 .  ? 12.276  10.731  -9.373  1.00 23.16 ? 139 HOH A O   1 
HETATM 746 O O   . HOH C 3 .  ? -5.133  12.674  -6.333  1.00 31.64 ? 140 HOH A O   1 
HETATM 747 O O   . HOH C 3 .  ? 11.159  -9.115  -2.027  1.00 19.09 ? 141 HOH A O   1 
HETATM 748 O O   . HOH C 3 .  ? -9.490  -4.451  -8.283  1.00 25.99 ? 142 HOH A O   1 
HETATM 749 O O   . HOH C 3 .  ? -6.919  3.037   12.582  1.00 33.05 ? 143 HOH A O   1 
HETATM 750 O O   . HOH C 3 .  ? 13.551  -7.201  -2.728  1.00 19.41 ? 144 HOH A O   1 
HETATM 751 O O   . HOH C 3 .  ? 10.528  4.362   4.771   1.00 20.92 ? 145 HOH A O   1 
HETATM 752 O O   . HOH C 3 .  ? -6.169  18.993  -10.332 1.00 36.66 ? 146 HOH A O   1 
HETATM 753 O O   . HOH C 3 .  ? -0.057  -7.469  15.027  1.00 46.75 ? 147 HOH A O   1 
HETATM 754 O O   . HOH C 3 .  ? 9.184   -11.300 -7.276  1.00 34.62 ? 148 HOH A O   1 
HETATM 755 O O   . HOH C 3 .  ? 8.967   -8.562  2.897   1.00 25.63 ? 149 HOH A O   1 
HETATM 756 O O   . HOH C 3 .  ? -11.679 4.425   3.729   1.00 28.32 ? 150 HOH A O   1 
HETATM 757 O O   . HOH C 3 .  ? 4.932   -15.838 -0.082  1.00 32.98 ? 151 HOH A O   1 
HETATM 758 O O   . HOH C 3 .  ? -9.075  -2.181  -10.564 1.00 24.17 ? 152 HOH A O   1 
HETATM 759 O O   . HOH C 3 .  ? -9.244  -7.753  -1.463  1.00 22.30 ? 153 HOH A O   1 
HETATM 760 O O   . HOH C 3 .  ? -5.441  10.391  0.360   1.00 42.66 ? 154 HOH A O   1 
HETATM 761 O O   . HOH C 3 .  ? 5.356   -14.218 6.509   1.00 22.46 ? 155 HOH A O   1 
HETATM 762 O O   . HOH C 3 .  ? -13.398 -2.158  4.434   1.00 26.74 ? 156 HOH A O   1 
HETATM 763 O O   . HOH C 3 .  ? 15.102  4.228   4.770   1.00 32.14 ? 157 HOH A O   1 
HETATM 764 O O   . HOH C 3 .  ? -5.668  6.622   10.715  1.00 17.76 ? 158 HOH A O   1 
HETATM 765 O O   . HOH C 3 .  ? 8.704   -13.584 -0.786  1.00 39.01 ? 159 HOH A O   1 
HETATM 766 O O   . HOH C 3 .  ? 1.387   -6.464  -12.002 1.00 15.37 ? 160 HOH A O   1 
HETATM 767 O O   . HOH C 3 .  ? -3.518  22.492  -14.419 1.00 19.88 ? 161 HOH A O   1 
HETATM 768 O O   . HOH C 3 .  ? -8.857  2.655   -11.327 1.00 16.91 ? 162 HOH A O   1 
HETATM 769 O O   . HOH C 3 .  ? 10.372  -6.081  5.725   1.00 33.28 ? 163 HOH A O   1 
HETATM 770 O O   . HOH C 3 .  ? -0.026  -9.957  -13.198 1.00 19.30 ? 164 HOH A O   1 
HETATM 771 O O   . HOH C 3 .  ? -7.667  -4.662  9.476   1.00 34.34 ? 165 HOH A O   1 
HETATM 772 O O   . HOH C 3 .  ? -6.778  -1.905  -11.926 1.00 27.61 ? 166 HOH A O   1 
HETATM 773 O O   . HOH C 3 .  ? -8.266  9.397   -1.411  1.00 28.88 ? 167 HOH A O   1 
HETATM 774 O O   . HOH C 3 .  ? -13.577 -6.984  0.601   1.00 33.69 ? 168 HOH A O   1 
HETATM 775 O O   . HOH C 3 .  ? -6.581  9.915   -7.155  1.00 21.00 ? 169 HOH A O   1 
HETATM 776 O O   . HOH C 3 .  ? -8.635  9.156   -5.145  1.00 25.86 ? 170 HOH A O   1 
HETATM 777 O O   . HOH C 3 .  ? -9.416  11.706  -5.180  1.00 34.63 ? 171 HOH A O   1 
HETATM 778 O O   . HOH C 3 .  ? 10.688  5.338   9.961   1.00 32.81 ? 172 HOH A O   1 
HETATM 779 O O   . HOH C 3 .  ? 10.452  7.835   -3.471  1.00 6.08  ? 173 HOH A O   1 
HETATM 780 O O   . HOH C 3 .  ? -1.089  -11.467 -7.862  1.00 30.44 ? 174 HOH A O   1 
HETATM 781 O O   . HOH C 3 .  ? 8.300   -5.877  -15.402 1.00 21.84 ? 175 HOH A O   1 
HETATM 782 O O   . HOH C 3 .  ? -7.441  -2.119  9.859   1.00 26.18 ? 176 HOH A O   1 
HETATM 783 O O   . HOH C 3 .  ? -15.587 -9.711  6.869   1.00 22.34 ? 177 HOH A O   1 
HETATM 784 O O   . HOH C 3 .  ? 0.034   -2.479  17.202  1.00 30.33 ? 178 HOH A O   1 
HETATM 785 O O   . HOH C 3 .  ? 6.126   -12.939 -5.102  1.00 37.70 ? 179 HOH A O   1 
HETATM 786 O O   . HOH C 3 .  ? -6.582  -7.811  -4.416  1.00 28.98 ? 180 HOH A O   1 
HETATM 787 O O   . HOH C 3 .  ? -6.006  -10.691 -4.148  1.00 34.78 ? 181 HOH A O   1 
HETATM 788 O O   . HOH C 3 .  ? -14.282 -4.374  -0.167  1.00 27.42 ? 182 HOH A O   1 
HETATM 789 O O   . HOH C 3 .  ? -13.335 -8.250  -3.575  0.50 26.58 ? 183 HOH A O   1 
HETATM 790 O O   . HOH C 3 .  ? 9.911   -4.107  -16.799 1.00 33.73 ? 184 HOH A O   1 
HETATM 791 O O   . HOH C 3 .  ? -4.234  -12.624 -4.982  1.00 39.46 ? 185 HOH A O   1 
HETATM 792 O O   . HOH C 3 .  ? -16.222 -4.902  5.694   1.00 43.60 ? 186 HOH A O   1 
HETATM 793 O O   . HOH C 3 .  ? 12.989  4.231   6.187   1.00 36.02 ? 187 HOH A O   1 
HETATM 794 O O   . HOH C 3 .  ? -5.999  -1.258  16.184  1.00 34.55 ? 188 HOH A O   1 
HETATM 795 O O   . HOH C 3 .  ? -12.159 1.458   3.398   1.00 42.11 ? 189 HOH A O   1 
HETATM 796 O O   . HOH C 3 .  ? -3.757  18.148  -14.029 1.00 18.72 ? 190 HOH A O   1 
HETATM 797 O O   . HOH C 3 .  ? -0.209  -13.039 -3.647  1.00 34.19 ? 191 HOH A O   1 
HETATM 798 O O   . HOH C 3 .  ? -7.238  13.088  -4.261  0.50 36.71 ? 192 HOH A O   1 
HETATM 799 O O   . HOH C 3 .  ? -4.204  -7.223  -7.557  1.00 37.17 ? 193 HOH A O   1 
HETATM 800 O O   . HOH C 3 .  ? -10.142 0.784   7.233   1.00 42.05 ? 194 HOH A O   1 
HETATM 801 O O   . HOH C 3 .  ? 6.696   -1.769  -17.162 1.00 27.90 ? 195 HOH A O   1 
HETATM 802 O O   . HOH C 3 .  ? 0.465   21.139  -11.517 1.00 32.04 ? 196 HOH A O   1 
HETATM 803 O O   . HOH C 3 .  ? -15.863 -2.186  -4.655  1.00 20.40 ? 197 HOH A O   1 
HETATM 804 O O   A HOH C 3 .  ? 9.767   0.217   -14.295 0.50 7.73  ? 198 HOH A O   1 
HETATM 805 O O   B HOH C 3 .  ? 8.660   -0.843  -14.681 0.50 14.36 ? 198 HOH A O   1 
HETATM 806 O O   . HOH C 3 .  ? -8.406  -0.076  -11.917 1.00 39.00 ? 199 HOH A O   1 
HETATM 807 O O   . HOH C 3 .  ? 7.331   -15.937 -1.399  1.00 35.47 ? 200 HOH A O   1 
HETATM 808 O O   . HOH C 3 .  ? 4.674   13.377  -8.540  1.00 21.79 ? 201 HOH A O   1 
# 
loop_
_atom_site_anisotrop.id 
_atom_site_anisotrop.type_symbol 
_atom_site_anisotrop.pdbx_label_atom_id 
_atom_site_anisotrop.pdbx_label_alt_id 
_atom_site_anisotrop.pdbx_label_comp_id 
_atom_site_anisotrop.pdbx_label_asym_id 
_atom_site_anisotrop.pdbx_label_seq_id 
_atom_site_anisotrop.pdbx_PDB_ins_code 
_atom_site_anisotrop.U[1][1] 
_atom_site_anisotrop.U[2][2] 
_atom_site_anisotrop.U[3][3] 
_atom_site_anisotrop.U[1][2] 
_atom_site_anisotrop.U[1][3] 
_atom_site_anisotrop.U[2][3] 
_atom_site_anisotrop.pdbx_auth_seq_id 
_atom_site_anisotrop.pdbx_auth_comp_id 
_atom_site_anisotrop.pdbx_auth_asym_id 
_atom_site_anisotrop.pdbx_auth_atom_id 
1   C CA  A THR A 2  ? 0.2449 0.2276 0.2314 -0.0086 0.0067  0.0024  51  THR A CA  
2   C CA  B THR A 2  ? 0.2520 0.2380 0.2415 -0.0138 0.0090  0.0068  51  THR A CA  
3   C C   A THR A 2  ? 0.2438 0.2241 0.2317 -0.0097 0.0070  0.0031  51  THR A C   
4   C C   B THR A 2  ? 0.2464 0.2331 0.2368 -0.0148 0.0126  0.0079  51  THR A C   
5   O O   A THR A 2  ? 0.2511 0.2272 0.2390 -0.0079 0.0048  0.0002  51  THR A O   
6   O O   B THR A 2  ? 0.2550 0.2433 0.2470 -0.0173 0.0123  0.0088  51  THR A O   
7   N N   A SER A 3  ? 0.2427 0.2196 0.2208 -0.0137 0.0081  0.0079  52  SER A N   
8   N N   B SER A 3  ? 0.2441 0.2155 0.2236 -0.0168 0.0090  0.0088  52  SER A N   
9   C CA  A SER A 3  ? 0.2321 0.2053 0.2088 -0.0200 0.0147  0.0094  52  SER A CA  
10  C CA  B SER A 3  ? 0.2306 0.2000 0.2039 -0.0241 0.0144  0.0080  52  SER A CA  
11  C C   A SER A 3  ? 0.2198 0.1854 0.1906 -0.0284 0.0188  0.0135  52  SER A C   
12  C C   B SER A 3  ? 0.2174 0.1794 0.1870 -0.0321 0.0190  0.0142  52  SER A C   
13  O O   A SER A 3  ? 0.2255 0.1883 0.1951 -0.0243 0.0159  0.0167  52  SER A O   
14  O O   B SER A 3  ? 0.2241 0.1874 0.1861 -0.0240 0.0053  0.0085  52  SER A O   
15  C CB  A SER A 3  ? 0.2306 0.2133 0.2148 -0.0137 0.0092  0.0037  52  SER A CB  
16  C CB  B SER A 3  ? 0.2306 0.2010 0.2048 -0.0218 0.0148  0.0061  52  SER A CB  
17  O OG  A SER A 3  ? 0.2504 0.2419 0.2387 -0.0150 0.0115  0.0100  52  SER A OG  
18  O OG  B SER A 3  ? 0.2363 0.2150 0.2163 -0.0233 0.0099  -0.0058 52  SER A OG  
19  N N   . TYR A 4  ? 0.2048 0.1623 0.1748 -0.0497 0.0314  0.0234  53  TYR A N   
20  C CA  . TYR A 4  ? 0.1737 0.1280 0.1526 -0.0602 0.0297  0.0317  53  TYR A CA  
21  C C   . TYR A 4  ? 0.1447 0.1013 0.1463 -0.0544 0.0135  0.0295  53  TYR A C   
22  O O   . TYR A 4  ? 0.1367 0.1245 0.1770 -0.0399 0.0230  0.0065  53  TYR A O   
23  C CB  . TYR A 4  ? 0.1681 0.1370 0.1617 -0.0584 0.0253  0.0241  53  TYR A CB  
24  C CG  . TYR A 4  ? 0.1370 0.0956 0.1525 -0.0530 0.0178  0.0375  53  TYR A CG  
25  C CD1 . TYR A 4  ? 0.1549 0.0853 0.1463 -0.0519 0.0091  0.0380  53  TYR A CD1 
26  C CD2 . TYR A 4  ? 0.1187 0.1053 0.1801 -0.0406 0.0080  0.0375  53  TYR A CD2 
27  C CE1 . TYR A 4  ? 0.1269 0.0636 0.1350 -0.0286 -0.0134 0.0473  53  TYR A CE1 
28  C CE2 . TYR A 4  ? 0.1080 0.0688 0.1639 -0.0249 -0.0262 0.0521  53  TYR A CE2 
29  C CZ  . TYR A 4  ? 0.0961 0.0728 0.1281 -0.0285 -0.0132 0.0565  53  TYR A CZ  
30  O OH  . TYR A 4  ? 0.0997 0.1138 0.1382 -0.0106 -0.0063 0.0640  53  TYR A OH  
31  N N   . THR A 5  ? 0.1333 0.0663 0.1258 -0.0324 -0.0022 0.0448  54  THR A N   
32  C CA  A THR A 5  ? 0.1026 0.0672 0.1246 -0.0335 -0.0144 0.0367  54  THR A CA  
33  C CA  B THR A 5  ? 0.1043 0.0711 0.1243 -0.0297 -0.0012 0.0358  54  THR A CA  
34  C C   . THR A 5  ? 0.0859 0.0529 0.1189 -0.0230 -0.0052 0.0438  54  THR A C   
35  O O   . THR A 5  ? 0.1296 0.0528 0.1296 -0.0151 -0.0042 0.0519  54  THR A O   
36  C CB  A THR A 5  ? 0.1276 0.0972 0.1390 -0.0220 -0.0223 0.0243  54  THR A CB  
37  C CB  B THR A 5  ? 0.1070 0.0809 0.1250 -0.0232 -0.0021 0.0315  54  THR A CB  
38  O OG1 A THR A 5  ? 0.1376 0.1209 0.1701 -0.0003 -0.0419 0.0065  54  THR A OG1 
39  O OG1 B THR A 5  ? 0.1343 0.1040 0.1286 -0.0332 -0.0028 0.0427  54  THR A OG1 
40  C CG2 A THR A 5  ? 0.1548 0.1272 0.1382 -0.0244 -0.0169 0.0142  54  THR A CG2 
41  C CG2 B THR A 5  ? 0.1003 0.1130 0.1274 -0.0172 0.0012  0.0351  54  THR A CG2 
42  N N   . TYR A 6  ? 0.0794 0.0492 0.1197 -0.0286 -0.0139 0.0355  55  TYR A N   
43  C CA  . TYR A 6  ? 0.0700 0.0556 0.1223 -0.0280 -0.0121 0.0423  55  TYR A CA  
44  C C   . TYR A 6  ? 0.0710 0.0545 0.1235 -0.0276 -0.0216 0.0462  55  TYR A C   
45  O O   . TYR A 6  ? 0.0720 0.0542 0.1589 -0.0350 -0.0182 0.0318  55  TYR A O   
46  C CB  . TYR A 6  ? 0.0800 0.0616 0.1300 -0.0241 -0.0189 0.0439  55  TYR A CB  
47  C CG  . TYR A 6  ? 0.0737 0.0554 0.1186 -0.0185 -0.0119 0.0487  55  TYR A CG  
48  C CD1 . TYR A 6  ? 0.0784 0.0616 0.1217 -0.0176 -0.0201 0.0513  55  TYR A CD1 
49  C CD2 . TYR A 6  ? 0.0840 0.0642 0.1292 -0.0262 -0.0160 0.0386  55  TYR A CD2 
50  C CE1 . TYR A 6  ? 0.0692 0.0828 0.1109 -0.0239 -0.0197 0.0347  55  TYR A CE1 
51  C CE2 . TYR A 6  ? 0.0869 0.0605 0.1269 -0.0240 -0.0095 0.0308  55  TYR A CE2 
52  C CZ  . TYR A 6  ? 0.0614 0.0595 0.1299 -0.0200 -0.0229 0.0369  55  TYR A CZ  
53  O OH  . TYR A 6  ? 0.0786 0.0834 0.1341 -0.0231 -0.0141 0.0326  55  TYR A OH  
54  N N   . GLN A 7  ? 0.0612 0.0627 0.1114 -0.0254 -0.0220 0.0484  56  GLN A N   
55  C CA  . GLN A 7  ? 0.0682 0.0596 0.1168 -0.0271 -0.0257 0.0468  56  GLN A CA  
56  C C   . GLN A 7  ? 0.0549 0.0493 0.1227 -0.0207 -0.0319 0.0468  56  GLN A C   
57  O O   . GLN A 7  ? 0.0562 0.0558 0.1253 -0.0279 -0.0194 0.0392  56  GLN A O   
58  C CB  . GLN A 7  ? 0.0736 0.0685 0.1169 -0.0233 -0.0277 0.0573  56  GLN A CB  
59  C CG  . GLN A 7  ? 0.1132 0.0754 0.1300 -0.0244 -0.0288 0.0657  56  GLN A CG  
60  C CD  . GLN A 7  ? 0.1462 0.1092 0.1479 -0.0331 -0.0322 0.0758  56  GLN A CD  
61  O OE1 . GLN A 7  ? 0.1701 0.2219 0.2002 -0.0498 -0.0652 0.1132  56  GLN A OE1 
62  N NE2 . GLN A 7  ? 0.1741 0.1172 0.1707 -0.0188 -0.0410 0.0683  56  GLN A NE2 
63  N N   . ALA A 8  ? 0.0581 0.0571 0.1217 -0.0286 -0.0253 0.0451  57  ALA A N   
64  C CA  . ALA A 8  ? 0.0564 0.0530 0.1422 -0.0209 -0.0162 0.0482  57  ALA A CA  
65  C C   . ALA A 8  ? 0.0664 0.0586 0.1526 -0.0208 -0.0153 0.0404  57  ALA A C   
66  O O   . ALA A 8  ? 0.1062 0.0771 0.1620 -0.0121 -0.0302 0.0466  57  ALA A O   
67  C CB  . ALA A 8  ? 0.0738 0.0760 0.1522 -0.0308 -0.0081 0.0471  57  ALA A CB  
68  N N   . THR A 9  ? 0.0744 0.0459 0.1741 -0.0212 -0.0176 0.0479  58  THR A N   
69  C CA  . THR A 9  ? 0.0951 0.0525 0.1934 -0.0213 -0.0271 0.0502  58  THR A CA  
70  C C   . THR A 9  ? 0.0938 0.0790 0.2187 -0.0225 -0.0319 0.0346  58  THR A C   
71  O O   . THR A 9  ? 0.0788 0.0606 0.2443 -0.0197 0.0081  0.0273  58  THR A O   
72  C CB  . THR A 9  ? 0.0980 0.0576 0.1761 -0.0328 -0.0371 0.0575  58  THR A CB  
73  O OG1 . THR A 9  ? 0.0828 0.0637 0.1784 -0.0342 -0.0255 0.0562  58  THR A OG1 
74  C CG2 . THR A 9  ? 0.1163 0.0756 0.1625 -0.0323 -0.0126 0.0722  58  THR A CG2 
75  N N   . PRO A 10 ? 0.1358 0.0824 0.2392 -0.0090 -0.0512 0.0174  59  PRO A N   
76  C CA  . PRO A 10 ? 0.1332 0.1177 0.2446 0.0086  -0.0542 0.0184  59  PRO A CA  
77  C C   . PRO A 10 ? 0.1260 0.1049 0.2381 -0.0188 -0.0471 0.0276  59  PRO A C   
78  O O   . PRO A 10 ? 0.1375 0.1720 0.2616 -0.0100 -0.0537 -0.0030 59  PRO A O   
79  C CB  . PRO A 10 ? 0.1573 0.1261 0.2373 0.0153  -0.0590 0.0235  59  PRO A CB  
80  C CG  . PRO A 10 ? 0.1814 0.1365 0.2395 0.0224  -0.0572 0.0326  59  PRO A CG  
81  C CD  . PRO A 10 ? 0.1650 0.1211 0.2337 0.0188  -0.0657 0.0278  59  PRO A CD  
82  N N   . MET A 11 ? 0.1190 0.0768 0.2102 -0.0354 -0.0511 0.0635  60  MET A N   
83  C CA  . MET A 11 ? 0.1379 0.0847 0.2035 -0.0407 -0.0197 0.0696  60  MET A CA  
84  C C   . MET A 11 ? 0.1240 0.0810 0.1923 -0.0243 -0.0130 0.0741  60  MET A C   
85  O O   . MET A 11 ? 0.1465 0.0889 0.1989 -0.0222 0.0044  0.0666  60  MET A O   
86  C CB  . MET A 11 ? 0.1679 0.1249 0.1705 -0.0701 -0.0153 0.0849  60  MET A CB  
87  C CG  . MET A 11 ? 0.1611 0.1643 0.1948 -0.0432 -0.0024 0.0521  60  MET A CG  
88  S SD  . MET A 11 ? 0.1772 0.0949 0.2247 -0.0137 0.0845  0.0944  60  MET A SD  
89  C CE  . MET A 11 ? 0.3042 0.2756 0.2859 -0.0027 0.0180  0.0289  60  MET A CE  
90  N N   . ASP A 12 ? 0.1080 0.0696 0.1951 -0.0116 -0.0024 0.0833  61  ASP A N   
91  C CA  . ASP A 12 ? 0.1056 0.0790 0.1715 -0.0015 0.0105  0.0776  61  ASP A CA  
92  C C   . ASP A 12 ? 0.1165 0.1114 0.1831 -0.0106 -0.0067 0.0517  61  ASP A C   
93  O O   . ASP A 12 ? 0.1168 0.1421 0.2124 -0.0248 0.0002  0.0451  61  ASP A O   
94  C CB  . ASP A 12 ? 0.0887 0.0728 0.1726 -0.0092 0.0053  0.0809  61  ASP A CB  
95  C CG  . ASP A 12 ? 0.0715 0.0635 0.1556 -0.0095 -0.0058 0.0697  61  ASP A CG  
96  O OD1 . ASP A 12 ? 0.0672 0.0660 0.1935 -0.0325 -0.0161 0.0506  61  ASP A OD1 
97  O OD2 . ASP A 12 ? 0.0773 0.1072 0.1313 -0.0213 -0.0152 0.0663  61  ASP A OD2 
98  N N   . GLY A 13 ? 0.1412 0.1226 0.1554 0.0250  -0.0103 0.0740  62  GLY A N   
99  C CA  . GLY A 13 ? 0.1175 0.1342 0.1457 0.0158  -0.0091 0.0654  62  GLY A CA  
100 C C   . GLY A 13 ? 0.0860 0.1295 0.1256 0.0051  -0.0096 0.0682  62  GLY A C   
101 O O   . GLY A 13 ? 0.0804 0.1685 0.1540 0.0246  -0.0064 0.0750  62  GLY A O   
102 N N   . THR A 14 ? 0.0670 0.1067 0.1121 -0.0010 -0.0247 0.0640  63  THR A N   
103 C CA  . THR A 14 ? 0.0606 0.0866 0.1075 -0.0201 -0.0216 0.0509  63  THR A CA  
104 C C   . THR A 14 ? 0.0504 0.0767 0.1036 -0.0322 -0.0233 0.0380  63  THR A C   
105 O O   . THR A 14 ? 0.0486 0.0817 0.1009 -0.0332 -0.0181 0.0494  63  THR A O   
106 C CB  . THR A 14 ? 0.0620 0.0839 0.1105 -0.0131 -0.0182 0.0365  63  THR A CB  
107 O OG1 . THR A 14 ? 0.0639 0.0673 0.1066 -0.0223 -0.0237 0.0453  63  THR A OG1 
108 C CG2 . THR A 14 ? 0.0972 0.1009 0.1320 0.0016  -0.0184 0.0480  63  THR A CG2 
109 N N   . LEU A 15 ? 0.0594 0.0760 0.0956 -0.0339 -0.0176 0.0394  64  LEU A N   
110 C CA  . LEU A 15 ? 0.0593 0.0657 0.0938 -0.0347 -0.0154 0.0333  64  LEU A CA  
111 C C   . LEU A 15 ? 0.0574 0.0551 0.0898 -0.0246 -0.0170 0.0376  64  LEU A C   
112 O O   . LEU A 15 ? 0.0594 0.0681 0.0856 -0.0324 -0.0172 0.0332  64  LEU A O   
113 C CB  . LEU A 15 ? 0.0568 0.0674 0.1026 -0.0326 -0.0162 0.0407  64  LEU A CB  
114 C CG  . LEU A 15 ? 0.0621 0.0676 0.0984 -0.0364 -0.0167 0.0368  64  LEU A CG  
115 C CD1 . LEU A 15 ? 0.0672 0.0933 0.1135 -0.0437 -0.0152 0.0227  64  LEU A CD1 
116 C CD2 . LEU A 15 ? 0.0718 0.0700 0.1270 -0.0382 -0.0018 0.0381  64  LEU A CD2 
117 N N   . LYS A 16 ? 0.0481 0.0575 0.0885 -0.0255 -0.0169 0.0325  65  LYS A N   
118 C CA  . LYS A 16 ? 0.0526 0.0590 0.0969 -0.0290 -0.0236 0.0375  65  LYS A CA  
119 C C   . LYS A 16 ? 0.0541 0.0679 0.0892 -0.0322 -0.0203 0.0355  65  LYS A C   
120 O O   . LYS A 16 ? 0.0527 0.0740 0.0998 -0.0331 -0.0179 0.0449  65  LYS A O   
121 C CB  . LYS A 16 ? 0.0575 0.0669 0.1026 -0.0313 -0.0242 0.0375  65  LYS A CB  
122 C CG  . LYS A 16 ? 0.0584 0.0896 0.1056 -0.0366 -0.0202 0.0342  65  LYS A CG  
123 C CD  . LYS A 16 ? 0.0866 0.1139 0.1212 -0.0409 -0.0334 0.0229  65  LYS A CD  
124 C CE  . LYS A 16 ? 0.1309 0.1226 0.1313 -0.0424 -0.0470 0.0224  65  LYS A CE  
125 N NZ  . LYS A 16 ? 0.1542 0.1527 0.1569 -0.0376 -0.0273 0.0109  65  LYS A NZ  
126 N N   . THR A 17 ? 0.0691 0.0566 0.0931 -0.0232 -0.0194 0.0439  66  THR A N   
127 C CA  . THR A 17 ? 0.0724 0.0593 0.1088 -0.0246 -0.0176 0.0496  66  THR A CA  
128 C C   . THR A 17 ? 0.0502 0.0556 0.1041 -0.0212 -0.0159 0.0425  66  THR A C   
129 O O   . THR A 17 ? 0.0653 0.0545 0.1075 -0.0267 -0.0151 0.0395  66  THR A O   
130 C CB  . THR A 17 ? 0.0888 0.0582 0.1194 -0.0148 -0.0079 0.0479  66  THR A CB  
131 O OG1 . THR A 17 ? 0.1057 0.0826 0.1464 -0.0047 -0.0046 0.0557  66  THR A OG1 
132 C CG2 . THR A 17 ? 0.1480 0.0975 0.1408 -0.0039 -0.0107 0.0247  66  THR A CG2 
133 N N   . MET A 18 ? 0.0512 0.0508 0.0943 -0.0195 -0.0209 0.0396  67  MET A N   
134 C CA  . MET A 18 ? 0.0594 0.0513 0.1064 -0.0245 -0.0212 0.0391  67  MET A CA  
135 C C   . MET A 18 ? 0.0454 0.0549 0.0867 -0.0220 -0.0227 0.0388  67  MET A C   
136 O O   . MET A 18 ? 0.0583 0.0572 0.0945 -0.0255 -0.0216 0.0427  67  MET A O   
137 C CB  . MET A 18 ? 0.0442 0.0557 0.0974 -0.0220 -0.0244 0.0423  67  MET A CB  
138 C CG  . MET A 18 ? 0.0538 0.0501 0.1130 -0.0239 -0.0237 0.0379  67  MET A CG  
139 S SD  . MET A 18 ? 0.0655 0.0572 0.1187 -0.0338 -0.0286 0.0399  67  MET A SD  
140 C CE  . MET A 18 ? 0.0887 0.0499 0.1425 -0.0253 -0.0084 0.0444  67  MET A CE  
141 N N   . LEU A 19 ? 0.0401 0.0529 0.0982 -0.0175 -0.0231 0.0433  68  LEU A N   
142 C CA  . LEU A 19 ? 0.0509 0.0549 0.1013 -0.0239 -0.0255 0.0430  68  LEU A CA  
143 C C   . LEU A 19 ? 0.0435 0.0603 0.0842 -0.0191 -0.0228 0.0453  68  LEU A C   
144 O O   . LEU A 19 ? 0.0537 0.0492 0.1078 -0.0183 -0.0176 0.0408  68  LEU A O   
145 C CB  . LEU A 19 ? 0.0568 0.0535 0.0986 -0.0227 -0.0285 0.0443  68  LEU A CB  
146 C CG  . LEU A 19 ? 0.0601 0.0530 0.1085 -0.0248 -0.0205 0.0412  68  LEU A CG  
147 C CD1 . LEU A 19 ? 0.0695 0.0643 0.1231 -0.0344 -0.0278 0.0529  68  LEU A CD1 
148 C CD2 . LEU A 19 ? 0.1024 0.0763 0.1289 -0.0606 0.0017  0.0170  68  LEU A CD2 
149 N N   . GLU A 20 ? 0.0535 0.0561 0.0866 -0.0232 -0.0221 0.0409  69  GLU A N   
150 C CA  . GLU A 20 ? 0.0627 0.0555 0.0973 -0.0311 -0.0246 0.0362  69  GLU A CA  
151 C C   . GLU A 20 ? 0.0554 0.0472 0.1120 -0.0223 -0.0229 0.0363  69  GLU A C   
152 O O   . GLU A 20 ? 0.0477 0.0604 0.1038 -0.0246 -0.0196 0.0438  69  GLU A O   
153 C CB  . GLU A 20 ? 0.0728 0.0694 0.1032 -0.0395 -0.0225 0.0305  69  GLU A CB  
154 C CG  . GLU A 20 ? 0.1174 0.0919 0.1359 -0.0404 -0.0176 0.0311  69  GLU A CG  
155 C CD  . GLU A 20 ? 0.1694 0.1267 0.1535 -0.0617 -0.0027 -0.0003 69  GLU A CD  
156 O OE1 . GLU A 20 ? 0.2572 0.1732 0.1799 -0.0520 0.0248  -0.0033 69  GLU A OE1 
157 O OE2 . GLU A 20 ? 0.2218 0.2221 0.2258 -0.0022 -0.0358 -0.0364 69  GLU A OE2 
158 N N   . ARG A 21 ? 0.0606 0.0505 0.0951 -0.0206 -0.0228 0.0403  70  ARG A N   
159 C CA  . ARG A 21 ? 0.0577 0.0584 0.1035 -0.0278 -0.0213 0.0427  70  ARG A CA  
160 C C   . ARG A 21 ? 0.0499 0.0516 0.0962 -0.0190 -0.0195 0.0404  70  ARG A C   
161 O O   . ARG A 21 ? 0.0451 0.0623 0.1103 -0.0217 -0.0216 0.0521  70  ARG A O   
162 C CB  . ARG A 21 ? 0.0533 0.0566 0.0961 -0.0227 -0.0277 0.0462  70  ARG A CB  
163 C CG  . ARG A 21 ? 0.0517 0.0598 0.1064 -0.0248 -0.0317 0.0517  70  ARG A CG  
164 C CD  . ARG A 21 ? 0.0661 0.0611 0.1127 -0.0320 -0.0310 0.0503  70  ARG A CD  
165 N NE  . ARG A 21 ? 0.0542 0.0512 0.1382 -0.0236 -0.0311 0.0484  70  ARG A NE  
166 C CZ  . ARG A 21 ? 0.0527 0.0442 0.1493 -0.0193 -0.0288 0.0336  70  ARG A CZ  
167 N NH1 . ARG A 21 ? 0.0675 0.0766 0.1471 -0.0258 -0.0133 0.0054  70  ARG A NH1 
168 N NH2 . ARG A 21 ? 0.0636 0.0573 0.1776 -0.0302 -0.0391 0.0447  70  ARG A NH2 
169 N N   . TRP A 22 ? 0.0447 0.0539 0.1004 -0.0198 -0.0202 0.0418  71  TRP A N   
170 C CA  . TRP A 22 ? 0.0599 0.0479 0.1136 -0.0225 -0.0166 0.0362  71  TRP A CA  
171 C C   . TRP A 22 ? 0.0536 0.0492 0.1108 -0.0173 -0.0168 0.0421  71  TRP A C   
172 O O   . TRP A 22 ? 0.0635 0.0573 0.1210 -0.0225 -0.0126 0.0490  71  TRP A O   
173 C CB  . TRP A 22 ? 0.0548 0.0511 0.1075 -0.0239 -0.0169 0.0354  71  TRP A CB  
174 C CG  . TRP A 22 ? 0.0565 0.0498 0.0970 -0.0244 -0.0194 0.0331  71  TRP A CG  
175 C CD1 . TRP A 22 ? 0.0717 0.0528 0.0999 -0.0271 -0.0055 0.0327  71  TRP A CD1 
176 C CD2 . TRP A 22 ? 0.0602 0.0480 0.0927 -0.0235 -0.0137 0.0299  71  TRP A CD2 
177 N NE1 . TRP A 22 ? 0.0596 0.0556 0.1113 -0.0304 -0.0170 0.0312  71  TRP A NE1 
178 C CE2 . TRP A 22 ? 0.0619 0.0602 0.0954 -0.0316 -0.0085 0.0244  71  TRP A CE2 
179 C CE3 . TRP A 22 ? 0.0922 0.0496 0.1029 -0.0305 -0.0092 0.0324  71  TRP A CE3 
180 C CZ2 . TRP A 22 ? 0.0721 0.0712 0.1015 -0.0351 -0.0126 0.0237  71  TRP A CZ2 
181 C CZ3 . TRP A 22 ? 0.0931 0.0507 0.1123 -0.0364 -0.0078 0.0267  71  TRP A CZ3 
182 C CH2 . TRP A 22 ? 0.0851 0.0634 0.1185 -0.0435 -0.0057 0.0285  71  TRP A CH2 
183 N N   . ALA A 23 ? 0.0531 0.0539 0.1089 -0.0204 -0.0137 0.0425  72  ALA A N   
184 C CA  . ALA A 23 ? 0.0552 0.0812 0.1143 -0.0247 -0.0249 0.0452  72  ALA A CA  
185 C C   . ALA A 23 ? 0.0533 0.0745 0.1173 -0.0246 -0.0177 0.0415  72  ALA A C   
186 O O   . ALA A 23 ? 0.0526 0.0999 0.1303 -0.0219 -0.0151 0.0383  72  ALA A O   
187 C CB  . ALA A 23 ? 0.0687 0.1049 0.1125 -0.0143 -0.0265 0.0457  72  ALA A CB  
188 N N   . ALA A 24 ? 0.0531 0.0661 0.1312 -0.0328 -0.0173 0.0347  73  ALA A N   
189 C CA  . ALA A 24 ? 0.0766 0.0724 0.1637 -0.0416 0.0037  0.0276  73  ALA A CA  
190 C C   . ALA A 24 ? 0.0699 0.0597 0.1565 -0.0338 0.0011  0.0333  73  ALA A C   
191 O O   . ALA A 24 ? 0.0855 0.1003 0.1782 -0.0548 0.0238  0.0294  73  ALA A O   
192 C CB  . ALA A 24 ? 0.0848 0.0657 0.1673 -0.0454 -0.0014 0.0207  73  ALA A CB  
193 N N   . ASP A 25 ? 0.0766 0.0624 0.1374 -0.0290 0.0002  0.0461  74  ASP A N   
194 C CA  . ASP A 25 ? 0.0944 0.0744 0.1324 -0.0213 0.0079  0.0617  74  ASP A CA  
195 C C   . ASP A 25 ? 0.0799 0.0944 0.1379 -0.0215 0.0091  0.0550  74  ASP A C   
196 O O   . ASP A 25 ? 0.1170 0.1266 0.1498 0.0026  0.0203  0.0607  74  ASP A O   
197 C CB  . ASP A 25 ? 0.0960 0.0891 0.1300 -0.0072 0.0032  0.0704  74  ASP A CB  
198 C CG  . ASP A 25 ? 0.1330 0.1076 0.1028 0.0152  -0.0046 0.0651  74  ASP A CG  
199 O OD1 . ASP A 25 ? 0.1742 0.0793 0.1912 0.0028  0.0497  0.0754  74  ASP A OD1 
200 O OD2 . ASP A 25 ? 0.1273 0.1561 0.1245 0.0427  -0.0393 0.0229  74  ASP A OD2 
201 N N   . SER A 26 ? 0.0714 0.0709 0.1388 -0.0217 -0.0134 0.0431  75  SER A N   
202 C CA  A SER A 26 ? 0.0709 0.0912 0.1320 -0.0167 -0.0151 0.0372  75  SER A CA  
203 C CA  B SER A 26 ? 0.0814 0.0956 0.1444 -0.0155 -0.0105 0.0355  75  SER A CA  
204 C C   . SER A 26 ? 0.0754 0.0856 0.1486 -0.0217 -0.0092 0.0398  75  SER A C   
205 O O   . SER A 26 ? 0.0919 0.0935 0.1737 -0.0118 -0.0055 0.0324  75  SER A O   
206 C CB  A SER A 26 ? 0.0606 0.0840 0.1317 -0.0261 -0.0185 0.0343  75  SER A CB  
207 C CB  B SER A 26 ? 0.0853 0.0948 0.1505 -0.0206 -0.0115 0.0311  75  SER A CB  
208 O OG  A SER A 26 ? 0.0493 0.0838 0.1246 -0.0230 -0.0171 0.0098  75  SER A OG  
209 O OG  B SER A 26 ? 0.1032 0.1270 0.1618 -0.0070 -0.0117 0.0264  75  SER A OG  
210 N N   . ASN A 27 ? 0.0634 0.0966 0.1614 -0.0249 -0.0174 0.0360  76  ASN A N   
211 C CA  . ASN A 27 ? 0.0496 0.0898 0.1792 -0.0238 -0.0212 0.0477  76  ASN A CA  
212 C C   . ASN A 27 ? 0.0643 0.0956 0.1709 -0.0211 -0.0152 0.0440  76  ASN A C   
213 O O   . ASN A 27 ? 0.0659 0.1205 0.1836 -0.0048 -0.0140 0.0569  76  ASN A O   
214 C CB  . ASN A 27 ? 0.0737 0.0983 0.1856 -0.0151 -0.0111 0.0620  76  ASN A CB  
215 C CG  . ASN A 27 ? 0.1219 0.1226 0.2284 -0.0051 0.0099  0.0646  76  ASN A CG  
216 O OD1 . ASN A 27 ? 0.1190 0.1070 0.2772 -0.0067 -0.0117 0.0672  76  ASN A OD1 
217 N ND2 . ASN A 27 ? 0.1450 0.2022 0.2519 -0.0088 0.0037  0.0540  76  ASN A ND2 
218 N N   . MET A 28 ? 0.0634 0.0930 0.1617 -0.0237 -0.0106 0.0321  77  MET A N   
219 C CA  . MET A 28 ? 0.0647 0.1038 0.1652 -0.0324 -0.0234 0.0271  77  MET A CA  
220 C C   . MET A 28 ? 0.0827 0.1234 0.1800 -0.0427 -0.0221 0.0059  77  MET A C   
221 O O   . MET A 28 ? 0.1051 0.1754 0.1939 -0.0153 -0.0432 -0.0198 77  MET A O   
222 C CB  . MET A 28 ? 0.0736 0.0955 0.1753 -0.0305 -0.0204 0.0150  77  MET A CB  
223 C CG  . MET A 28 ? 0.1009 0.1175 0.1862 -0.0023 -0.0211 0.0160  77  MET A CG  
224 S SD  . MET A 28 ? 0.1304 0.0954 0.2267 -0.0245 -0.0385 0.0139  77  MET A SD  
225 C CE  . MET A 28 ? 0.1612 0.1712 0.2061 0.0098  -0.0301 0.0190  77  MET A CE  
226 N N   . GLN A 29 ? 0.1154 0.1357 0.1725 -0.0595 0.0040  0.0180  78  GLN A N   
227 C CA  A GLN A 29 ? 0.1078 0.1305 0.1602 -0.0485 -0.0045 0.0301  78  GLN A CA  
228 C CA  B GLN A 29 ? 0.0993 0.1193 0.1685 -0.0616 0.0029  0.0148  78  GLN A CA  
229 C C   . GLN A 29 ? 0.0983 0.1041 0.1680 -0.0571 -0.0017 0.0234  78  GLN A C   
230 O O   . GLN A 29 ? 0.1005 0.1208 0.1966 -0.0587 0.0125  0.0165  78  GLN A O   
231 C CB  A GLN A 29 ? 0.0668 0.1289 0.1540 -0.0464 -0.0199 0.0319  78  GLN A CB  
232 C CB  B GLN A 29 ? 0.0855 0.0984 0.1516 -0.0502 -0.0028 0.0215  78  GLN A CB  
233 C CG  A GLN A 29 ? 0.1192 0.1561 0.1713 -0.0375 -0.0121 0.0244  78  GLN A CG  
234 C CG  B GLN A 29 ? 0.0846 0.1012 0.1445 -0.0501 -0.0096 0.0276  78  GLN A CG  
235 C CD  A GLN A 29 ? 0.1288 0.1394 0.1591 -0.0383 -0.0130 0.0346  78  GLN A CD  
236 C CD  B GLN A 29 ? 0.0984 0.0950 0.1331 -0.0328 -0.0263 0.0280  78  GLN A CD  
237 O OE1 A GLN A 29 ? 0.1603 0.1575 0.1732 -0.0082 -0.0337 0.0335  78  GLN A OE1 
238 O OE1 B GLN A 29 ? 0.0839 0.1188 0.1860 -0.0260 -0.0355 0.0251  78  GLN A OE1 
239 N NE2 A GLN A 29 ? 0.1374 0.1789 0.1728 -0.0295 -0.0251 0.0316  78  GLN A NE2 
240 N NE2 B GLN A 29 ? 0.0977 0.1129 0.1543 -0.0327 -0.0267 0.0180  78  GLN A NE2 
241 N N   . LEU A 30 ? 0.1127 0.1008 0.1434 -0.0664 0.0080  0.0325  79  LEU A N   
242 C CA  . LEU A 30 ? 0.1042 0.0814 0.1242 -0.0490 -0.0052 0.0424  79  LEU A CA  
243 C C   . LEU A 30 ? 0.0724 0.0876 0.1189 -0.0461 -0.0269 0.0336  79  LEU A C   
244 O O   . LEU A 30 ? 0.0998 0.0869 0.1227 -0.0610 -0.0248 0.0337  79  LEU A O   
245 C CB  . LEU A 30 ? 0.1331 0.0955 0.1064 -0.0379 -0.0163 0.0550  79  LEU A CB  
246 C CG  . LEU A 30 ? 0.1070 0.0846 0.1151 -0.0109 -0.0238 0.0456  79  LEU A CG  
247 C CD1 . LEU A 30 ? 0.1064 0.1079 0.1332 -0.0247 -0.0373 0.0344  79  LEU A CD1 
248 C CD2 . LEU A 30 ? 0.1577 0.1081 0.1382 0.0042  -0.0252 0.0425  79  LEU A CD2 
249 N N   . SER A 31 ? 0.0580 0.0756 0.1158 -0.0340 -0.0261 0.0423  80  SER A N   
250 C CA  A SER A 31 ? 0.0680 0.0676 0.1179 -0.0327 -0.0326 0.0522  80  SER A CA  
251 C CA  B SER A 31 ? 0.0748 0.0776 0.1120 -0.0318 -0.0245 0.0392  80  SER A CA  
252 C C   . SER A 31 ? 0.0683 0.0605 0.1018 -0.0350 -0.0338 0.0415  80  SER A C   
253 O O   . SER A 31 ? 0.0757 0.0715 0.1145 -0.0387 -0.0219 0.0287  80  SER A O   
254 C CB  A SER A 31 ? 0.0831 0.1056 0.1440 -0.0237 -0.0277 0.0465  80  SER A CB  
255 C CB  B SER A 31 ? 0.0812 0.0960 0.1272 -0.0251 -0.0214 0.0359  80  SER A CB  
256 O OG  A SER A 31 ? 0.0862 0.1113 0.2276 -0.0164 -0.0227 0.0609  80  SER A OG  
257 O OG  B SER A 31 ? 0.1101 0.1335 0.1360 -0.0192 -0.0066 0.0358  80  SER A OG  
258 N N   . TYR A 32 ? 0.0881 0.0655 0.0961 -0.0351 -0.0235 0.0380  81  TYR A N   
259 C CA  . TYR A 32 ? 0.0931 0.0575 0.1037 -0.0347 -0.0237 0.0385  81  TYR A CA  
260 C C   . TYR A 32 ? 0.0918 0.0525 0.1012 -0.0321 -0.0256 0.0402  81  TYR A C   
261 O O   . TYR A 32 ? 0.1793 0.0558 0.1098 -0.0253 -0.0240 0.0392  81  TYR A O   
262 C CB  . TYR A 32 ? 0.0956 0.0645 0.1055 -0.0365 -0.0134 0.0393  81  TYR A CB  
263 C CG  . TYR A 32 ? 0.1028 0.0519 0.1000 -0.0253 -0.0214 0.0425  81  TYR A CG  
264 C CD1 . TYR A 32 ? 0.1055 0.0574 0.0959 -0.0148 -0.0186 0.0475  81  TYR A CD1 
265 C CD2 . TYR A 32 ? 0.1288 0.0559 0.1029 -0.0300 -0.0272 0.0364  81  TYR A CD2 
266 C CE1 . TYR A 32 ? 0.1136 0.0591 0.1057 -0.0136 -0.0270 0.0420  81  TYR A CE1 
267 C CE2 . TYR A 32 ? 0.0901 0.0589 0.1232 -0.0175 -0.0289 0.0387  81  TYR A CE2 
268 C CZ  . TYR A 32 ? 0.0977 0.0476 0.0988 -0.0129 -0.0279 0.0403  81  TYR A CZ  
269 O OH  . TYR A 32 ? 0.0941 0.0654 0.1120 0.0009  -0.0305 0.0405  81  TYR A OH  
270 N N   . ASN A 33 ? 0.0544 0.0525 0.1037 -0.0248 -0.0288 0.0419  82  ASN A N   
271 C CA  . ASN A 33 ? 0.0626 0.0486 0.0955 -0.0199 -0.0270 0.0398  82  ASN A CA  
272 C C   . ASN A 33 ? 0.0570 0.0478 0.0994 -0.0170 -0.0287 0.0407  82  ASN A C   
273 O O   . ASN A 33 ? 0.0608 0.0625 0.1179 -0.0131 -0.0204 0.0551  82  ASN A O   
274 C CB  . ASN A 33 ? 0.0723 0.0623 0.0938 -0.0174 -0.0264 0.0503  82  ASN A CB  
275 C CG  . ASN A 33 ? 0.0564 0.0605 0.1069 -0.0140 -0.0290 0.0417  82  ASN A CG  
276 O OD1 . ASN A 33 ? 0.0557 0.0781 0.1496 -0.0276 -0.0127 0.0526  82  ASN A OD1 
277 N ND2 . ASN A 33 ? 0.0717 0.0830 0.1259 -0.0085 -0.0122 0.0477  82  ASN A ND2 
278 N N   . LEU A 34 ? 0.0587 0.0527 0.1194 -0.0153 -0.0215 0.0443  83  LEU A N   
279 C CA  . LEU A 34 ? 0.0502 0.0490 0.0991 -0.0166 -0.0215 0.0407  83  LEU A CA  
280 C C   . LEU A 34 ? 0.0492 0.0471 0.0992 -0.0222 -0.0300 0.0343  83  LEU A C   
281 O O   . LEU A 34 ? 0.0709 0.0557 0.1000 -0.0279 -0.0229 0.0430  83  LEU A O   
282 C CB  . LEU A 34 ? 0.0632 0.0431 0.1047 -0.0179 -0.0278 0.0366  83  LEU A CB  
283 C CG  . LEU A 34 ? 0.0679 0.0513 0.1115 -0.0124 -0.0192 0.0268  83  LEU A CG  
284 C CD1 . LEU A 34 ? 0.0675 0.0638 0.1173 -0.0202 -0.0260 0.0327  83  LEU A CD1 
285 C CD2 . LEU A 34 ? 0.0881 0.0637 0.1284 -0.0154 -0.0334 0.0281  83  LEU A CD2 
286 N N   . PRO A 35 ? 0.0473 0.0492 0.0938 -0.0180 -0.0275 0.0402  84  PRO A N   
287 C CA  . PRO A 35 ? 0.0589 0.0605 0.0835 -0.0177 -0.0250 0.0442  84  PRO A CA  
288 C C   . PRO A 35 ? 0.0743 0.0594 0.0891 -0.0258 -0.0321 0.0443  84  PRO A C   
289 O O   . PRO A 35 ? 0.1190 0.0759 0.1139 0.0009  -0.0500 0.0216  84  PRO A O   
290 C CB  . PRO A 35 ? 0.0628 0.0833 0.0917 -0.0273 -0.0339 0.0522  84  PRO A CB  
291 C CG  . PRO A 35 ? 0.0627 0.0597 0.1127 -0.0241 -0.0168 0.0497  84  PRO A CG  
292 C CD  . PRO A 35 ? 0.0600 0.0523 0.1040 -0.0162 -0.0139 0.0442  84  PRO A CD  
293 N N   . SER A 36 ? 0.0683 0.0594 0.0953 -0.0204 -0.0286 0.0404  85  SER A N   
294 C CA  . SER A 36 ? 0.0810 0.0922 0.1012 0.0002  -0.0187 0.0423  85  SER A CA  
295 C C   . SER A 36 ? 0.0611 0.0712 0.0987 -0.0090 -0.0275 0.0427  85  SER A C   
296 O O   . SER A 36 ? 0.0960 0.0677 0.1047 0.0025  -0.0277 0.0425  85  SER A O   
297 C CB  . SER A 36 ? 0.1125 0.1289 0.1089 0.0099  -0.0057 0.0474  85  SER A CB  
298 O OG  . SER A 36 ? 0.1119 0.2051 0.1423 0.0287  -0.0215 0.0500  85  SER A OG  
299 N N   . ASP A 37 ? 0.0532 0.0632 0.0952 -0.0106 -0.0220 0.0450  86  ASP A N   
300 C CA  . ASP A 37 ? 0.0585 0.0605 0.0891 -0.0178 -0.0232 0.0474  86  ASP A CA  
301 C C   . ASP A 37 ? 0.0467 0.0521 0.0975 -0.0144 -0.0192 0.0437  86  ASP A C   
302 O O   . ASP A 37 ? 0.0483 0.0854 0.0942 -0.0148 -0.0233 0.0361  86  ASP A O   
303 C CB  . ASP A 37 ? 0.0546 0.0545 0.1001 -0.0250 -0.0222 0.0403  86  ASP A CB  
304 C CG  . ASP A 37 ? 0.0531 0.0541 0.1046 -0.0184 -0.0295 0.0478  86  ASP A CG  
305 O OD1 . ASP A 37 ? 0.0763 0.0677 0.1116 -0.0302 -0.0245 0.0461  86  ASP A OD1 
306 O OD2 . ASP A 37 ? 0.0486 0.0667 0.1014 -0.0294 -0.0241 0.0447  86  ASP A OD2 
307 N N   . TYR A 38 ? 0.0485 0.0569 0.0975 -0.0226 -0.0192 0.0418  87  TYR A N   
308 C CA  . TYR A 38 ? 0.0397 0.0525 0.0972 -0.0198 -0.0251 0.0344  87  TYR A CA  
309 C C   . TYR A 38 ? 0.0483 0.0602 0.0953 -0.0261 -0.0224 0.0412  87  TYR A C   
310 O O   . TYR A 38 ? 0.0554 0.0905 0.1003 -0.0259 -0.0183 0.0504  87  TYR A O   
311 C CB  . TYR A 38 ? 0.0547 0.0617 0.1157 -0.0227 -0.0204 0.0345  87  TYR A CB  
312 C CG  . TYR A 38 ? 0.0619 0.0471 0.1220 -0.0178 -0.0057 0.0384  87  TYR A CG  
313 C CD1 . TYR A 38 ? 0.0859 0.0515 0.1283 -0.0255 0.0045  0.0258  87  TYR A CD1 
314 C CD2 . TYR A 38 ? 0.1044 0.0813 0.1338 0.0014  0.0007  0.0611  87  TYR A CD2 
315 C CE1 . TYR A 38 ? 0.1117 0.0591 0.1445 -0.0123 0.0182  0.0508  87  TYR A CE1 
316 C CE2 . TYR A 38 ? 0.1210 0.1085 0.1598 0.0154  0.0085  0.0657  87  TYR A CE2 
317 C CZ  . TYR A 38 ? 0.1178 0.0883 0.1405 -0.0047 -0.0045 0.0709  87  TYR A CZ  
318 O OH  . TYR A 38 ? 0.0900 0.1074 0.1495 -0.0116 -0.0152 0.0703  87  TYR A OH  
319 N N   . THR A 39 ? 0.0541 0.0570 0.1011 -0.0223 -0.0165 0.0384  88  THR A N   
320 C CA  A THR A 39 ? 0.0489 0.0582 0.1056 -0.0156 -0.0195 0.0442  88  THR A CA  
321 C CA  B THR A 39 ? 0.0496 0.0527 0.0973 -0.0183 -0.0174 0.0375  88  THR A CA  
322 C C   . THR A 39 ? 0.0454 0.0506 0.0990 -0.0216 -0.0328 0.0417  88  THR A C   
323 O O   . THR A 39 ? 0.0873 0.0531 0.1041 -0.0140 -0.0293 0.0440  88  THR A O   
324 C CB  A THR A 39 ? 0.0686 0.0732 0.1285 -0.0123 -0.0242 0.0457  88  THR A CB  
325 C CB  B THR A 39 ? 0.0584 0.0458 0.1023 -0.0170 -0.0145 0.0343  88  THR A CB  
326 O OG1 A THR A 39 ? 0.0992 0.0909 0.1432 0.0147  -0.0177 0.0534  88  THR A OG1 
327 O OG1 B THR A 39 ? 0.0594 0.0896 0.1117 -0.0137 -0.0263 0.0306  88  THR A OG1 
328 C CG2 A THR A 39 ? 0.0901 0.0857 0.1224 -0.0114 -0.0431 0.0563  88  THR A CG2 
329 C CG2 B THR A 39 ? 0.0442 0.0455 0.0931 -0.0117 0.0067  0.0250  88  THR A CG2 
330 N N   . LEU A 40 ? 0.0619 0.0494 0.1014 -0.0183 -0.0232 0.0417  89  LEU A N   
331 C CA  . LEU A 40 ? 0.0618 0.0646 0.1090 -0.0310 -0.0231 0.0389  89  LEU A CA  
332 C C   . LEU A 40 ? 0.0765 0.0640 0.1253 -0.0070 -0.0325 0.0356  89  LEU A C   
333 O O   . LEU A 40 ? 0.0870 0.0921 0.2100 -0.0083 -0.0510 0.0067  89  LEU A O   
334 C CB  . LEU A 40 ? 0.0966 0.0815 0.1051 -0.0129 -0.0216 0.0479  89  LEU A CB  
335 C CG  . LEU A 40 ? 0.1065 0.0708 0.1088 -0.0358 -0.0002 0.0386  89  LEU A CG  
336 C CD1 . LEU A 40 ? 0.1592 0.0981 0.1647 -0.0149 0.0183  0.0690  89  LEU A CD1 
337 C CD2 . LEU A 40 ? 0.0900 0.0798 0.1127 -0.0409 -0.0138 0.0460  89  LEU A CD2 
338 N N   . ILE A 41 ? 0.0507 0.0647 0.1245 -0.0176 -0.0137 0.0386  90  ILE A N   
339 C CA  . ILE A 41 ? 0.0565 0.0731 0.1155 -0.0229 -0.0113 0.0381  90  ILE A CA  
340 C C   . ILE A 41 ? 0.0531 0.0626 0.1150 -0.0215 -0.0178 0.0367  90  ILE A C   
341 O O   . ILE A 41 ? 0.0487 0.0892 0.1173 -0.0302 -0.0205 0.0336  90  ILE A O   
342 C CB  . ILE A 41 ? 0.0727 0.0747 0.1045 -0.0185 -0.0030 0.0408  90  ILE A CB  
343 C CG1 . ILE A 41 ? 0.0769 0.0607 0.1328 -0.0286 -0.0023 0.0348  90  ILE A CG1 
344 C CG2 . ILE A 41 ? 0.1500 0.0724 0.1268 0.0058  -0.0111 0.0568  90  ILE A CG2 
345 C CD1 . ILE A 41 ? 0.0968 0.0670 0.1341 -0.0238 0.0021  0.0385  90  ILE A CD1 
346 N N   . GLY A 42 ? 0.0550 0.0707 0.1178 -0.0244 -0.0167 0.0443  91  GLY A N   
347 C CA  . GLY A 42 ? 0.0559 0.0826 0.1105 -0.0047 -0.0249 0.0435  91  GLY A CA  
348 C C   . GLY A 42 ? 0.0491 0.0803 0.1209 -0.0207 -0.0256 0.0472  91  GLY A C   
349 O O   . GLY A 42 ? 0.0499 0.1133 0.1271 -0.0054 -0.0243 0.0502  91  GLY A O   
350 N N   . PRO A 43 ? 0.0455 0.0776 0.1277 -0.0204 -0.0254 0.0393  92  PRO A N   
351 C CA  . PRO A 43 ? 0.0623 0.0809 0.1602 -0.0258 -0.0295 0.0195  92  PRO A CA  
352 C C   . PRO A 43 ? 0.0502 0.0604 0.1279 -0.0207 -0.0313 0.0318  92  PRO A C   
353 O O   . PRO A 43 ? 0.0632 0.1038 0.1424 -0.0166 -0.0332 0.0109  92  PRO A O   
354 C CB  . PRO A 43 ? 0.0829 0.0781 0.2007 -0.0303 0.0022  0.0314  92  PRO A CB  
355 C CG  . PRO A 43 ? 0.1138 0.1076 0.1460 0.0049  -0.0236 0.0391  92  PRO A CG  
356 C CD  . PRO A 43 ? 0.0775 0.0719 0.1375 -0.0275 -0.0166 0.0535  92  PRO A CD  
357 N N   . VAL A 44 ? 0.0422 0.0601 0.1236 -0.0236 -0.0330 0.0393  93  VAL A N   
358 C CA  . VAL A 44 ? 0.0470 0.0658 0.1190 -0.0291 -0.0254 0.0433  93  VAL A CA  
359 C C   . VAL A 44 ? 0.0526 0.0746 0.1237 -0.0194 -0.0251 0.0481  93  VAL A C   
360 O O   . VAL A 44 ? 0.0452 0.0854 0.1135 -0.0202 -0.0271 0.0493  93  VAL A O   
361 C CB  . VAL A 44 ? 0.0590 0.0513 0.1266 -0.0238 -0.0347 0.0420  93  VAL A CB  
362 C CG1 . VAL A 44 ? 0.0745 0.0926 0.1390 -0.0472 -0.0179 0.0241  93  VAL A CG1 
363 C CG2 . VAL A 44 ? 0.0676 0.0610 0.1249 -0.0236 -0.0310 0.0385  93  VAL A CG2 
364 N N   . SER A 45 ? 0.0660 0.1022 0.1213 -0.0042 -0.0214 0.0637  94  SER A N   
365 C CA  . SER A 45 ? 0.0805 0.1419 0.1322 0.0062  -0.0291 0.0630  94  SER A CA  
366 C C   . SER A 45 ? 0.0765 0.1648 0.1298 -0.0147 -0.0488 0.0419  94  SER A C   
367 O O   . SER A 45 ? 0.1761 0.2134 0.1441 0.0001  -0.0228 0.0512  94  SER A O   
368 C CB  . SER A 45 ? 0.1244 0.1664 0.1453 0.0192  -0.0310 0.0656  94  SER A CB  
369 O OG  . SER A 45 ? 0.1635 0.1635 0.1905 0.0185  -0.0045 0.0661  94  SER A OG  
370 N N   . ALA A 46 ? 0.0721 0.1656 0.1461 -0.0333 -0.0292 0.0176  95  ALA A N   
371 C CA  . ALA A 46 ? 0.0827 0.1603 0.1622 -0.0526 -0.0270 0.0142  95  ALA A CA  
372 C C   . ALA A 46 ? 0.0885 0.1340 0.1489 -0.0520 -0.0219 0.0150  95  ALA A C   
373 O O   . ALA A 46 ? 0.1399 0.1639 0.1586 -0.0511 -0.0257 0.0001  95  ALA A O   
374 C CB  . ALA A 46 ? 0.1307 0.1638 0.1885 -0.0541 -0.0115 0.0105  95  ALA A CB  
375 N N   . ILE A 47 ? 0.0735 0.0744 0.1246 -0.0449 -0.0357 0.0361  96  ILE A N   
376 C CA  . ILE A 47 ? 0.0785 0.0669 0.1213 -0.0284 -0.0306 0.0340  96  ILE A CA  
377 C C   . ILE A 47 ? 0.0686 0.0655 0.1300 -0.0229 -0.0320 0.0421  96  ILE A C   
378 O O   . ILE A 47 ? 0.0783 0.0590 0.1493 -0.0244 -0.0194 0.0458  96  ILE A O   
379 C CB  . ILE A 47 ? 0.0871 0.0633 0.1159 -0.0132 -0.0348 0.0400  96  ILE A CB  
380 C CG1 . ILE A 47 ? 0.1167 0.0649 0.1190 -0.0058 -0.0254 0.0359  96  ILE A CG1 
381 C CG2 . ILE A 47 ? 0.0842 0.0993 0.1212 -0.0004 -0.0314 0.0259  96  ILE A CG2 
382 C CD1 . ILE A 47 ? 0.1185 0.0921 0.1108 0.0119  -0.0313 0.0265  96  ILE A CD1 
383 N N   . SER A 48 ? 0.0885 0.0746 0.1195 -0.0245 -0.0372 0.0493  97  SER A N   
384 C CA  . SER A 48 ? 0.1043 0.0901 0.1218 -0.0087 -0.0242 0.0731  97  SER A CA  
385 C C   . SER A 48 ? 0.0935 0.1057 0.1100 -0.0176 -0.0284 0.0543  97  SER A C   
386 O O   . SER A 48 ? 0.0944 0.1802 0.1196 -0.0218 -0.0415 0.0360  97  SER A O   
387 C CB  . SER A 48 ? 0.1530 0.1569 0.1424 0.0177  -0.0270 0.0707  97  SER A CB  
388 O OG  . SER A 48 ? 0.2366 0.1941 0.1896 0.0320  -0.0098 0.1025  97  SER A OG  
389 N N   . THR A 49 ? 0.0796 0.0680 0.1095 -0.0164 -0.0320 0.0493  98  THR A N   
390 C CA  . THR A 49 ? 0.0857 0.0642 0.1002 -0.0243 -0.0251 0.0429  98  THR A CA  
391 C C   . THR A 49 ? 0.0900 0.0627 0.0991 -0.0236 -0.0203 0.0487  98  THR A C   
392 O O   . THR A 49 ? 0.1003 0.0494 0.1088 -0.0261 -0.0200 0.0344  98  THR A O   
393 C CB  . THR A 49 ? 0.0852 0.0656 0.1052 -0.0183 -0.0304 0.0433  98  THR A CB  
394 O OG1 . THR A 49 ? 0.0904 0.0508 0.1192 -0.0254 -0.0123 0.0298  98  THR A OG1 
395 C CG2 . THR A 49 ? 0.0860 0.0579 0.0955 -0.0241 -0.0176 0.0457  98  THR A CG2 
396 N N   . THR A 50 ? 0.1069 0.0683 0.0889 -0.0292 -0.0189 0.0465  99  THR A N   
397 C CA  . THR A 50 ? 0.1071 0.0731 0.0926 -0.0325 -0.0053 0.0504  99  THR A CA  
398 C C   . THR A 50 ? 0.0941 0.0580 0.1035 -0.0381 0.0016  0.0294  99  THR A C   
399 O O   . THR A 50 ? 0.0861 0.0780 0.1384 -0.0465 -0.0047 0.0472  99  THR A O   
400 C CB  . THR A 50 ? 0.1278 0.0926 0.1013 -0.0262 -0.0015 0.0387  99  THR A CB  
401 O OG1 . THR A 50 ? 0.1461 0.1128 0.1194 -0.0295 0.0031  0.0321  99  THR A OG1 
402 C CG2 . THR A 50 ? 0.1540 0.1075 0.1201 -0.0258 0.0009  0.0639  99  THR A CG2 
403 N N   . SER A 51 ? 0.0839 0.0610 0.0980 -0.0285 -0.0056 0.0425  100 SER A N   
404 C CA  . SER A 51 ? 0.0824 0.0620 0.1005 -0.0244 -0.0076 0.0449  100 SER A CA  
405 C C   . SER A 51 ? 0.0655 0.0488 0.1062 -0.0210 -0.0166 0.0360  100 SER A C   
406 O O   . SER A 51 ? 0.0630 0.0588 0.0896 -0.0244 -0.0146 0.0390  100 SER A O   
407 C CB  . SER A 51 ? 0.0871 0.0634 0.1003 -0.0168 -0.0143 0.0444  100 SER A CB  
408 O OG  . SER A 51 ? 0.0956 0.0620 0.1083 -0.0157 0.0029  0.0419  100 SER A OG  
409 N N   . VAL A 52 ? 0.0633 0.0629 0.0969 -0.0290 -0.0120 0.0416  101 VAL A N   
410 C CA  . VAL A 52 ? 0.0665 0.0624 0.1058 -0.0251 -0.0105 0.0442  101 VAL A CA  
411 C C   . VAL A 52 ? 0.0519 0.0573 0.0989 -0.0256 -0.0217 0.0411  101 VAL A C   
412 O O   . VAL A 52 ? 0.0592 0.0503 0.1093 -0.0228 -0.0183 0.0360  101 VAL A O   
413 C CB  . VAL A 52 ? 0.0716 0.0786 0.1112 -0.0274 -0.0203 0.0445  101 VAL A CB  
414 C CG1 . VAL A 52 ? 0.0715 0.0932 0.1484 -0.0284 -0.0235 0.0491  101 VAL A CG1 
415 C CG2 . VAL A 52 ? 0.1015 0.0827 0.1082 -0.0343 -0.0188 0.0289  101 VAL A CG2 
416 N N   . GLN A 53 ? 0.0617 0.0569 0.1002 -0.0239 -0.0143 0.0319  102 GLN A N   
417 C CA  . GLN A 53 ? 0.0536 0.0436 0.1135 -0.0179 -0.0203 0.0355  102 GLN A CA  
418 C C   . GLN A 53 ? 0.0581 0.0441 0.0943 -0.0168 -0.0167 0.0328  102 GLN A C   
419 O O   . GLN A 53 ? 0.0616 0.0497 0.0986 -0.0171 -0.0192 0.0410  102 GLN A O   
420 C CB  . GLN A 53 ? 0.0612 0.0587 0.1171 -0.0139 -0.0139 0.0353  102 GLN A CB  
421 C CG  . GLN A 53 ? 0.0686 0.0621 0.1134 -0.0078 -0.0261 0.0350  102 GLN A CG  
422 C CD  . GLN A 53 ? 0.0553 0.0577 0.1125 -0.0272 -0.0173 0.0401  102 GLN A CD  
423 O OE1 . GLN A 53 ? 0.0775 0.0639 0.1202 -0.0240 -0.0368 0.0307  102 GLN A OE1 
424 N NE2 . GLN A 53 ? 0.0710 0.0746 0.1145 -0.0113 -0.0283 0.0351  102 GLN A NE2 
425 N N   . GLN A 54 ? 0.0625 0.0461 0.0923 -0.0080 -0.0176 0.0305  103 GLN A N   
426 C CA  . GLN A 54 ? 0.0593 0.0466 0.0922 -0.0203 -0.0189 0.0341  103 GLN A CA  
427 C C   . GLN A 54 ? 0.0496 0.0465 0.0959 -0.0174 -0.0277 0.0383  103 GLN A C   
428 O O   . GLN A 54 ? 0.0497 0.0511 0.0889 -0.0230 -0.0188 0.0320  103 GLN A O   
429 C CB  . GLN A 54 ? 0.0714 0.0501 0.0855 -0.0269 -0.0179 0.0325  103 GLN A CB  
430 C CG  . GLN A 54 ? 0.0747 0.0553 0.0941 -0.0289 -0.0236 0.0380  103 GLN A CG  
431 C CD  . GLN A 54 ? 0.0659 0.0497 0.1044 -0.0273 -0.0226 0.0353  103 GLN A CD  
432 O OE1 . GLN A 54 ? 0.0779 0.0622 0.1039 -0.0301 -0.0287 0.0350  103 GLN A OE1 
433 N NE2 . GLN A 54 ? 0.0803 0.0785 0.1009 -0.0189 -0.0345 0.0278  103 GLN A NE2 
434 N N   . ALA A 55 ? 0.0582 0.0460 0.0886 -0.0190 -0.0191 0.0335  104 ALA A N   
435 C CA  . ALA A 55 ? 0.0735 0.0447 0.0908 -0.0166 -0.0173 0.0344  104 ALA A CA  
436 C C   . ALA A 55 ? 0.0483 0.0401 0.0935 -0.0151 -0.0182 0.0281  104 ALA A C   
437 O O   . ALA A 55 ? 0.0571 0.0429 0.0933 -0.0196 -0.0178 0.0284  104 ALA A O   
438 C CB  . ALA A 55 ? 0.0934 0.0437 0.0983 -0.0178 -0.0113 0.0342  104 ALA A CB  
439 N N   . ALA A 56 ? 0.0579 0.0455 0.0950 -0.0194 -0.0158 0.0316  105 ALA A N   
440 C CA  . ALA A 56 ? 0.0473 0.0571 0.0971 -0.0255 -0.0177 0.0319  105 ALA A CA  
441 C C   . ALA A 56 ? 0.0496 0.0483 0.0871 -0.0212 -0.0229 0.0335  105 ALA A C   
442 O O   . ALA A 56 ? 0.0513 0.0607 0.0842 -0.0283 -0.0185 0.0333  105 ALA A O   
443 C CB  . ALA A 56 ? 0.0540 0.0805 0.1047 -0.0302 -0.0222 0.0348  105 ALA A CB  
444 N N   . THR A 57 ? 0.0389 0.0520 0.0964 -0.0172 -0.0156 0.0357  106 THR A N   
445 C CA  A THR A 57 ? 0.0605 0.0462 0.0937 -0.0188 -0.0180 0.0350  106 THR A CA  
446 C CA  B THR A 57 ? 0.0625 0.0520 0.0973 -0.0197 -0.0141 0.0273  106 THR A CA  
447 C C   . THR A 57 ? 0.0540 0.0468 0.0866 -0.0238 -0.0193 0.0253  106 THR A C   
448 O O   . THR A 57 ? 0.0538 0.0532 0.0862 -0.0211 -0.0185 0.0381  106 THR A O   
449 C CB  A THR A 57 ? 0.0618 0.0570 0.0938 -0.0213 -0.0140 0.0431  106 THR A CB  
450 C CB  B THR A 57 ? 0.0755 0.0585 0.0938 -0.0237 -0.0128 0.0246  106 THR A CB  
451 O OG1 A THR A 57 ? 0.0299 0.0441 0.1001 -0.0094 -0.0186 0.0374  106 THR A OG1 
452 O OG1 B THR A 57 ? 0.0942 0.0873 0.1209 -0.0158 -0.0114 0.0118  106 THR A OG1 
453 C CG2 A THR A 57 ? 0.0828 0.0567 0.0743 -0.0262 -0.0121 0.0356  106 THR A CG2 
454 C CG2 B THR A 57 ? 0.0769 0.0683 0.1061 -0.0118 -0.0005 0.0205  106 THR A CG2 
455 N N   . GLU A 58 ? 0.0495 0.0499 0.0956 -0.0208 -0.0242 0.0354  107 GLU A N   
456 C CA  A GLU A 58 ? 0.0565 0.0492 0.1031 -0.0257 -0.0240 0.0326  107 GLU A CA  
457 C CA  B GLU A 58 ? 0.0581 0.0472 0.1010 -0.0225 -0.0246 0.0360  107 GLU A CA  
458 C C   . GLU A 58 ? 0.0399 0.0503 0.0970 -0.0187 -0.0259 0.0383  107 GLU A C   
459 O O   . GLU A 58 ? 0.0481 0.0589 0.1023 -0.0274 -0.0238 0.0339  107 GLU A O   
460 C CB  A GLU A 58 ? 0.0596 0.0541 0.0926 -0.0278 -0.0278 0.0284  107 GLU A CB  
461 C CB  B GLU A 58 ? 0.0613 0.0524 0.0915 -0.0268 -0.0267 0.0361  107 GLU A CB  
462 C CG  A GLU A 58 ? 0.0687 0.0630 0.1200 -0.0403 -0.0167 0.0108  107 GLU A CG  
463 C CG  B GLU A 58 ? 0.0808 0.0392 0.1080 -0.0097 -0.0249 0.0338  107 GLU A CG  
464 C CD  A GLU A 58 ? 0.0778 0.1192 0.1228 -0.0234 0.0007  0.0078  107 GLU A CD  
465 C CD  B GLU A 58 ? 0.0790 0.0541 0.1083 -0.0013 -0.0111 0.0447  107 GLU A CD  
466 O OE1 A GLU A 58 ? 0.1338 0.1384 0.1535 0.0142  -0.0235 0.0166  107 GLU A OE1 
467 O OE1 B GLU A 58 ? 0.1676 0.0616 0.0909 0.0024  -0.0135 0.0393  107 GLU A OE1 
468 O OE2 A GLU A 58 ? 0.1439 0.1332 0.1291 0.0106  0.0059  0.0339  107 GLU A OE2 
469 O OE2 B GLU A 58 ? 0.0734 0.0620 0.1053 -0.0170 -0.0319 0.0444  107 GLU A OE2 
470 N N   . LEU A 59 ? 0.0484 0.0457 0.0964 -0.0209 -0.0315 0.0351  108 LEU A N   
471 C CA  . LEU A 59 ? 0.0528 0.0451 0.0955 -0.0212 -0.0245 0.0320  108 LEU A CA  
472 C C   . LEU A 59 ? 0.0436 0.0415 0.0942 -0.0162 -0.0237 0.0294  108 LEU A C   
473 O O   . LEU A 59 ? 0.0457 0.0472 0.1019 -0.0194 -0.0248 0.0363  108 LEU A O   
474 C CB  . LEU A 59 ? 0.0520 0.0508 0.0967 -0.0227 -0.0132 0.0314  108 LEU A CB  
475 C CG  . LEU A 59 ? 0.0485 0.0440 0.0842 -0.0184 -0.0213 0.0297  108 LEU A CG  
476 C CD1 . LEU A 59 ? 0.0452 0.0478 0.1158 -0.0210 -0.0248 0.0293  108 LEU A CD1 
477 C CD2 . LEU A 59 ? 0.0528 0.0464 0.1027 -0.0234 -0.0192 0.0254  108 LEU A CD2 
478 N N   . SER A 60 ? 0.0454 0.0437 0.0885 -0.0184 -0.0279 0.0315  109 SER A N   
479 C CA  . SER A 60 ? 0.0458 0.0472 0.0933 -0.0191 -0.0224 0.0341  109 SER A CA  
480 C C   . SER A 60 ? 0.0385 0.0498 0.0959 -0.0167 -0.0206 0.0374  109 SER A C   
481 O O   . SER A 60 ? 0.0457 0.0628 0.0973 -0.0243 -0.0179 0.0380  109 SER A O   
482 C CB  . SER A 60 ? 0.0506 0.0570 0.0867 -0.0133 -0.0233 0.0414  109 SER A CB  
483 O OG  . SER A 60 ? 0.0596 0.0501 0.0895 -0.0162 -0.0256 0.0398  109 SER A OG  
484 N N   . ALA A 61 ? 0.0438 0.0515 0.0975 -0.0218 -0.0180 0.0260  110 ALA A N   
485 C CA  . ALA A 61 ? 0.0548 0.0568 0.1044 -0.0304 -0.0197 0.0236  110 ALA A CA  
486 C C   . ALA A 61 ? 0.0468 0.0543 0.0921 -0.0248 -0.0257 0.0332  110 ALA A C   
487 O O   . ALA A 61 ? 0.0469 0.0580 0.1231 -0.0236 -0.0121 0.0382  110 ALA A O   
488 C CB  . ALA A 61 ? 0.0589 0.0793 0.1207 -0.0374 -0.0311 0.0060  110 ALA A CB  
489 N N   . VAL A 62 ? 0.0424 0.0447 0.0886 -0.0181 -0.0296 0.0330  111 VAL A N   
490 C CA  . VAL A 62 ? 0.0459 0.0526 0.0996 -0.0180 -0.0226 0.0380  111 VAL A CA  
491 C C   . VAL A 62 ? 0.0387 0.0446 0.0995 -0.0149 -0.0221 0.0344  111 VAL A C   
492 O O   . VAL A 62 ? 0.0384 0.0593 0.1064 -0.0196 -0.0210 0.0402  111 VAL A O   
493 C CB  . VAL A 62 ? 0.0575 0.0616 0.1034 -0.0199 -0.0257 0.0458  111 VAL A CB  
494 C CG1 . VAL A 62 ? 0.0610 0.0550 0.1274 -0.0200 -0.0263 0.0539  111 VAL A CG1 
495 C CG2 . VAL A 62 ? 0.0690 0.0986 0.0984 -0.0094 -0.0221 0.0627  111 VAL A CG2 
496 N N   . TYR A 63 ? 0.0401 0.0438 0.0935 -0.0158 -0.0229 0.0318  112 TYR A N   
497 C CA  . TYR A 63 ? 0.0462 0.0475 0.0920 -0.0203 -0.0224 0.0320  112 TYR A CA  
498 C C   . TYR A 63 ? 0.0416 0.0490 0.0878 -0.0186 -0.0176 0.0303  112 TYR A C   
499 O O   . TYR A 63 ? 0.0455 0.0441 0.0961 -0.0151 -0.0160 0.0329  112 TYR A O   
500 C CB  . TYR A 63 ? 0.0547 0.0431 0.0886 -0.0213 -0.0298 0.0306  112 TYR A CB  
501 C CG  . TYR A 63 ? 0.0456 0.0529 0.0992 -0.0235 -0.0252 0.0323  112 TYR A CG  
502 C CD1 . TYR A 63 ? 0.0476 0.0518 0.1006 -0.0235 -0.0319 0.0407  112 TYR A CD1 
503 C CD2 . TYR A 63 ? 0.0601 0.0479 0.1009 -0.0267 -0.0278 0.0318  112 TYR A CD2 
504 C CE1 . TYR A 63 ? 0.0519 0.0486 0.1043 -0.0219 -0.0231 0.0369  112 TYR A CE1 
505 C CE2 . TYR A 63 ? 0.0524 0.0520 0.1005 -0.0253 -0.0190 0.0311  112 TYR A CE2 
506 C CZ  . TYR A 63 ? 0.0495 0.0433 0.1138 -0.0167 -0.0279 0.0384  112 TYR A CZ  
507 O OH  . TYR A 63 ? 0.0624 0.0494 0.1147 -0.0176 -0.0231 0.0453  112 TYR A OH  
508 N N   . ALA A 64 ? 0.0430 0.0441 0.0888 -0.0168 -0.0238 0.0320  113 ALA A N   
509 C CA  . ALA A 64 ? 0.0458 0.0435 0.0978 -0.0153 -0.0177 0.0330  113 ALA A CA  
510 C C   . ALA A 64 ? 0.0428 0.0484 0.0917 -0.0190 -0.0159 0.0286  113 ALA A C   
511 O O   . ALA A 64 ? 0.0487 0.0610 0.0997 -0.0149 -0.0207 0.0436  113 ALA A O   
512 C CB  . ALA A 64 ? 0.0515 0.0454 0.0977 -0.0165 -0.0119 0.0289  113 ALA A CB  
513 N N   . ALA A 65 ? 0.0413 0.0572 0.1033 -0.0220 -0.0155 0.0316  114 ALA A N   
514 C CA  . ALA A 65 ? 0.0371 0.0622 0.1051 -0.0207 -0.0209 0.0337  114 ALA A CA  
515 C C   . ALA A 65 ? 0.0345 0.0642 0.1154 -0.0187 -0.0168 0.0281  114 ALA A C   
516 O O   . ALA A 65 ? 0.0683 0.0843 0.1163 -0.0366 -0.0095 0.0426  114 ALA A O   
517 C CB  . ALA A 65 ? 0.0448 0.0811 0.1147 -0.0256 -0.0114 0.0250  114 ALA A CB  
518 N N   . GLN A 66 ? 0.0369 0.0569 0.1024 -0.0177 -0.0272 0.0331  115 GLN A N   
519 C CA  . GLN A 66 ? 0.0506 0.0564 0.1021 -0.0227 -0.0217 0.0270  115 GLN A CA  
520 C C   . GLN A 66 ? 0.0527 0.0647 0.0920 -0.0218 -0.0197 0.0362  115 GLN A C   
521 O O   . GLN A 66 ? 0.0599 0.0819 0.1036 -0.0126 -0.0253 0.0292  115 GLN A O   
522 C CB  . GLN A 66 ? 0.0608 0.0605 0.0958 -0.0195 -0.0233 0.0322  115 GLN A CB  
523 C CG  . GLN A 66 ? 0.0638 0.0583 0.1082 -0.0332 -0.0278 0.0302  115 GLN A CG  
524 C CD  . GLN A 66 ? 0.0452 0.0573 0.1013 -0.0133 -0.0322 0.0381  115 GLN A CD  
525 O OE1 . GLN A 66 ? 0.0779 0.0817 0.1520 -0.0357 0.0046  0.0159  115 GLN A OE1 
526 N NE2 . GLN A 66 ? 0.0785 0.0994 0.1727 -0.0258 -0.0032 0.0025  115 GLN A NE2 
527 N N   . GLY A 67 ? 0.0441 0.0775 0.0971 -0.0134 -0.0238 0.0379  116 GLY A N   
528 C CA  . GLY A 67 ? 0.0448 0.0824 0.1065 -0.0046 -0.0258 0.0373  116 GLY A CA  
529 C C   . GLY A 67 ? 0.0412 0.0712 0.1072 -0.0158 -0.0286 0.0307  116 GLY A C   
530 O O   . GLY A 67 ? 0.0485 0.0923 0.1058 -0.0069 -0.0339 0.0245  116 GLY A O   
531 N N   . VAL A 68 ? 0.0449 0.0667 0.1040 -0.0220 -0.0282 0.0303  117 VAL A N   
532 C CA  . VAL A 68 ? 0.0563 0.0638 0.1141 -0.0245 -0.0291 0.0301  117 VAL A CA  
533 C C   . VAL A 68 ? 0.0517 0.0549 0.0986 -0.0275 -0.0370 0.0353  117 VAL A C   
534 O O   . VAL A 68 ? 0.0521 0.0586 0.1042 -0.0159 -0.0237 0.0290  117 VAL A O   
535 C CB  . VAL A 68 ? 0.0561 0.0640 0.1192 -0.0249 -0.0273 0.0256  117 VAL A CB  
536 C CG1 . VAL A 68 ? 0.0679 0.0664 0.1276 -0.0221 -0.0373 0.0296  117 VAL A CG1 
537 C CG2 . VAL A 68 ? 0.0728 0.0790 0.1541 -0.0293 -0.0148 0.0054  117 VAL A CG2 
538 N N   . SER A 69 ? 0.0461 0.0600 0.0926 -0.0268 -0.0301 0.0362  118 SER A N   
539 C CA  . SER A 69 ? 0.0598 0.0519 0.0929 -0.0218 -0.0249 0.0409  118 SER A CA  
540 C C   . SER A 69 ? 0.0539 0.0512 0.0931 -0.0234 -0.0224 0.0369  118 SER A C   
541 O O   . SER A 69 ? 0.0701 0.0576 0.0956 -0.0338 -0.0264 0.0393  118 SER A O   
542 C CB  . SER A 69 ? 0.0877 0.0496 0.1111 -0.0184 -0.0073 0.0385  118 SER A CB  
543 O OG  . SER A 69 ? 0.0841 0.0897 0.1267 -0.0001 -0.0072 0.0484  118 SER A OG  
544 N N   . VAL A 70 ? 0.0546 0.0524 0.0938 -0.0221 -0.0252 0.0411  119 VAL A N   
545 C CA  . VAL A 70 ? 0.0623 0.0527 0.0861 -0.0185 -0.0243 0.0406  119 VAL A CA  
546 C C   . VAL A 70 ? 0.0611 0.0535 0.0990 -0.0170 -0.0254 0.0455  119 VAL A C   
547 O O   . VAL A 70 ? 0.0624 0.0677 0.1057 -0.0191 -0.0301 0.0185  119 VAL A O   
548 C CB  . VAL A 70 ? 0.0616 0.0501 0.1000 -0.0190 -0.0307 0.0429  119 VAL A CB  
549 C CG1 . VAL A 70 ? 0.0984 0.0554 0.1056 -0.0255 -0.0167 0.0454  119 VAL A CG1 
550 C CG2 . VAL A 70 ? 0.0743 0.0713 0.1054 -0.0162 -0.0162 0.0374  119 VAL A CG2 
551 N N   . SER A 71 ? 0.0633 0.0595 0.0956 -0.0244 -0.0243 0.0337  120 SER A N   
552 C CA  . SER A 71 ? 0.0632 0.0766 0.1018 -0.0214 -0.0179 0.0319  120 SER A CA  
553 C C   . SER A 71 ? 0.0605 0.0654 0.0977 -0.0249 -0.0210 0.0368  120 SER A C   
554 O O   . SER A 71 ? 0.0662 0.0815 0.1140 -0.0332 -0.0202 0.0297  120 SER A O   
555 C CB  . SER A 71 ? 0.0879 0.0695 0.1225 -0.0189 -0.0225 0.0393  120 SER A CB  
556 O OG  . SER A 71 ? 0.0780 0.0954 0.1225 -0.0029 -0.0248 0.0506  120 SER A OG  
557 N N   . VAL A 72 ? 0.0653 0.0806 0.1154 -0.0206 -0.0113 0.0306  121 VAL A N   
558 C CA  . VAL A 72 ? 0.0581 0.0890 0.1307 -0.0085 -0.0131 0.0361  121 VAL A CA  
559 C C   . VAL A 72 ? 0.0944 0.0963 0.1551 -0.0039 -0.0229 0.0323  121 VAL A C   
560 O O   . VAL A 72 ? 0.1011 0.0920 0.1614 0.0036  -0.0290 0.0357  121 VAL A O   
561 C CB  . VAL A 72 ? 0.0659 0.0992 0.1412 -0.0092 0.0008  0.0391  121 VAL A CB  
562 C CG1 . VAL A 72 ? 0.0879 0.1288 0.1730 -0.0167 0.0065  0.0376  121 VAL A CG1 
563 C CG2 . VAL A 72 ? 0.1071 0.1183 0.1616 0.0064  -0.0125 0.0574  121 VAL A CG2 
564 N N   A SER A 73 ? 0.1209 0.1256 0.1653 0.0126  -0.0370 0.0270  122 SER A N   
565 N N   B SER A 73 ? 0.1082 0.1361 0.1575 0.0098  -0.0343 0.0247  122 SER A N   
566 C CA  A SER A 73 ? 0.1481 0.1439 0.1812 0.0129  -0.0367 0.0237  122 SER A CA  
567 C CA  B SER A 73 ? 0.1298 0.1652 0.1683 0.0162  -0.0346 0.0152  122 SER A CA  
568 C C   A SER A 73 ? 0.1517 0.1529 0.1950 0.0101  -0.0354 0.0217  122 SER A C   
569 C C   B SER A 73 ? 0.1237 0.1775 0.1531 0.0203  -0.0443 0.0131  122 SER A C   
570 O O   A SER A 73 ? 0.1469 0.1452 0.1873 0.0070  -0.0409 0.0290  122 SER A O   
571 O O   B SER A 73 ? 0.0803 0.1951 0.1359 0.0226  -0.0399 0.0100  122 SER A O   
572 C CB  A SER A 73 ? 0.1542 0.1550 0.1854 0.0052  -0.0297 0.0265  122 SER A CB  
573 C CB  B SER A 73 ? 0.1526 0.1900 0.1783 0.0071  -0.0237 0.0137  122 SER A CB  
574 O OG  A SER A 73 ? 0.1777 0.1794 0.1793 0.0304  -0.0682 0.0317  122 SER A OG  
575 O OG  B SER A 73 ? 0.1561 0.1938 0.1958 0.0101  -0.0318 0.0170  122 SER A OG  
576 N N   A ALA A 74 ? 0.1646 0.1639 0.1993 -0.0017 -0.0258 0.0282  123 ALA A N   
577 N N   B ALA A 74 ? 0.1371 0.1943 0.1649 0.0229  -0.0356 0.0092  123 ALA A N   
578 C CA  A ALA A 74 ? 0.1652 0.1726 0.2107 -0.0099 -0.0203 0.0229  123 ALA A CA  
579 C CA  B ALA A 74 ? 0.1441 0.1969 0.1745 0.0185  -0.0199 0.0101  123 ALA A CA  
580 C C   A ALA A 74 ? 0.1592 0.1714 0.2053 -0.0110 -0.0163 0.0202  123 ALA A C   
581 C C   B ALA A 74 ? 0.1359 0.1953 0.1908 0.0158  -0.0133 0.0099  123 ALA A C   
582 O O   A ALA A 74 ? 0.1657 0.1603 0.2157 -0.0040 -0.0172 0.0300  123 ALA A O   
583 O O   B ALA A 74 ? 0.1630 0.2183 0.2131 0.0145  -0.0098 0.0016  123 ALA A O   
584 C CB  A ALA A 74 ? 0.1684 0.1796 0.2120 -0.0158 -0.0190 0.0197  123 ALA A CB  
585 C CB  B ALA A 74 ? 0.1455 0.1987 0.1656 0.0188  -0.0194 0.0089  123 ALA A CB  
586 N N   A ASN A 75 ? 0.1475 0.1679 0.2082 -0.0108 -0.0171 0.0252  124 ASN A N   
587 N N   B ASN A 75 ? 0.1561 0.1997 0.2066 0.0077  -0.0060 0.0123  124 ASN A N   
588 C CA  A ASN A 75 ? 0.1296 0.1646 0.1955 -0.0112 -0.0123 0.0217  124 ASN A CA  
589 C CA  B ASN A 75 ? 0.1501 0.1932 0.2150 0.0039  -0.0026 0.0141  124 ASN A CA  
590 C C   A ASN A 75 ? 0.1190 0.1577 0.1965 -0.0123 -0.0132 0.0246  124 ASN A C   
591 C C   B ASN A 75 ? 0.1283 0.1794 0.2062 -0.0044 -0.0008 0.0166  124 ASN A C   
592 O O   A ASN A 75 ? 0.1293 0.1702 0.2056 -0.0112 -0.0037 0.0257  124 ASN A O   
593 O O   B ASN A 75 ? 0.1296 0.1833 0.2151 -0.0042 0.0118  0.0182  124 ASN A O   
594 C CB  A ASN A 75 ? 0.1406 0.1628 0.1863 -0.0106 -0.0075 0.0202  124 ASN A CB  
595 C CB  B ASN A 75 ? 0.1604 0.1978 0.2207 0.0019  0.0008  0.0106  124 ASN A CB  
596 C CG  A ASN A 75 ? 0.1458 0.1596 0.1861 -0.0090 -0.0141 0.0293  124 ASN A CG  
597 C CG  B ASN A 75 ? 0.1951 0.2159 0.2391 0.0002  0.0047  0.0157  124 ASN A CG  
598 O OD1 A ASN A 75 ? 0.1698 0.1564 0.1912 -0.0031 -0.0323 0.0314  124 ASN A OD1 
599 O OD1 B ASN A 75 ? 0.2391 0.2456 0.2667 0.0026  0.0003  -0.0008 124 ASN A OD1 
600 N ND2 A ASN A 75 ? 0.1606 0.1690 0.1843 -0.0174 -0.0136 0.0204  124 ASN A ND2 
601 N ND2 B ASN A 75 ? 0.2245 0.2455 0.2580 0.0035  -0.0039 0.0162  124 ASN A ND2 
602 N N   . LYS A 76 ? 0.1150 0.1645 0.1901 -0.0057 -0.0218 0.0243  125 LYS A N   
603 C CA  A LYS A 76 ? 0.0865 0.1524 0.1577 -0.0141 -0.0331 0.0278  125 LYS A CA  
604 C CA  B LYS A 76 ? 0.0928 0.1309 0.1510 -0.0125 -0.0266 0.0269  125 LYS A CA  
605 C C   . LYS A 76 ? 0.0717 0.1076 0.1201 -0.0122 -0.0361 0.0385  125 LYS A C   
606 O O   . LYS A 76 ? 0.0933 0.1218 0.1434 0.0102  -0.0503 0.0200  125 LYS A O   
607 C CB  A LYS A 76 ? 0.0998 0.1677 0.1640 -0.0141 -0.0440 0.0278  125 LYS A CB  
608 C CB  B LYS A 76 ? 0.1009 0.1315 0.1517 -0.0148 -0.0278 0.0250  125 LYS A CB  
609 C CG  A LYS A 76 ? 0.1143 0.1891 0.1811 -0.0077 -0.0614 0.0204  125 LYS A CG  
610 C CG  B LYS A 76 ? 0.1032 0.0798 0.1436 -0.0095 -0.0276 0.0268  125 LYS A CG  
611 C CD  A LYS A 76 ? 0.1586 0.1887 0.1903 -0.0072 -0.0511 0.0267  125 LYS A CD  
612 C CD  B LYS A 76 ? 0.0979 0.0758 0.1697 -0.0290 -0.0063 0.0174  125 LYS A CD  
613 C CE  A LYS A 76 ? 0.1741 0.2085 0.2040 -0.0020 -0.0580 0.0103  125 LYS A CE  
614 C CE  B LYS A 76 ? 0.0922 0.0746 0.1444 -0.0242 -0.0066 0.0233  125 LYS A CE  
615 N NZ  A LYS A 76 ? 0.1536 0.1724 0.1998 0.0021  -0.0183 0.0327  125 LYS A NZ  
616 N NZ  B LYS A 76 ? 0.0946 0.0972 0.1109 -0.0082 -0.0245 0.0271  125 LYS A NZ  
617 N N   . LEU A 77 ? 0.0591 0.0805 0.1083 -0.0269 -0.0265 0.0416  126 LEU A N   
618 C CA  . LEU A 77 ? 0.0691 0.0602 0.1065 -0.0329 -0.0201 0.0422  126 LEU A CA  
619 C C   . LEU A 77 ? 0.0673 0.0605 0.1013 -0.0275 -0.0265 0.0336  126 LEU A C   
620 O O   . LEU A 77 ? 0.1185 0.0691 0.1008 -0.0356 -0.0227 0.0366  126 LEU A O   
621 C CB  . LEU A 77 ? 0.0691 0.0650 0.1059 -0.0204 -0.0176 0.0441  126 LEU A CB  
622 C CG  . LEU A 77 ? 0.0875 0.0883 0.1053 -0.0041 -0.0176 0.0430  126 LEU A CG  
623 C CD1 . LEU A 77 ? 0.1179 0.0833 0.1213 -0.0140 -0.0292 0.0572  126 LEU A CD1 
624 C CD2 . LEU A 77 ? 0.2490 0.1019 0.1357 0.0271  -0.0585 0.0308  126 LEU A CD2 
625 N N   . LEU A 78 ? 0.0615 0.0559 0.1024 -0.0249 -0.0220 0.0378  127 LEU A N   
626 C CA  . LEU A 78 ? 0.0598 0.0608 0.0975 -0.0280 -0.0265 0.0473  127 LEU A CA  
627 C C   . LEU A 78 ? 0.0604 0.0595 0.1030 -0.0312 -0.0303 0.0426  127 LEU A C   
628 O O   . LEU A 78 ? 0.0701 0.0654 0.1063 -0.0367 -0.0232 0.0316  127 LEU A O   
629 C CB  . LEU A 78 ? 0.0693 0.0694 0.1257 -0.0212 -0.0272 0.0482  127 LEU A CB  
630 C CG  . LEU A 78 ? 0.1098 0.0825 0.1201 -0.0304 -0.0269 0.0439  127 LEU A CG  
631 C CD1 . LEU A 78 ? 0.1360 0.1164 0.1184 -0.0227 -0.0362 0.0507  127 LEU A CD1 
632 C CD2 . LEU A 78 ? 0.1472 0.0826 0.1623 -0.0033 -0.0336 0.0561  127 LEU A CD2 
633 N N   . VAL A 79 ? 0.0652 0.0563 0.0934 -0.0236 -0.0260 0.0448  128 VAL A N   
634 C CA  . VAL A 79 ? 0.0667 0.0583 0.0928 -0.0262 -0.0266 0.0456  128 VAL A CA  
635 C C   . VAL A 79 ? 0.0529 0.0526 0.0988 -0.0251 -0.0226 0.0361  128 VAL A C   
636 O O   . VAL A 79 ? 0.0725 0.0548 0.0928 -0.0321 -0.0254 0.0376  128 VAL A O   
637 C CB  . VAL A 79 ? 0.0815 0.0559 0.0997 -0.0240 -0.0286 0.0471  128 VAL A CB  
638 C CG1 . VAL A 79 ? 0.0722 0.0592 0.1143 -0.0162 -0.0265 0.0387  128 VAL A CG1 
639 C CG2 . VAL A 79 ? 0.0939 0.0695 0.1052 -0.0161 -0.0309 0.0550  128 VAL A CG2 
640 N N   . GLN A 80 ? 0.0648 0.0561 0.0872 -0.0298 -0.0257 0.0389  129 GLN A N   
641 C CA  . GLN A 80 ? 0.0637 0.0562 0.0824 -0.0213 -0.0252 0.0417  129 GLN A CA  
642 C C   . GLN A 80 ? 0.0554 0.0531 0.0820 -0.0262 -0.0346 0.0393  129 GLN A C   
643 O O   . GLN A 80 ? 0.0618 0.0568 0.0931 -0.0297 -0.0283 0.0413  129 GLN A O   
644 C CB  . GLN A 80 ? 0.0609 0.0630 0.0972 -0.0289 -0.0224 0.0384  129 GLN A CB  
645 C CG  . GLN A 80 ? 0.0867 0.0612 0.1072 -0.0339 -0.0158 0.0397  129 GLN A CG  
646 C CD  . GLN A 80 ? 0.0945 0.0684 0.1089 -0.0203 -0.0053 0.0466  129 GLN A CD  
647 O OE1 . GLN A 80 ? 0.0901 0.0828 0.1221 -0.0061 -0.0171 0.0387  129 GLN A OE1 
648 N NE2 . GLN A 80 ? 0.1281 0.0987 0.1103 0.0158  -0.0017 0.0374  129 GLN A NE2 
649 N N   . PRO A 81 ? 0.0591 0.0435 0.0976 -0.0237 -0.0294 0.0292  130 PRO A N   
650 C CA  . PRO A 81 ? 0.0549 0.0527 0.0867 -0.0215 -0.0282 0.0405  130 PRO A CA  
651 C C   . PRO A 81 ? 0.0516 0.0553 0.0904 -0.0255 -0.0256 0.0394  130 PRO A C   
652 O O   . PRO A 81 ? 0.0502 0.0564 0.1072 -0.0274 -0.0244 0.0337  130 PRO A O   
653 C CB  . PRO A 81 ? 0.0608 0.0698 0.0920 -0.0338 -0.0225 0.0469  130 PRO A CB  
654 C CG  . PRO A 81 ? 0.0875 0.0477 0.1079 -0.0340 -0.0210 0.0283  130 PRO A CG  
655 C CD  . PRO A 81 ? 0.0606 0.0572 0.0950 -0.0313 -0.0349 0.0429  130 PRO A CD  
656 N N   . VAL A 82 ? 0.0523 0.0523 0.0895 -0.0256 -0.0239 0.0336  131 VAL A N   
657 C CA  . VAL A 82 ? 0.0602 0.0522 0.0904 -0.0179 -0.0149 0.0399  131 VAL A CA  
658 C C   . VAL A 82 ? 0.0588 0.0516 0.0932 -0.0261 -0.0170 0.0319  131 VAL A C   
659 O O   . VAL A 82 ? 0.0608 0.0577 0.0849 -0.0263 -0.0218 0.0405  131 VAL A O   
660 C CB  . VAL A 82 ? 0.0726 0.0483 0.0977 -0.0319 -0.0273 0.0280  131 VAL A CB  
661 C CG1 . VAL A 82 ? 0.1048 0.0519 0.1153 -0.0178 -0.0477 0.0295  131 VAL A CG1 
662 C CG2 . VAL A 82 ? 0.0708 0.0639 0.1009 -0.0255 -0.0385 0.0310  131 VAL A CG2 
663 N N   . PRO A 83 ? 0.0672 0.0651 0.0917 -0.0231 -0.0183 0.0341  132 PRO A N   
664 C CA  . PRO A 83 ? 0.0619 0.0702 0.1098 -0.0164 -0.0246 0.0351  132 PRO A CA  
665 C C   . PRO A 83 ? 0.0752 0.0729 0.1032 -0.0096 -0.0247 0.0344  132 PRO A C   
666 O O   . PRO A 83 ? 0.1082 0.0732 0.1052 -0.0141 -0.0293 0.0301  132 PRO A O   
667 C CB  . PRO A 83 ? 0.0806 0.0869 0.1217 -0.0180 -0.0153 0.0395  132 PRO A CB  
668 C CG  . PRO A 83 ? 0.0657 0.1179 0.1361 -0.0075 -0.0129 0.0426  132 PRO A CG  
669 C CD  . PRO A 83 ? 0.0665 0.0898 0.1144 -0.0178 -0.0071 0.0443  132 PRO A CD  
670 N N   . VAL A 84 ? 0.0995 0.0571 0.1126 -0.0113 -0.0168 0.0336  133 VAL A N   
671 C CA  A VAL A 84 ? 0.1313 0.0617 0.1257 -0.0097 -0.0128 0.0400  133 VAL A CA  
672 C CA  B VAL A 84 ? 0.1271 0.0744 0.1204 -0.0030 -0.0104 0.0302  133 VAL A CA  
673 C C   . VAL A 84 ? 0.1696 0.0827 0.1377 0.0096  -0.0050 0.0313  133 VAL A C   
674 O O   . VAL A 84 ? 0.1551 0.1051 0.1388 0.0301  -0.0090 0.0519  133 VAL A O   
675 C CB  A VAL A 84 ? 0.1499 0.0583 0.1311 -0.0266 -0.0133 0.0343  133 VAL A CB  
676 C CB  B VAL A 84 ? 0.1301 0.0699 0.1142 -0.0099 -0.0087 0.0247  133 VAL A CB  
677 C CG1 A VAL A 84 ? 0.1431 0.1029 0.1405 -0.0199 -0.0046 0.0382  133 VAL A CG1 
678 C CG1 B VAL A 84 ? 0.1157 0.0786 0.1166 -0.0091 -0.0119 0.0212  133 VAL A CG1 
679 C CG2 A VAL A 84 ? 0.0964 0.0877 0.1245 -0.0419 -0.0146 0.0258  133 VAL A CG2 
680 C CG2 B VAL A 84 ? 0.1004 0.0972 0.1023 -0.0183 -0.0072 0.0113  133 VAL A CG2 
681 N N   . SER A 85 ? 0.1907 0.0792 0.1283 0.0312  -0.0123 0.0380  134 SER A N   
682 C CA  . SER A 85 ? 0.2031 0.1012 0.1521 0.0279  -0.0082 0.0348  134 SER A CA  
683 C C   . SER A 85 ? 0.1904 0.0950 0.1426 0.0259  -0.0097 0.0403  134 SER A C   
684 O O   . SER A 85 ? 0.2315 0.1436 0.1749 0.0098  -0.0009 0.0291  134 SER A O   
685 C CB  . SER A 85 ? 0.1968 0.1094 0.1544 0.0335  -0.0119 0.0273  134 SER A CB  
686 O OG  . SER A 85 ? 0.1978 0.1364 0.1935 0.0106  -0.0147 0.0229  134 SER A OG  
687 O OXT . SER A 85 ? 0.2122 0.1411 0.1726 0.0220  -0.0101 0.0419  134 SER A OXT 
688 C C1  . IPA B .  ? 0.2100 0.2435 0.2211 -0.0296 -0.0260 0.0015  1   IPA A C1  
689 C C2  . IPA B .  ? 0.1650 0.1374 0.1559 -0.0503 -0.0055 0.0311  1   IPA A C2  
690 C C3  . IPA B .  ? 0.2414 0.2091 0.2309 -0.0169 -0.0168 0.0360  1   IPA A C3  
691 O O2  . IPA B .  ? 0.2790 0.2574 0.2622 -0.0317 0.0313  0.0337  1   IPA A O2  
692 O O   . HOH C .  ? 0.0654 0.0683 0.1635 -0.0325 -0.0167 0.0355  2   HOH A O   
693 O O   . HOH C .  ? 0.0961 0.1284 0.1799 -0.0410 -0.0109 0.0197  3   HOH A O   
694 O O   . HOH C .  ? 0.0787 0.1204 0.1161 -0.0094 -0.0161 0.0602  4   HOH A O   
695 O O   . HOH C .  ? 0.0689 0.0539 0.1172 -0.0241 -0.0169 0.0387  5   HOH A O   
696 O O   . HOH C .  ? 0.1573 0.0799 0.1442 -0.0053 -0.0131 0.0656  6   HOH A O   
697 O O   . HOH C .  ? 0.1295 0.1174 0.1978 -0.0977 0.0217  -0.0229 7   HOH A O   
698 O O   . HOH C .  ? 0.1139 0.0825 0.1153 -0.0063 -0.0099 0.0385  8   HOH A O   
699 O O   . HOH C .  ? 0.1476 0.1182 0.1665 -0.0149 0.0327  0.0570  9   HOH A O   
700 O O   . HOH C .  ? 0.1223 0.1063 0.1376 -0.0420 -0.0130 0.0173  10  HOH A O   
701 O O   . HOH C .  ? 0.1495 0.1764 0.1336 -0.0586 -0.0168 0.0203  11  HOH A O   
702 O O   . HOH C .  ? 0.0878 0.0974 0.1854 -0.0158 -0.0286 0.0207  12  HOH A O   
703 O O   . HOH C .  ? 0.1070 0.2036 0.2024 -0.0678 -0.0512 0.0342  13  HOH A O   
704 O O   . HOH C .  ? 0.2495 0.2059 0.3176 -0.0940 -0.0118 -0.0556 14  HOH A O   
705 O O   . HOH C .  ? 0.2882 0.0734 0.1540 -0.0803 0.0164  0.0248  15  HOH A O   
706 O O   . HOH C .  ? 0.1722 0.2084 0.2064 -0.0491 0.0014  0.0789  16  HOH A O   
707 O O   . HOH C .  ? 0.2824 0.0940 0.1674 -0.0578 -0.0018 0.0267  17  HOH A O   
708 O O   . HOH C .  ? 0.1228 0.2880 0.1949 -0.0884 0.0314  -0.0143 18  HOH A O   
709 O O   . HOH C .  ? 0.2516 0.1235 0.2038 -0.0735 0.0316  0.0225  19  HOH A O   
710 O O   . HOH C .  ? 0.3007 0.1902 0.2620 -0.1470 0.0657  0.0329  20  HOH A O   
711 O O   . HOH C .  ? 0.1173 0.1311 0.1652 -0.0323 -0.0395 0.0616  21  HOH A O   
712 O O   . HOH C .  ? 0.1106 0.1412 0.2715 -0.0238 -0.0426 0.0848  22  HOH A O   
713 O O   . HOH C .  ? 0.3199 0.3665 0.2746 -0.0526 0.0134  -0.0165 23  HOH A O   
714 O O   . HOH C .  ? 0.2074 0.0988 0.2390 -0.0712 -0.0108 0.0481  24  HOH A O   
715 O O   . HOH C .  ? 0.2706 0.2919 0.2828 0.0125  0.0024  0.0635  25  HOH A O   
716 O O   . HOH C .  ? 0.2349 0.2070 0.2431 0.0382  -0.0571 0.0387  26  HOH A O   
717 O O   . HOH C .  ? 0.2832 0.2402 0.3071 -0.0969 0.0687  -0.0035 27  HOH A O   
718 O O   A HOH C .  ? 0.1357 0.1943 0.1752 -0.0056 -0.0270 -0.0226 28  HOH A O   
719 O O   B HOH C .  ? 0.2256 0.2359 0.2284 -0.0246 -0.0161 -0.0002 28  HOH A O   
720 O O   . HOH C .  ? 0.2816 0.1800 0.2640 -0.0289 0.0557  0.0350  29  HOH A O   
721 O O   . HOH C .  ? 0.2884 0.2549 0.2577 0.0056  -0.0206 0.0095  30  HOH A O   
722 O O   . HOH C .  ? 0.2463 0.1632 0.2909 -0.0939 0.0110  -0.0038 31  HOH A O   
723 O O   . HOH C .  ? 0.1360 0.2404 0.2129 0.0304  -0.0790 -0.0046 32  HOH A O   
724 O O   . HOH C .  ? 0.3381 0.2386 0.2163 -0.0481 0.0380  0.0342  33  HOH A O   
725 O O   . HOH C .  ? 0.2165 0.2702 0.3255 -0.0489 0.0260  -0.0544 34  HOH A O   
726 O O   . HOH C .  ? 0.1664 0.2716 0.2416 -0.1018 -0.0264 -0.0003 35  HOH A O   
727 O O   . HOH C .  ? 0.2669 0.2682 0.3701 0.0346  -0.0048 0.0038  36  HOH A O   
728 O O   . HOH C .  ? 0.2856 0.1235 0.2397 -0.0189 -0.0129 -0.0014 37  HOH A O   
729 O O   . HOH C .  ? 0.3525 0.1380 0.2546 -0.0135 0.0021  -0.0169 38  HOH A O   
730 O O   . HOH C .  ? 0.2650 0.1674 0.2684 -0.0504 0.0394  0.0335  39  HOH A O   
731 O O   . HOH C .  ? 0.2829 0.3066 0.3393 0.0314  -0.0452 -0.0236 40  HOH A O   
732 O O   . HOH C .  ? 0.2237 0.1647 0.2357 -0.0058 -0.0288 0.0507  41  HOH A O   
733 O O   . HOH C .  ? 0.2755 0.2774 0.3243 -0.0573 0.0292  -0.0162 42  HOH A O   
734 O O   . HOH C .  ? 0.1356 0.2728 0.3108 -0.0299 0.0064  -0.0433 43  HOH A O   
735 O O   . HOH C .  ? 0.2720 0.2087 0.2660 -0.0214 0.0266  0.0154  44  HOH A O   
736 O O   . HOH C .  ? 0.2902 0.1513 0.2454 0.0181  -0.0845 0.0714  45  HOH A O   
737 O O   . HOH C .  ? 0.3725 0.3540 0.3859 0.0018  -0.0142 -0.0126 46  HOH A O   
738 O O   . HOH C .  ? 0.2205 0.1920 0.2268 -0.0421 0.0249  0.0380  47  HOH A O   
739 O O   . HOH C .  ? 0.2735 0.2810 0.3199 -0.0430 -0.0254 -0.0028 48  HOH A O   
740 O O   . HOH C .  ? 0.2549 0.2357 0.3268 0.0557  -0.0448 0.0497  49  HOH A O   
741 O O   . HOH C .  ? 0.1358 0.1078 0.1380 -0.0056 -0.0313 0.0299  135 HOH A O   
742 O O   . HOH C .  ? 0.3289 0.2793 0.3257 -0.0108 -0.0014 0.0307  136 HOH A O   
743 O O   . HOH C .  ? 0.2998 0.3206 0.3543 0.0280  -0.0562 0.0545  137 HOH A O   
744 O O   . HOH C .  ? 0.2692 0.2822 0.3738 -0.0653 0.0141  0.0053  138 HOH A O   
745 O O   . HOH C .  ? 0.3418 0.2270 0.3112 -0.0701 -0.0106 0.0240  139 HOH A O   
746 O O   . HOH C .  ? 0.4019 0.4067 0.3932 -0.0032 0.0114  -0.0233 140 HOH A O   
747 O O   . HOH C .  ? 0.1864 0.2453 0.2933 0.0105  -0.0383 0.0865  141 HOH A O   
748 O O   . HOH C .  ? 0.2697 0.3356 0.3822 -0.0310 -0.0521 -0.0231 142 HOH A O   
749 O O   . HOH C .  ? 0.4229 0.4388 0.3939 -0.0018 0.0072  -0.0080 143 HOH A O   
750 O O   . HOH C .  ? 0.2201 0.2185 0.2985 0.0076  -0.0752 0.0440  144 HOH A O   
751 O O   . HOH C .  ? 0.3064 0.2253 0.2630 -0.0101 -0.0001 -0.0102 145 HOH A O   
752 O O   . HOH C .  ? 0.4570 0.4649 0.4710 -0.0100 -0.0013 -0.0064 146 HOH A O   
753 O O   . HOH C .  ? 0.5894 0.5954 0.5911 0.0038  -0.0038 0.0032  147 HOH A O   
754 O O   . HOH C .  ? 0.4511 0.4147 0.4493 0.0047  -0.0045 0.0079  148 HOH A O   
755 O O   . HOH C .  ? 0.3275 0.2929 0.3532 -0.0366 -0.0009 0.0284  149 HOH A O   
756 O O   . HOH C .  ? 0.3375 0.3622 0.3763 0.0069  0.0045  -0.0093 150 HOH A O   
757 O O   . HOH C .  ? 0.4198 0.4045 0.4287 0.0028  -0.0029 0.0091  151 HOH A O   
758 O O   . HOH C .  ? 0.2874 0.3230 0.3079 -0.0273 -0.0299 0.0069  152 HOH A O   
759 O O   . HOH C .  ? 0.2685 0.2734 0.3050 -0.0141 -0.0244 -0.0013 153 HOH A O   
760 O O   . HOH C .  ? 0.5374 0.5370 0.5465 0.0051  0.0043  0.0055  154 HOH A O   
761 O O   . HOH C .  ? 0.2491 0.2746 0.3297 -0.0272 -0.0221 0.0129  155 HOH A O   
762 O O   . HOH C .  ? 0.3434 0.3247 0.3477 -0.0025 0.0185  0.0165  156 HOH A O   
763 O O   . HOH C .  ? 0.3977 0.4096 0.4135 0.0209  0.0064  -0.0168 157 HOH A O   
764 O O   . HOH C .  ? 0.2054 0.1781 0.2912 -0.0333 0.0130  0.0139  158 HOH A O   
765 O O   . HOH C .  ? 0.4982 0.4846 0.4994 0.0064  -0.0059 0.0115  159 HOH A O   
766 O O   . HOH C .  ? 0.2041 0.1765 0.2031 -0.0833 -0.0120 0.0103  160 HOH A O   
767 O O   . HOH C .  ? 0.2035 0.2438 0.3077 0.0053  0.0307  0.0456  161 HOH A O   
768 O O   . HOH C .  ? 0.1096 0.1886 0.3443 -0.0222 -0.0188 0.0240  162 HOH A O   
769 O O   . HOH C .  ? 0.4283 0.4221 0.4139 -0.0265 0.0204  -0.0006 163 HOH A O   
770 O O   . HOH C .  ? 0.2892 0.2020 0.2421 0.0068  -0.0454 0.0227  164 HOH A O   
771 O O   . HOH C .  ? 0.4465 0.4450 0.4130 0.0157  0.0041  -0.0003 165 HOH A O   
772 O O   . HOH C .  ? 0.3607 0.3191 0.3690 -0.0478 -0.0170 0.0022  166 HOH A O   
773 O O   . HOH C .  ? 0.3717 0.3561 0.3693 0.0011  0.0042  0.0107  167 HOH A O   
774 O O   . HOH C .  ? 0.4377 0.4118 0.4306 -0.0054 0.0060  0.0008  168 HOH A O   
775 O O   . HOH C .  ? 0.2534 0.2455 0.2988 0.0354  0.0264  0.0050  169 HOH A O   
776 O O   . HOH C .  ? 0.3294 0.3350 0.3180 0.0320  -0.0136 0.0164  170 HOH A O   
777 O O   . HOH C .  ? 0.4288 0.4324 0.4546 -0.0124 -0.0149 0.0037  171 HOH A O   
778 O O   . HOH C .  ? 0.4210 0.4176 0.4076 -0.0036 -0.0023 -0.0144 172 HOH A O   
779 O O   . HOH C .  ? 0.0553 0.0689 0.1064 -0.0307 -0.0264 0.0386  173 HOH A O   
780 O O   . HOH C .  ? 0.4063 0.3762 0.3738 -0.0033 0.0165  -0.0033 174 HOH A O   
781 O O   . HOH C .  ? 0.2658 0.2897 0.2741 0.0085  -0.0101 -0.0142 175 HOH A O   
782 O O   . HOH C .  ? 0.3348 0.3261 0.3335 -0.0288 0.0061  -0.0013 176 HOH A O   
783 O O   . HOH C .  ? 0.2841 0.2701 0.2944 -0.0331 -0.0204 0.0551  177 HOH A O   
784 O O   . HOH C .  ? 0.3936 0.3773 0.3812 -0.0199 -0.0085 0.0111  178 HOH A O   
785 O O   . HOH C .  ? 0.4778 0.4652 0.4895 0.0009  -0.0058 0.0068  179 HOH A O   
786 O O   . HOH C .  ? 0.3757 0.3495 0.3758 -0.0174 -0.0212 0.0211  180 HOH A O   
787 O O   . HOH C .  ? 0.4349 0.4590 0.4277 -0.0001 -0.0177 -0.0130 181 HOH A O   
788 O O   . HOH C .  ? 0.3273 0.3534 0.3609 -0.0107 -0.0212 0.0348  182 HOH A O   
789 O O   . HOH C .  ? 0.3101 0.3493 0.3501 -0.0097 -0.0145 0.0000  183 HOH A O   
790 O O   . HOH C .  ? 0.4373 0.4377 0.4065 0.0027  -0.0023 0.0031  184 HOH A O   
791 O O   . HOH C .  ? 0.5085 0.4918 0.4988 -0.0059 0.0084  0.0076  185 HOH A O   
792 O O   . HOH C .  ? 0.5487 0.5462 0.5616 0.0023  0.0012  0.0035  186 HOH A O   
793 O O   . HOH C .  ? 0.4611 0.4574 0.4499 -0.0073 0.0014  0.0028  187 HOH A O   
794 O O   . HOH C .  ? 0.4304 0.4454 0.4367 -0.0069 0.0124  -0.0016 188 HOH A O   
795 O O   . HOH C .  ? 0.5352 0.5274 0.5373 0.0058  0.0044  -0.0018 189 HOH A O   
796 O O   . HOH C .  ? 0.2207 0.1876 0.3027 -0.0264 -0.0105 -0.0397 190 HOH A O   
797 O O   . HOH C .  ? 0.4497 0.4218 0.4274 -0.0185 0.0092  0.0071  191 HOH A O   
798 O O   . HOH C .  ? 0.4674 0.4617 0.4656 0.0023  -0.0016 -0.0047 192 HOH A O   
799 O O   . HOH C .  ? 0.4621 0.4712 0.4790 -0.0020 -0.0019 -0.0083 193 HOH A O   
800 O O   . HOH C .  ? 0.5196 0.5393 0.5387 -0.0033 -0.0042 0.0097  194 HOH A O   
801 O O   . HOH C .  ? 0.3489 0.3346 0.3763 -0.0059 0.0184  0.0074  195 HOH A O   
802 O O   . HOH C .  ? 0.4341 0.3825 0.4005 -0.0127 0.0009  0.0184  196 HOH A O   
803 O O   . HOH C .  ? 0.2356 0.2623 0.2770 -0.0442 -0.0213 0.0435  197 HOH A O   
804 O O   A HOH C .  ? 0.0461 0.1395 0.1080 -0.0153 -0.0188 0.0446  198 HOH A O   
805 O O   B HOH C .  ? 0.1960 0.1570 0.1927 0.0370  0.0023  0.0751  198 HOH A O   
806 O O   . HOH C .  ? 0.4960 0.4831 0.5026 -0.0149 -0.0006 -0.0047 199 HOH A O   
807 O O   . HOH C .  ? 0.4505 0.4529 0.4444 0.0070  0.0122  -0.0001 200 HOH A O   
808 O O   . HOH C .  ? 0.2851 0.2739 0.2687 -0.0570 -0.0256 0.0245  201 HOH A O   
# 
